data_8QH3
#
_entry.id   8QH3
#
_cell.length_a   1.00
_cell.length_b   1.00
_cell.length_c   1.00
_cell.angle_alpha   90.00
_cell.angle_beta   90.00
_cell.angle_gamma   90.00
#
_symmetry.space_group_name_H-M   'P 1'
#
loop_
_entity.id
_entity.type
_entity.pdbx_description
1 polymer 'RNA-directed RNA polymerase L'
2 polymer "RNA (5'-R(P*AP*GP*UP*AP*GP*UP*AP*GP*AP*CP*A)-3')"
3 non-polymer 'MAGNESIUM ION'
#
loop_
_entity_poly.entity_id
_entity_poly.type
_entity_poly.pdbx_seq_one_letter_code
_entity_poly.pdbx_strand_id
1 'polypeptide(L)'
;MGHHHHHHDYDIPTTENLYFQGMDKYREIHNKLKEFSPGTLTAVECIDYLDRLYAVRHDIVDQMIKHDWSDNKDSEEAIG
KVLLFAGVPSNIITALEKKIIPNHPTGKSLKAFFKMTPDNYKISGTTIEFVEVTVTADVDKGIREKKLKYEAGLTYIEQE
LHKFFLKGEIPQPYKITFNVVAVRTDGSNITTQWPSRRNDGVVQYMRLVQAEISYVREHLIKTEERAALEAMFNLKFNIS
THKSQPYYIPDYKGMEPIGANIEDLVDYSKDWLSRARNFSFFEVKGTAVFECFNSNEANHCQRYPMSRKPRNFLLIQCSL
ITSYKPATTLSDQIDSRRACSYILNLIPDTPASYLIHDMAYRYINLTREDMINYYAPRIQFKQTQNVREPGTFKLTSSML
RAESKAMLDLLNNHKSGEKHGAQIESLNIASHIVQSESVSLITKILSDLELNITEPSTQEYSTTKHTYVDTVLDKFFQNE
TQKYLIDVLKKTTAWHIGHLIRDITESLIAHSGLKRSKYWSLHSYNNGNVILFILPSKSLEVAGSFIRFITVFRIGPGLV
DKDNLDTILIDGDSQWGVSKVMSIDLNRLLALNIAFEKALIATATWFQYYTEDQGQFPLQYAIRSVFANHFLLAICQKMK
LCAIFDNLRYLIPAVTSLYSGFPSLIEKLFERPFKSSLEVYIYYNIKSLLVALAQNNKARFYSKVKLLGLTVDQSTVGAS
GVYPSFMSRIVYKHYRSLISEVTTCFFLFEKGLHGNMNEEAKIHLETVEWALKFREKEEKYGESLVENGYMMWELRANAE
LAEQQLYCQDAIELAAIELNKVLATKSSVVANSILSKNWEEPYFSQTRNISLKGMSGQVQEDGHLSSSVTIIEAIRYLSN
SRHNPSLLKLYEETREQKAMARIVRKYQRTEADRGFFITTLPTRCRLEIIEDYYDAIAKNISEEYISYGGEKKILAIQGA
LEKALRWASGESFIELSNHKFIRMKRKLMYVSADATKWSPGDNSAKFRRFTSMLHNGLPNNKLKNCVIDALKQVYKTDFF
MSRKLRNYIDSMESLDPHIKQFLDFFPDGHHGEVKGNWLQGNLNKCSSLFGVAMSLLFKQVWTNLFPELDCFFEFAHHSD
DALFIYGYLEPVDDGTDWFLFVSQQIQAGHLHWFSVNTEMWKSMFNLHEHILLLGSIKISPKKTTVSPTNAEFLSTFFEG
CAVSIPFVKILLGSLSDLPGLGYFDDLAAAQSRCVKALDLGASPQVAQLAVALCTSKVERLYGTAPGMVNHPAAYLQVKH
TDTPIPLGGNGAMSIMELATAGIGMSDKNLLKRALLGYSHKRQKSMLYILGLFKFLMKLSDETFQHERLGQFSFIGKVQW
KIFTPKSEFEFADMYTSKFLELWSSQHVTYDYIIPKGRDNLLIYLVRKLNDPSIVTAMTMQSPLQLRFRMQAKQHMKVCR
LDGEWVTFREVLAAANSFAENYSATSQDMDLFQTLTSCTFSKEYAWKDFLNGIHCDVIPTKQVQRAKVARTFTVREKDQI
IQNSIPAVIGYKFAVTVEEMSDVLDTAKFPDSLSVDLKTMKDGVYRELGLDISLPDVMKRIAPMLYKSSKSRVVIVQGNV
EGTAEAICRYWLKSMSLVKTIRVKPHKEVLQAVSIFNRKEDIGQQKDLAALKLCIEVWRWCKANSAPYRDWFQALWFEDK
TFSEWLDRFCRVGVPPIDPEIQCAALMIADIKGDYSVLQLQANRRAYSGKQYDAYCVQTYNEVTKLYEGDLRVTFNFGLD
CARLEIFWDKKAYILETSITQKHVLKIMMDEVSKELIKCGMRFNTEQVQGVRHMVLFKTESGFEWGKPNIPCIVYKNCVL
RTSLRTTQAINHKFMITIKDDGLRAIAQHDEDSPRFLLAHAFHTIRDIRYQAVDAVSNVWFIHKGVKLYLNPIISSGLLE
NFMKNLPAAIPPAAYSLIMNRAKISVDLFMFNDLLKLINPRNTLDLSGLETTGDEFSTVSSMSSRLWSEEMSLVDDDEEL
DDEFTIDLQDVDFENIDIEADIEHFLQDESSYTGDLLISTEETESKKMRGIVKILEPVRLIKSWVSRGLSIEKVYSPVNI
ILMSRYISKTFNLSTKQVSLLDPYDLTELESIVRGWGECVIDQFESLDREAQNMVVNKGICPEDVIPDSLFSFRHTMVLL
RRLFPQDSISSFY
;
A
2 'polyribonucleotide' UAGUAGUAGACACCGCAAGAUGUUA C
#
loop_
_chem_comp.id
_chem_comp.type
_chem_comp.name
_chem_comp.formula
A RNA linking ADENOSINE-5'-MONOPHOSPHATE 'C10 H14 N5 O7 P'
C RNA linking CYTIDINE-5'-MONOPHOSPHATE 'C9 H14 N3 O8 P'
G RNA linking GUANOSINE-5'-MONOPHOSPHATE 'C10 H14 N5 O8 P'
MG non-polymer 'MAGNESIUM ION' 'Mg 2'
U RNA linking URIDINE-5'-MONOPHOSPHATE 'C9 H13 N2 O9 P'
#
# COMPACT_ATOMS: atom_id res chain seq x y z
N TYR A 248 -23.39 25.17 -21.01
CA TYR A 248 -23.36 25.57 -22.41
C TYR A 248 -21.93 25.87 -22.86
N ILE A 249 -20.96 25.43 -22.06
CA ILE A 249 -19.54 25.63 -22.33
C ILE A 249 -19.27 27.12 -22.59
N PRO A 250 -19.29 27.97 -21.57
CA PRO A 250 -19.14 29.41 -21.80
C PRO A 250 -17.83 29.73 -22.49
N ASP A 251 -17.86 30.73 -23.38
CA ASP A 251 -16.69 31.07 -24.16
C ASP A 251 -15.63 31.71 -23.28
N TYR A 252 -14.40 31.20 -23.38
CA TYR A 252 -13.27 31.72 -22.64
C TYR A 252 -12.20 32.17 -23.62
N LYS A 253 -11.25 32.96 -23.12
CA LYS A 253 -10.18 33.47 -23.96
C LYS A 253 -9.26 32.32 -24.38
N GLY A 254 -8.98 32.26 -25.69
CA GLY A 254 -8.03 31.31 -26.22
C GLY A 254 -6.65 31.91 -26.35
N MET A 255 -5.70 31.08 -26.74
CA MET A 255 -4.31 31.49 -26.90
C MET A 255 -3.85 31.19 -28.33
N GLU A 256 -3.28 32.20 -28.98
CA GLU A 256 -2.84 32.11 -30.37
C GLU A 256 -1.50 31.36 -30.45
N PRO A 257 -1.28 30.62 -31.54
CA PRO A 257 0.02 29.96 -31.71
C PRO A 257 1.13 30.97 -31.94
N ILE A 258 2.35 30.56 -31.60
CA ILE A 258 3.54 31.39 -31.79
C ILE A 258 4.41 30.92 -32.93
N GLY A 259 3.99 29.90 -33.67
CA GLY A 259 4.69 29.46 -34.86
C GLY A 259 6.10 28.93 -34.63
N ALA A 260 6.24 28.03 -33.65
CA ALA A 260 7.55 27.44 -33.38
C ALA A 260 8.03 26.62 -34.57
N ASN A 261 9.34 26.64 -34.79
CA ASN A 261 9.98 25.95 -35.90
C ASN A 261 10.87 24.85 -35.35
N ILE A 262 10.65 23.62 -35.84
CA ILE A 262 11.51 22.50 -35.44
C ILE A 262 12.94 22.68 -35.94
N GLU A 263 13.14 23.47 -36.99
CA GLU A 263 14.49 23.71 -37.50
C GLU A 263 15.35 24.44 -36.47
N ASP A 264 14.76 25.40 -35.75
CA ASP A 264 15.51 26.10 -34.72
C ASP A 264 16.00 25.15 -33.64
N LEU A 265 15.13 24.25 -33.17
CA LEU A 265 15.53 23.30 -32.14
C LEU A 265 16.54 22.30 -32.68
N VAL A 266 16.40 21.92 -33.95
CA VAL A 266 17.36 20.97 -34.55
C VAL A 266 18.73 21.60 -34.65
N ASP A 267 18.82 22.86 -35.08
CA ASP A 267 20.11 23.53 -35.15
C ASP A 267 20.69 23.78 -33.76
N TYR A 268 19.82 24.08 -32.79
CA TYR A 268 20.28 24.23 -31.41
C TYR A 268 20.89 22.92 -30.90
N SER A 269 20.25 21.79 -31.19
CA SER A 269 20.80 20.51 -30.80
C SER A 269 22.07 20.17 -31.57
N LYS A 270 22.16 20.59 -32.83
CA LYS A 270 23.39 20.46 -33.60
C LYS A 270 24.54 21.14 -32.88
N ASP A 271 24.34 22.40 -32.48
CA ASP A 271 25.39 23.12 -31.76
C ASP A 271 25.66 22.50 -30.39
N TRP A 272 24.61 22.08 -29.70
CA TRP A 272 24.74 21.59 -28.32
C TRP A 272 25.52 20.28 -28.26
N LEU A 273 25.48 19.48 -29.33
CA LEU A 273 26.17 18.19 -29.35
C LEU A 273 27.58 18.28 -29.92
N SER A 274 28.02 19.46 -30.37
CA SER A 274 29.36 19.60 -30.91
C SER A 274 30.43 19.73 -29.83
N ARG A 275 30.03 20.02 -28.59
CA ARG A 275 30.96 20.10 -27.47
C ARG A 275 30.83 18.84 -26.62
N ALA A 276 31.91 18.55 -25.89
CA ALA A 276 31.88 17.42 -24.95
C ALA A 276 30.93 17.73 -23.81
N ARG A 277 30.07 16.75 -23.49
CA ARG A 277 29.07 16.91 -22.46
C ARG A 277 29.36 15.96 -21.31
N ASN A 278 29.24 16.47 -20.08
CA ASN A 278 29.52 15.68 -18.90
C ASN A 278 28.32 14.76 -18.61
N PHE A 279 28.57 13.45 -18.62
CA PHE A 279 27.53 12.49 -18.28
C PHE A 279 27.14 12.66 -16.82
N SER A 280 25.84 12.55 -16.54
CA SER A 280 25.33 12.81 -15.21
C SER A 280 25.56 11.66 -14.23
N PHE A 281 26.04 10.52 -14.71
CA PHE A 281 26.26 9.35 -13.88
C PHE A 281 27.74 8.97 -13.88
N PHE A 282 28.09 8.09 -12.96
CA PHE A 282 29.46 7.62 -12.79
C PHE A 282 29.51 6.12 -13.02
N GLU A 283 30.62 5.67 -13.61
CA GLU A 283 30.80 4.25 -13.85
C GLU A 283 30.91 3.49 -12.54
N VAL A 284 30.34 2.30 -12.49
CA VAL A 284 30.29 1.51 -11.28
C VAL A 284 31.52 0.59 -11.26
N LYS A 285 32.45 0.85 -10.35
CA LYS A 285 33.63 0.03 -10.15
C LYS A 285 33.83 -0.21 -8.67
N GLY A 286 34.49 -1.32 -8.35
CA GLY A 286 34.74 -1.64 -6.96
C GLY A 286 35.59 -0.60 -6.26
N THR A 287 36.62 -0.10 -6.95
CA THR A 287 37.50 0.90 -6.35
C THR A 287 36.75 2.19 -6.07
N ALA A 288 35.86 2.60 -6.96
CA ALA A 288 35.13 3.85 -6.75
C ALA A 288 34.18 3.75 -5.55
N VAL A 289 33.44 2.65 -5.45
CA VAL A 289 32.54 2.46 -4.32
C VAL A 289 33.33 2.36 -3.02
N PHE A 290 34.47 1.65 -3.06
CA PHE A 290 35.30 1.53 -1.87
C PHE A 290 35.83 2.89 -1.44
N GLU A 291 36.26 3.72 -2.38
CA GLU A 291 36.74 5.06 -2.06
C GLU A 291 35.61 5.92 -1.49
N CYS A 292 34.41 5.81 -2.06
CA CYS A 292 33.28 6.55 -1.52
C CYS A 292 33.02 6.18 -0.07
N PHE A 293 32.96 4.87 0.21
CA PHE A 293 32.72 4.41 1.57
C PHE A 293 33.84 4.86 2.51
N ASN A 294 35.09 4.75 2.07
CA ASN A 294 36.21 5.12 2.93
C ASN A 294 36.19 6.62 3.25
N SER A 295 35.99 7.46 2.24
CA SER A 295 35.97 8.89 2.45
C SER A 295 34.83 9.29 3.38
N ASN A 296 33.63 8.76 3.13
CA ASN A 296 32.49 9.12 3.98
C ASN A 296 32.67 8.60 5.40
N GLU A 297 33.22 7.39 5.55
CA GLU A 297 33.46 6.83 6.87
C GLU A 297 34.46 7.66 7.65
N ALA A 298 35.53 8.11 6.98
CA ALA A 298 36.51 8.96 7.66
C ALA A 298 35.94 10.33 8.00
N ASN A 299 35.03 10.84 7.17
CA ASN A 299 34.45 12.16 7.41
C ASN A 299 33.28 12.13 8.38
N HIS A 300 32.73 10.95 8.68
CA HIS A 300 31.50 10.89 9.48
C HIS A 300 31.69 11.43 10.89
N CYS A 301 32.88 11.25 11.47
CA CYS A 301 33.09 11.60 12.88
C CYS A 301 32.93 13.09 13.14
N GLN A 302 33.08 13.94 12.14
CA GLN A 302 32.84 15.38 12.30
C GLN A 302 31.36 15.73 12.32
N ARG A 303 30.50 14.87 11.79
CA ARG A 303 29.08 15.20 11.68
C ARG A 303 28.37 15.14 13.03
N TYR A 304 28.64 14.12 13.83
CA TYR A 304 27.91 13.89 15.06
C TYR A 304 28.86 13.73 16.23
N PRO A 305 28.45 14.10 17.43
CA PRO A 305 29.31 13.96 18.61
C PRO A 305 29.61 12.51 18.95
N MET A 306 30.76 12.31 19.57
CA MET A 306 31.16 11.00 20.06
C MET A 306 30.13 10.43 21.03
N SER A 307 29.79 9.16 20.84
CA SER A 307 28.94 8.43 21.78
C SER A 307 29.65 7.16 22.19
N ARG A 308 29.62 6.86 23.49
CA ARG A 308 30.27 5.68 24.03
C ARG A 308 29.33 4.55 24.41
N LYS A 309 28.06 4.86 24.66
CA LYS A 309 27.08 3.86 25.03
C LYS A 309 26.15 3.60 23.86
N PRO A 310 26.16 2.41 23.27
CA PRO A 310 25.15 2.08 22.25
C PRO A 310 23.75 2.11 22.85
N ARG A 311 22.79 2.62 22.07
CA ARG A 311 21.43 2.78 22.56
C ARG A 311 20.63 1.51 22.33
N ASN A 312 19.44 1.47 22.94
CA ASN A 312 18.58 0.30 22.86
C ASN A 312 18.05 0.10 21.45
N PHE A 313 17.88 -1.17 21.07
CA PHE A 313 17.23 -1.52 19.81
C PHE A 313 16.13 -2.56 19.94
N LEU A 314 16.14 -3.40 20.98
CA LEU A 314 15.10 -4.38 21.19
C LEU A 314 13.93 -3.74 21.93
N LEU A 315 12.73 -3.91 21.38
CA LEU A 315 11.54 -3.30 22.00
C LEU A 315 11.11 -4.09 23.24
N ILE A 316 11.24 -5.42 23.19
CA ILE A 316 10.96 -6.28 24.33
C ILE A 316 12.15 -7.18 24.55
N GLN A 317 12.55 -7.34 25.81
CA GLN A 317 13.61 -8.25 26.20
C GLN A 317 12.99 -9.43 26.96
N CYS A 318 13.35 -10.64 26.55
CA CYS A 318 12.84 -11.85 27.18
C CYS A 318 13.74 -13.01 26.83
N SER A 319 13.41 -14.20 27.32
CA SER A 319 14.23 -15.37 27.08
C SER A 319 13.37 -16.63 27.26
N LEU A 320 13.76 -17.68 26.55
CA LEU A 320 13.12 -18.99 26.65
C LEU A 320 14.19 -20.07 26.68
N ILE A 321 13.99 -21.07 27.54
CA ILE A 321 14.92 -22.18 27.64
C ILE A 321 14.22 -23.47 27.23
N THR A 322 12.92 -23.54 27.48
CA THR A 322 12.11 -24.72 27.20
C THR A 322 11.06 -24.39 26.15
N SER A 323 10.35 -25.43 25.70
CA SER A 323 9.28 -25.25 24.74
C SER A 323 8.16 -24.42 25.36
N TYR A 324 7.47 -23.65 24.53
CA TYR A 324 6.48 -22.70 25.00
C TYR A 324 5.07 -23.23 24.77
N LYS A 325 4.23 -23.08 25.79
CA LYS A 325 2.80 -23.38 25.73
C LYS A 325 1.99 -22.09 25.85
N PRO A 326 0.95 -21.93 25.02
CA PRO A 326 0.14 -20.71 25.10
C PRO A 326 -0.50 -20.53 26.47
N ALA A 327 -0.62 -19.27 26.88
CA ALA A 327 -1.11 -18.94 28.21
C ALA A 327 -2.62 -19.07 28.29
N THR A 328 -3.10 -19.57 29.42
CA THR A 328 -4.51 -19.61 29.76
C THR A 328 -4.69 -18.93 31.12
N THR A 329 -5.94 -18.82 31.56
CA THR A 329 -6.23 -18.10 32.80
C THR A 329 -5.66 -18.82 34.01
N LEU A 330 -5.94 -20.13 34.14
CA LEU A 330 -5.42 -20.89 35.26
C LEU A 330 -3.90 -20.98 35.22
N SER A 331 -3.35 -21.22 34.02
CA SER A 331 -1.90 -21.24 33.85
C SER A 331 -1.29 -19.90 34.21
N ASP A 332 -1.92 -18.81 33.79
CA ASP A 332 -1.44 -17.48 34.17
C ASP A 332 -1.43 -17.32 35.68
N GLN A 333 -2.49 -17.78 36.35
CA GLN A 333 -2.58 -17.61 37.80
C GLN A 333 -1.46 -18.37 38.52
N ILE A 334 -1.27 -19.65 38.18
CA ILE A 334 -0.25 -20.44 38.87
C ILE A 334 1.14 -19.91 38.55
N ASP A 335 1.37 -19.55 37.28
CA ASP A 335 2.67 -19.00 36.90
C ASP A 335 2.95 -17.70 37.63
N SER A 336 1.93 -16.85 37.77
CA SER A 336 2.12 -15.59 38.47
C SER A 336 2.45 -15.81 39.94
N ARG A 337 1.76 -16.75 40.58
CA ARG A 337 2.06 -17.04 41.99
C ARG A 337 3.50 -17.53 42.14
N ARG A 338 3.91 -18.48 41.29
CA ARG A 338 5.28 -19.00 41.37
C ARG A 338 6.30 -17.92 41.08
N ALA A 339 6.02 -17.08 40.08
CA ALA A 339 6.96 -16.03 39.68
C ALA A 339 7.11 -14.98 40.77
N CYS A 340 6.01 -14.61 41.42
CA CYS A 340 6.12 -13.65 42.52
C CYS A 340 6.86 -14.25 43.70
N SER A 341 6.67 -15.54 43.96
CA SER A 341 7.46 -16.21 44.99
C SER A 341 8.96 -16.16 44.65
N TYR A 342 9.30 -16.37 43.38
CA TYR A 342 10.69 -16.27 42.95
C TYR A 342 11.21 -14.84 43.10
N ILE A 343 10.41 -13.86 42.71
CA ILE A 343 10.87 -12.48 42.64
C ILE A 343 11.09 -11.91 44.04
N LEU A 344 10.21 -12.24 44.98
CA LEU A 344 10.32 -11.66 46.32
C LEU A 344 11.55 -12.13 47.07
N ASN A 345 12.26 -13.14 46.57
CA ASN A 345 13.49 -13.61 47.19
C ASN A 345 14.73 -12.94 46.63
N LEU A 346 14.59 -12.02 45.67
CA LEU A 346 15.73 -11.33 45.08
C LEU A 346 15.99 -10.02 45.82
N ILE A 347 17.14 -9.42 45.51
CA ILE A 347 17.59 -8.19 46.15
C ILE A 347 17.56 -7.07 45.11
N PRO A 348 16.74 -6.04 45.29
CA PRO A 348 16.70 -4.95 44.32
C PRO A 348 17.77 -3.90 44.59
N ASP A 349 18.34 -3.37 43.52
CA ASP A 349 19.30 -2.27 43.66
C ASP A 349 18.96 -1.07 42.79
N THR A 350 18.45 -1.28 41.58
CA THR A 350 18.00 -0.19 40.73
C THR A 350 16.54 0.14 41.04
N PRO A 351 16.09 1.35 40.72
CA PRO A 351 14.68 1.69 40.96
C PRO A 351 13.70 0.78 40.22
N ALA A 352 14.06 0.27 39.04
CA ALA A 352 13.18 -0.65 38.35
C ALA A 352 13.02 -1.96 39.11
N SER A 353 14.11 -2.47 39.68
CA SER A 353 14.03 -3.66 40.51
C SER A 353 13.19 -3.40 41.76
N TYR A 354 13.31 -2.23 42.35
CA TYR A 354 12.47 -1.87 43.49
C TYR A 354 11.00 -1.84 43.09
N LEU A 355 10.71 -1.30 41.90
CA LEU A 355 9.32 -1.22 41.44
C LEU A 355 8.74 -2.60 41.20
N ILE A 356 9.50 -3.49 40.56
CA ILE A 356 8.98 -4.84 40.35
C ILE A 356 8.84 -5.57 41.68
N HIS A 357 9.73 -5.31 42.63
CA HIS A 357 9.59 -5.92 43.96
C HIS A 357 8.30 -5.47 44.63
N ASP A 358 8.00 -4.17 44.56
CA ASP A 358 6.77 -3.66 45.14
C ASP A 358 5.55 -4.24 44.46
N MET A 359 5.59 -4.35 43.13
CA MET A 359 4.47 -4.94 42.39
C MET A 359 4.25 -6.40 42.77
N ALA A 360 5.33 -7.17 42.88
CA ALA A 360 5.21 -8.58 43.26
C ALA A 360 4.68 -8.73 44.68
N TYR A 361 5.15 -7.88 45.60
CA TYR A 361 4.65 -7.93 46.97
C TYR A 361 3.16 -7.62 47.02
N ARG A 362 2.73 -6.57 46.31
CA ARG A 362 1.33 -6.20 46.27
C ARG A 362 0.48 -7.32 45.67
N TYR A 363 0.95 -7.91 44.57
CA TYR A 363 0.17 -8.98 43.93
C TYR A 363 0.06 -10.21 44.83
N ILE A 364 1.17 -10.60 45.47
CA ILE A 364 1.12 -11.78 46.33
C ILE A 364 0.32 -11.50 47.60
N ASN A 365 0.13 -10.24 47.97
CA ASN A 365 -0.69 -9.89 49.13
C ASN A 365 -2.12 -9.52 48.73
N LEU A 366 -2.64 -10.13 47.68
CA LEU A 366 -4.03 -9.93 47.26
C LEU A 366 -4.87 -11.11 47.75
N THR A 367 -6.06 -10.79 48.27
CA THR A 367 -6.89 -11.78 48.95
C THR A 367 -7.45 -12.79 47.96
N ARG A 368 -8.19 -13.77 48.51
CA ARG A 368 -8.85 -14.78 47.67
C ARG A 368 -9.95 -14.15 46.82
N GLU A 369 -10.73 -13.23 47.41
CA GLU A 369 -11.77 -12.55 46.64
C GLU A 369 -11.17 -11.69 45.53
N ASP A 370 -10.06 -11.01 45.81
CA ASP A 370 -9.40 -10.23 44.78
C ASP A 370 -8.89 -11.12 43.65
N MET A 371 -8.30 -12.27 43.99
CA MET A 371 -7.90 -13.23 42.97
C MET A 371 -9.10 -13.82 42.23
N ILE A 372 -10.28 -13.82 42.84
CA ILE A 372 -11.47 -14.30 42.16
C ILE A 372 -11.94 -13.27 41.13
N ASN A 373 -12.02 -12.00 41.55
CA ASN A 373 -12.39 -10.95 40.60
C ASN A 373 -11.30 -10.74 39.56
N TYR A 374 -10.05 -10.80 39.97
CA TYR A 374 -8.95 -10.95 39.02
C TYR A 374 -9.16 -12.25 38.23
N TYR A 375 -8.82 -12.23 36.95
CA TYR A 375 -8.95 -13.36 36.05
C TYR A 375 -10.41 -13.71 35.74
N ALA A 376 -11.37 -13.04 36.37
CA ALA A 376 -12.78 -13.36 36.13
C ALA A 376 -13.23 -12.79 34.78
N PRO A 377 -14.07 -13.52 34.05
CA PRO A 377 -14.62 -12.96 32.81
C PRO A 377 -15.55 -11.80 33.10
N ARG A 378 -15.81 -11.01 32.06
CA ARG A 378 -16.67 -9.84 32.20
C ARG A 378 -18.08 -10.23 32.63
N ILE A 379 -18.49 -11.47 32.40
CA ILE A 379 -19.82 -11.92 32.81
C ILE A 379 -19.95 -11.91 34.32
N GLN A 380 -18.95 -12.44 35.02
CA GLN A 380 -19.02 -12.64 36.47
C GLN A 380 -18.12 -11.70 37.26
N PHE A 381 -17.53 -10.70 36.60
CA PHE A 381 -16.62 -9.80 37.31
C PHE A 381 -17.39 -8.90 38.26
N LYS A 382 -16.82 -8.69 39.45
CA LYS A 382 -17.38 -7.79 40.44
C LYS A 382 -16.27 -6.93 41.03
N GLN A 383 -16.53 -5.64 41.17
CA GLN A 383 -15.53 -4.71 41.67
C GLN A 383 -15.20 -4.99 43.13
N THR A 384 -13.93 -4.76 43.48
CA THR A 384 -13.43 -5.02 44.82
C THR A 384 -12.69 -3.77 45.31
N GLN A 385 -12.20 -3.82 46.55
CA GLN A 385 -11.44 -2.69 47.08
C GLN A 385 -10.13 -2.50 46.33
N ASN A 386 -9.44 -3.60 46.01
CA ASN A 386 -8.16 -3.54 45.33
C ASN A 386 -8.27 -3.74 43.82
N VAL A 387 -9.19 -4.56 43.36
CA VAL A 387 -9.31 -4.90 41.95
C VAL A 387 -10.55 -4.22 41.39
N ARG A 388 -10.33 -3.33 40.41
CA ARG A 388 -11.41 -2.59 39.78
C ARG A 388 -11.72 -3.05 38.36
N GLU A 389 -10.79 -3.72 37.71
CA GLU A 389 -10.95 -4.24 36.35
C GLU A 389 -10.52 -5.70 36.35
N PRO A 390 -10.97 -6.49 35.37
CA PRO A 390 -10.73 -7.93 35.42
C PRO A 390 -9.26 -8.35 35.54
N GLY A 391 -8.34 -7.60 34.95
CA GLY A 391 -6.95 -8.02 34.98
C GLY A 391 -5.99 -7.00 35.56
N THR A 392 -6.50 -6.15 36.45
CA THR A 392 -5.72 -5.05 37.01
C THR A 392 -5.90 -5.01 38.52
N PHE A 393 -4.91 -4.44 39.20
CA PHE A 393 -5.00 -4.15 40.62
C PHE A 393 -4.53 -2.72 40.87
N LYS A 394 -4.78 -2.24 42.08
CA LYS A 394 -4.40 -0.90 42.49
C LYS A 394 -3.14 -0.97 43.35
N LEU A 395 -2.23 -0.03 43.11
CA LEU A 395 -0.95 0.01 43.84
C LEU A 395 -0.68 1.49 44.13
N THR A 396 -1.13 1.96 45.29
CA THR A 396 -1.06 3.37 45.62
C THR A 396 0.33 3.76 46.10
N SER A 397 0.53 5.07 46.26
CA SER A 397 1.82 5.60 46.72
C SER A 397 2.10 5.24 48.17
N SER A 398 1.08 4.79 48.92
CA SER A 398 1.32 4.33 50.28
C SER A 398 2.06 3.00 50.33
N MET A 399 2.09 2.27 49.22
CA MET A 399 2.77 0.98 49.14
C MET A 399 3.97 1.02 48.20
N LEU A 400 4.57 2.20 48.06
CA LEU A 400 5.74 2.39 47.20
C LEU A 400 6.92 2.88 48.02
N ARG A 401 8.10 2.34 47.71
CA ARG A 401 9.33 2.74 48.39
C ARG A 401 9.80 4.08 47.84
N ALA A 402 11.00 4.50 48.24
CA ALA A 402 11.58 5.73 47.70
C ALA A 402 12.08 5.53 46.29
N GLU A 403 12.71 4.38 46.03
CA GLU A 403 13.30 4.13 44.71
C GLU A 403 12.22 3.94 43.64
N SER A 404 11.14 3.23 43.97
CA SER A 404 10.06 3.04 43.01
C SER A 404 9.40 4.37 42.68
N LYS A 405 9.17 5.22 43.69
CA LYS A 405 8.63 6.54 43.42
C LYS A 405 9.60 7.39 42.62
N ALA A 406 10.91 7.23 42.84
CA ALA A 406 11.90 7.94 42.01
C ALA A 406 11.80 7.51 40.56
N MET A 407 11.65 6.21 40.31
CA MET A 407 11.47 5.73 38.95
C MET A 407 10.20 6.28 38.33
N LEU A 408 9.11 6.32 39.10
CA LEU A 408 7.86 6.89 38.61
C LEU A 408 8.01 8.36 38.27
N ASP A 409 8.73 9.11 39.10
CA ASP A 409 9.00 10.51 38.79
C ASP A 409 9.85 10.64 37.54
N LEU A 410 10.80 9.72 37.34
CA LEU A 410 11.61 9.72 36.13
C LEU A 410 10.75 9.53 34.89
N LEU A 411 9.76 8.64 34.96
CA LEU A 411 8.89 8.39 33.81
C LEU A 411 8.02 9.60 33.50
N ASN A 412 7.55 10.31 34.53
CA ASN A 412 6.66 11.46 34.36
C ASN A 412 7.40 12.78 34.56
N ASN A 413 8.62 12.87 34.05
CA ASN A 413 9.40 14.10 34.09
C ASN A 413 8.61 15.31 33.58
N GLN A 423 21.23 18.18 20.74
CA GLN A 423 22.07 17.45 19.80
C GLN A 423 21.93 15.95 20.01
N ILE A 424 22.15 15.19 18.94
CA ILE A 424 22.05 13.73 18.96
C ILE A 424 23.39 13.15 18.58
N GLU A 425 23.87 12.19 19.38
CA GLU A 425 25.19 11.62 19.20
C GLU A 425 25.12 10.42 18.24
N SER A 426 26.29 9.83 17.98
CA SER A 426 26.40 8.65 17.15
C SER A 426 27.60 7.84 17.59
N LEU A 427 27.55 6.53 17.32
CA LEU A 427 28.69 5.68 17.61
C LEU A 427 29.81 5.96 16.60
N ASN A 428 30.92 5.25 16.73
CA ASN A 428 32.08 5.45 15.87
C ASN A 428 32.14 4.28 14.89
N ILE A 429 31.44 4.43 13.75
CA ILE A 429 31.47 3.38 12.74
C ILE A 429 32.85 3.25 12.12
N ALA A 430 33.62 4.34 12.11
CA ALA A 430 34.99 4.28 11.60
C ALA A 430 35.88 3.44 12.50
N SER A 431 35.61 3.41 13.80
CA SER A 431 36.40 2.60 14.72
C SER A 431 36.24 1.13 14.41
N HIS A 432 37.35 0.41 14.45
CA HIS A 432 37.36 -1.02 14.15
C HIS A 432 37.05 -1.88 15.36
N ILE A 433 36.90 -1.29 16.55
CA ILE A 433 36.55 -2.05 17.74
C ILE A 433 35.06 -1.92 17.98
N VAL A 434 34.48 -0.76 17.66
CA VAL A 434 33.04 -0.57 17.77
C VAL A 434 32.31 -1.52 16.82
N GLN A 435 32.82 -1.64 15.60
CA GLN A 435 32.25 -2.60 14.65
C GLN A 435 32.34 -4.02 15.18
N SER A 436 33.48 -4.38 15.77
CA SER A 436 33.65 -5.72 16.30
C SER A 436 32.69 -5.99 17.45
N GLU A 437 32.53 -5.04 18.36
CA GLU A 437 31.60 -5.22 19.47
C GLU A 437 30.17 -5.37 18.97
N SER A 438 29.76 -4.52 18.01
CA SER A 438 28.41 -4.62 17.48
C SER A 438 28.18 -5.95 16.78
N VAL A 439 29.16 -6.40 15.99
CA VAL A 439 29.03 -7.66 15.29
C VAL A 439 28.93 -8.80 16.28
N SER A 440 29.75 -8.78 17.34
CA SER A 440 29.69 -9.83 18.35
C SER A 440 28.33 -9.86 19.04
N LEU A 441 27.80 -8.69 19.41
CA LEU A 441 26.51 -8.65 20.10
C LEU A 441 25.40 -9.18 19.21
N ILE A 442 25.30 -8.67 17.99
CA ILE A 442 24.21 -9.08 17.11
C ILE A 442 24.36 -10.54 16.70
N THR A 443 25.61 -11.00 16.50
CA THR A 443 25.84 -12.40 16.18
C THR A 443 25.42 -13.31 17.33
N LYS A 444 25.71 -12.90 18.57
CA LYS A 444 25.27 -13.69 19.72
C LYS A 444 23.75 -13.76 19.77
N ILE A 445 23.08 -12.64 19.57
CA ILE A 445 21.60 -12.63 19.60
C ILE A 445 21.06 -13.56 18.52
N LEU A 446 21.58 -13.43 17.29
CA LEU A 446 21.08 -14.24 16.19
C LEU A 446 21.35 -15.72 16.42
N SER A 447 22.53 -16.05 16.94
CA SER A 447 22.88 -17.45 17.20
C SER A 447 21.99 -18.04 18.27
N ASP A 448 21.68 -17.29 19.33
CA ASP A 448 20.80 -17.83 20.35
C ASP A 448 19.35 -17.87 19.87
N LEU A 449 19.00 -17.08 18.85
CA LEU A 449 17.67 -17.18 18.25
C LEU A 449 17.54 -18.41 17.36
N GLU A 450 18.64 -18.91 16.82
CA GLU A 450 18.62 -20.12 16.01
C GLU A 450 18.77 -21.39 16.83
N LEU A 451 18.98 -21.27 18.14
CA LEU A 451 19.12 -22.45 18.99
C LEU A 451 17.84 -23.27 18.98
N ASN A 452 18.00 -24.58 18.79
CA ASN A 452 16.87 -25.48 18.89
C ASN A 452 16.51 -25.69 20.35
N ILE A 453 15.21 -25.59 20.66
CA ILE A 453 14.75 -25.75 22.03
C ILE A 453 14.43 -27.22 22.29
N VAL A 472 -5.28 -31.92 -2.95
CA VAL A 472 -4.18 -32.27 -3.84
C VAL A 472 -2.94 -31.48 -3.46
N LEU A 473 -3.10 -30.17 -3.25
CA LEU A 473 -1.98 -29.34 -2.83
C LEU A 473 -1.49 -29.68 -1.43
N ASP A 474 -2.35 -30.24 -0.59
CA ASP A 474 -1.96 -30.52 0.79
C ASP A 474 -0.80 -31.50 0.85
N LYS A 475 -0.83 -32.55 0.04
CA LYS A 475 0.27 -33.51 0.05
C LYS A 475 1.59 -32.86 -0.38
N PHE A 476 1.55 -32.06 -1.46
CA PHE A 476 2.77 -31.40 -1.92
C PHE A 476 3.30 -30.44 -0.88
N PHE A 477 2.40 -29.71 -0.20
CA PHE A 477 2.79 -28.92 0.96
C PHE A 477 3.48 -29.79 2.00
N GLN A 478 2.99 -31.02 2.18
CA GLN A 478 3.60 -31.92 3.15
C GLN A 478 5.04 -32.27 2.78
N ASN A 479 5.29 -32.60 1.50
CA ASN A 479 6.66 -32.96 1.14
C ASN A 479 7.63 -31.79 1.30
N GLU A 480 7.21 -30.58 0.92
CA GLU A 480 8.15 -29.48 0.72
C GLU A 480 8.06 -28.40 1.78
N THR A 481 6.89 -27.79 1.97
CA THR A 481 6.81 -26.66 2.89
C THR A 481 6.87 -27.10 4.35
N GLN A 482 6.63 -28.37 4.64
CA GLN A 482 6.65 -28.83 6.02
C GLN A 482 8.04 -29.33 6.42
N LYS A 483 8.62 -30.25 5.67
CA LYS A 483 9.91 -30.84 6.04
C LYS A 483 11.01 -29.79 6.07
N TYR A 484 11.18 -29.04 4.99
CA TYR A 484 12.31 -28.13 4.89
C TYR A 484 12.01 -26.70 5.35
N LEU A 485 10.76 -26.35 5.62
CA LEU A 485 10.49 -25.02 6.14
C LEU A 485 9.83 -25.04 7.52
N ILE A 486 8.72 -25.76 7.68
CA ILE A 486 7.97 -25.68 8.93
C ILE A 486 8.60 -26.55 10.01
N ASP A 487 8.94 -27.79 9.66
CA ASP A 487 9.55 -28.68 10.64
C ASP A 487 10.95 -28.26 11.03
N VAL A 488 11.57 -27.34 10.30
CA VAL A 488 12.88 -26.80 10.67
C VAL A 488 12.74 -25.65 11.65
N LEU A 489 11.83 -24.70 11.35
CA LEU A 489 11.66 -23.51 12.18
C LEU A 489 10.75 -23.74 13.37
N LYS A 490 10.07 -24.89 13.45
CA LYS A 490 9.18 -25.15 14.57
C LYS A 490 9.96 -25.44 15.85
N LYS A 491 11.18 -25.93 15.73
CA LYS A 491 12.01 -26.26 16.89
C LYS A 491 12.89 -25.10 17.35
N THR A 492 12.86 -23.97 16.66
CA THR A 492 13.78 -22.89 16.95
C THR A 492 13.33 -22.09 18.17
N THR A 493 14.29 -21.39 18.77
CA THR A 493 13.99 -20.47 19.86
C THR A 493 13.20 -19.26 19.37
N ALA A 494 13.42 -18.86 18.11
CA ALA A 494 12.71 -17.72 17.56
C ALA A 494 11.21 -18.00 17.44
N TRP A 495 10.84 -19.23 17.09
CA TRP A 495 9.43 -19.61 16.96
C TRP A 495 8.70 -19.48 18.31
N HIS A 496 9.24 -20.12 19.34
CA HIS A 496 8.61 -20.09 20.64
C HIS A 496 8.67 -18.71 21.27
N ILE A 497 9.76 -17.97 21.03
CA ILE A 497 9.83 -16.59 21.50
C ILE A 497 8.79 -15.73 20.80
N GLY A 498 8.52 -16.00 19.51
CA GLY A 498 7.48 -15.27 18.82
C GLY A 498 6.10 -15.53 19.39
N HIS A 499 5.82 -16.80 19.73
CA HIS A 499 4.55 -17.10 20.39
C HIS A 499 4.46 -16.42 21.77
N LEU A 500 5.55 -16.42 22.52
CA LEU A 500 5.58 -15.72 23.81
C LEU A 500 5.36 -14.23 23.63
N ILE A 501 5.97 -13.64 22.59
CA ILE A 501 5.78 -12.22 22.29
C ILE A 501 4.32 -11.95 21.93
N ARG A 502 3.69 -12.87 21.22
CA ARG A 502 2.27 -12.74 20.92
C ARG A 502 1.44 -12.72 22.21
N ASP A 503 1.76 -13.62 23.15
CA ASP A 503 1.04 -13.62 24.42
C ASP A 503 1.24 -12.32 25.20
N ILE A 504 2.48 -11.85 25.27
CA ILE A 504 2.77 -10.62 26.02
C ILE A 504 2.08 -9.42 25.37
N THR A 505 2.12 -9.35 24.04
CA THR A 505 1.46 -8.25 23.34
C THR A 505 -0.05 -8.33 23.46
N GLU A 506 -0.62 -9.54 23.53
CA GLU A 506 -2.04 -9.67 23.79
C GLU A 506 -2.40 -9.15 25.18
N SER A 507 -1.57 -9.46 26.18
CA SER A 507 -1.80 -8.92 27.51
C SER A 507 -1.71 -7.38 27.51
N LEU A 508 -0.73 -6.84 26.81
CA LEU A 508 -0.57 -5.38 26.76
C LEU A 508 -1.72 -4.72 25.99
N ILE A 509 -2.23 -5.39 24.94
CA ILE A 509 -3.41 -4.90 24.23
C ILE A 509 -4.61 -4.90 25.15
N ALA A 510 -4.79 -5.97 25.93
CA ALA A 510 -5.90 -6.03 26.86
C ALA A 510 -5.81 -4.93 27.91
N HIS A 511 -4.59 -4.59 28.35
CA HIS A 511 -4.43 -3.53 29.34
C HIS A 511 -4.67 -2.15 28.76
N SER A 512 -4.60 -1.99 27.44
CA SER A 512 -4.67 -0.68 26.81
C SER A 512 -6.08 -0.13 26.71
N GLY A 513 -7.08 -0.82 27.25
CA GLY A 513 -8.44 -0.32 27.20
C GLY A 513 -8.59 0.99 27.95
N LEU A 514 -9.65 1.72 27.60
CA LEU A 514 -9.86 3.04 28.18
C LEU A 514 -10.09 2.98 29.68
N LYS A 515 -10.58 1.85 30.19
CA LYS A 515 -10.87 1.71 31.61
C LYS A 515 -9.77 0.99 32.38
N ARG A 516 -9.00 0.13 31.72
CA ARG A 516 -7.99 -0.69 32.38
C ARG A 516 -6.63 -0.02 32.46
N SER A 517 -6.40 1.04 31.68
CA SER A 517 -5.03 1.51 31.46
C SER A 517 -4.45 2.28 32.65
N LYS A 518 -5.28 2.79 33.55
CA LYS A 518 -4.78 3.60 34.65
C LYS A 518 -4.33 2.77 35.84
N TYR A 519 -4.37 1.44 35.73
CA TYR A 519 -4.03 0.55 36.83
C TYR A 519 -2.78 -0.25 36.50
N TRP A 520 -2.33 -1.00 37.49
CA TRP A 520 -1.18 -1.88 37.35
C TRP A 520 -1.64 -3.28 36.98
N SER A 521 -0.74 -4.06 36.39
CA SER A 521 -1.08 -5.41 36.01
C SER A 521 0.16 -6.28 36.10
N LEU A 522 -0.06 -7.59 36.29
CA LEU A 522 1.02 -8.54 36.49
C LEU A 522 0.64 -9.83 35.79
N HIS A 523 1.46 -10.26 34.84
CA HIS A 523 1.21 -11.50 34.12
C HIS A 523 2.48 -12.33 34.08
N SER A 524 2.32 -13.64 33.97
CA SER A 524 3.45 -14.55 33.95
C SER A 524 3.31 -15.55 32.83
N TYR A 525 4.45 -15.94 32.27
CA TYR A 525 4.52 -16.83 31.13
C TYR A 525 5.71 -17.75 31.32
N ASN A 526 5.64 -18.93 30.67
CA ASN A 526 6.71 -19.92 30.71
C ASN A 526 6.99 -20.40 32.14
N ASN A 527 5.93 -20.87 32.79
CA ASN A 527 6.02 -21.45 34.13
C ASN A 527 6.64 -20.46 35.14
N GLY A 528 6.27 -19.20 35.01
CA GLY A 528 6.76 -18.17 35.91
C GLY A 528 8.14 -17.64 35.58
N ASN A 529 8.73 -18.05 34.46
CA ASN A 529 10.06 -17.57 34.10
C ASN A 529 10.04 -16.15 33.56
N VAL A 530 8.99 -15.77 32.83
CA VAL A 530 8.84 -14.43 32.28
C VAL A 530 7.70 -13.75 33.03
N ILE A 531 7.96 -12.55 33.55
CA ILE A 531 6.95 -11.77 34.23
C ILE A 531 6.83 -10.43 33.53
N LEU A 532 5.61 -10.09 33.13
CA LEU A 532 5.30 -8.79 32.56
C LEU A 532 4.64 -7.95 33.64
N PHE A 533 5.25 -6.82 33.98
CA PHE A 533 4.67 -5.83 34.87
C PHE A 533 4.19 -4.67 34.00
N ILE A 534 2.90 -4.38 34.07
CA ILE A 534 2.30 -3.29 33.28
C ILE A 534 2.02 -2.14 34.23
N LEU A 535 2.67 -1.01 33.96
CA LEU A 535 2.52 0.20 34.73
C LEU A 535 1.29 0.97 34.24
N PRO A 536 0.77 1.89 35.06
CA PRO A 536 -0.30 2.76 34.56
C PRO A 536 0.13 3.51 33.31
N SER A 537 -0.77 3.55 32.33
CA SER A 537 -0.46 4.12 31.03
C SER A 537 -1.66 4.88 30.50
N LYS A 538 -1.39 5.83 29.61
CA LYS A 538 -2.45 6.46 28.84
C LYS A 538 -3.02 5.46 27.84
N SER A 539 -4.33 5.49 27.66
CA SER A 539 -4.99 4.48 26.84
C SER A 539 -4.52 4.58 25.38
N LEU A 540 -4.33 3.42 24.76
CA LEU A 540 -3.91 3.40 23.36
C LEU A 540 -5.03 3.77 22.41
N GLU A 541 -6.27 3.88 22.90
CA GLU A 541 -7.34 4.43 22.09
C GLU A 541 -7.17 5.92 21.85
N VAL A 542 -6.34 6.59 22.65
CA VAL A 542 -6.04 7.99 22.47
C VAL A 542 -4.86 8.12 21.52
N ALA A 543 -4.72 9.31 20.92
CA ALA A 543 -3.62 9.57 20.02
C ALA A 543 -2.36 9.96 20.79
N GLY A 544 -1.22 9.44 20.36
CA GLY A 544 0.05 9.77 21.00
C GLY A 544 0.19 9.28 22.43
N SER A 545 -0.24 8.05 22.70
CA SER A 545 -0.12 7.46 24.02
C SER A 545 0.76 6.22 23.95
N PHE A 546 1.39 5.90 25.08
CA PHE A 546 2.33 4.79 25.17
C PHE A 546 1.91 3.86 26.30
N ILE A 547 1.99 2.56 26.06
CA ILE A 547 1.88 1.56 27.10
C ILE A 547 3.26 1.36 27.71
N ARG A 548 3.35 1.48 29.03
CA ARG A 548 4.60 1.37 29.75
C ARG A 548 4.65 0.03 30.47
N PHE A 549 5.76 -0.69 30.30
CA PHE A 549 5.87 -1.99 30.93
C PHE A 549 7.33 -2.34 31.22
N ILE A 550 7.51 -3.23 32.18
CA ILE A 550 8.80 -3.82 32.49
C ILE A 550 8.67 -5.33 32.33
N THR A 551 9.74 -5.97 31.89
CA THR A 551 9.79 -7.42 31.80
C THR A 551 10.93 -7.93 32.66
N VAL A 552 10.65 -8.95 33.47
CA VAL A 552 11.67 -9.62 34.27
C VAL A 552 11.71 -11.08 33.82
N PHE A 553 12.89 -11.53 33.40
CA PHE A 553 13.00 -12.86 32.82
C PHE A 553 14.24 -13.54 33.39
N ARG A 554 14.35 -14.84 33.13
CA ARG A 554 15.53 -15.60 33.51
C ARG A 554 16.58 -15.46 32.40
N ILE A 555 17.83 -15.22 32.81
CA ILE A 555 18.88 -14.94 31.85
C ILE A 555 19.18 -16.19 31.04
N GLY A 556 19.17 -16.06 29.72
CA GLY A 556 19.39 -17.17 28.83
C GLY A 556 19.35 -16.74 27.37
N PRO A 557 19.26 -17.71 26.47
CA PRO A 557 19.18 -17.37 25.04
C PRO A 557 17.90 -16.63 24.72
N GLY A 558 17.98 -15.76 23.71
CA GLY A 558 16.80 -15.06 23.23
C GLY A 558 17.03 -13.60 22.92
N LEU A 559 16.00 -12.78 23.10
CA LEU A 559 16.09 -11.34 22.88
C LEU A 559 16.62 -10.69 24.15
N VAL A 560 17.92 -10.85 24.37
CA VAL A 560 18.60 -10.36 25.56
C VAL A 560 19.71 -9.41 25.14
N ASP A 561 19.74 -8.24 25.77
CA ASP A 561 20.76 -7.22 25.55
C ASP A 561 21.24 -6.78 26.93
N LYS A 562 22.30 -7.42 27.42
CA LYS A 562 22.73 -7.20 28.80
C LYS A 562 23.12 -5.75 29.05
N ASP A 563 23.74 -5.11 28.07
CA ASP A 563 24.15 -3.72 28.23
C ASP A 563 22.94 -2.80 28.36
N ASN A 564 21.86 -3.09 27.65
CA ASN A 564 20.64 -2.30 27.73
C ASN A 564 19.64 -2.84 28.72
N LEU A 565 19.99 -3.91 29.45
CA LEU A 565 19.14 -4.36 30.55
C LEU A 565 19.30 -3.43 31.74
N ASP A 566 18.20 -3.21 32.46
CA ASP A 566 18.25 -2.31 33.61
C ASP A 566 19.07 -2.90 34.74
N THR A 567 18.83 -4.16 35.07
CA THR A 567 19.57 -4.81 36.16
C THR A 567 19.70 -6.30 35.87
N ILE A 568 20.66 -6.93 36.55
CA ILE A 568 20.77 -8.37 36.62
C ILE A 568 20.85 -8.75 38.09
N LEU A 569 19.85 -9.49 38.57
CA LEU A 569 19.77 -9.89 39.97
C LEU A 569 20.27 -11.32 40.09
N ILE A 570 21.30 -11.52 40.90
CA ILE A 570 21.92 -12.83 41.06
C ILE A 570 21.22 -13.59 42.17
N ASP A 571 21.26 -14.93 42.06
CA ASP A 571 20.67 -15.82 43.03
C ASP A 571 21.57 -17.03 43.24
N GLY A 572 21.04 -18.11 43.79
CA GLY A 572 21.80 -19.32 43.97
C GLY A 572 22.06 -20.00 42.64
N ASP A 573 22.93 -19.39 41.83
CA ASP A 573 23.25 -19.80 40.47
C ASP A 573 22.10 -19.51 39.51
N SER A 574 21.27 -18.53 39.82
CA SER A 574 20.20 -18.07 38.95
C SER A 574 20.32 -16.58 38.74
N GLN A 575 20.24 -16.14 37.49
CA GLN A 575 20.31 -14.73 37.13
C GLN A 575 18.97 -14.31 36.56
N TRP A 576 18.48 -13.15 37.01
CA TRP A 576 17.22 -12.59 36.53
C TRP A 576 17.50 -11.24 35.90
N GLY A 577 17.23 -11.15 34.60
CA GLY A 577 17.35 -9.88 33.89
C GLY A 577 16.11 -9.04 34.08
N VAL A 578 16.29 -7.81 34.54
CA VAL A 578 15.21 -6.84 34.69
C VAL A 578 15.43 -5.78 33.63
N SER A 579 14.48 -5.66 32.71
CA SER A 579 14.59 -4.72 31.60
C SER A 579 14.23 -3.30 32.06
N LYS A 580 14.53 -2.34 31.20
CA LYS A 580 14.12 -0.97 31.44
C LYS A 580 12.61 -0.83 31.27
N VAL A 581 12.09 0.31 31.71
CA VAL A 581 10.70 0.65 31.41
C VAL A 581 10.60 0.99 29.93
N MET A 582 9.81 0.21 29.20
CA MET A 582 9.59 0.46 27.78
C MET A 582 8.22 1.10 27.58
N SER A 583 8.19 2.19 26.82
CA SER A 583 6.97 2.87 26.43
C SER A 583 6.76 2.63 24.94
N ILE A 584 5.68 1.95 24.58
CA ILE A 584 5.42 1.52 23.22
C ILE A 584 4.10 2.09 22.74
N ASP A 585 4.09 2.61 21.51
CA ASP A 585 2.86 3.15 20.94
C ASP A 585 2.04 2.04 20.29
N LEU A 586 0.82 2.40 19.88
CA LEU A 586 -0.11 1.41 19.33
C LEU A 586 0.44 0.77 18.06
N ASN A 587 1.08 1.57 17.21
CA ASN A 587 1.64 1.05 15.97
C ASN A 587 2.65 -0.05 16.23
N ARG A 588 3.63 0.22 17.09
CA ARG A 588 4.66 -0.77 17.37
C ARG A 588 4.12 -1.97 18.14
N LEU A 589 3.15 -1.76 19.01
CA LEU A 589 2.55 -2.88 19.73
C LEU A 589 1.81 -3.82 18.77
N LEU A 590 1.05 -3.26 17.84
CA LEU A 590 0.38 -4.11 16.86
C LEU A 590 1.36 -4.76 15.90
N ALA A 591 2.47 -4.08 15.60
CA ALA A 591 3.52 -4.70 14.81
C ALA A 591 4.13 -5.89 15.54
N LEU A 592 4.38 -5.74 16.84
CA LEU A 592 4.95 -6.82 17.64
C LEU A 592 3.96 -7.96 17.81
N ASN A 593 2.66 -7.67 17.80
CA ASN A 593 1.65 -8.72 17.96
C ASN A 593 1.69 -9.71 16.82
N ILE A 594 1.92 -9.23 15.60
CA ILE A 594 1.95 -10.10 14.42
C ILE A 594 3.38 -10.33 13.93
N ALA A 595 4.37 -10.14 14.79
CA ALA A 595 5.76 -10.27 14.38
C ALA A 595 6.07 -11.69 13.92
N PHE A 596 5.52 -12.70 14.60
CA PHE A 596 5.80 -14.08 14.24
C PHE A 596 5.31 -14.40 12.83
N GLU A 597 4.07 -14.02 12.52
CA GLU A 597 3.52 -14.27 11.19
C GLU A 597 4.26 -13.47 10.13
N LYS A 598 4.65 -12.23 10.46
CA LYS A 598 5.44 -11.43 9.53
C LYS A 598 6.74 -12.13 9.17
N ALA A 599 7.49 -12.57 10.19
CA ALA A 599 8.75 -13.25 9.94
C ALA A 599 8.52 -14.57 9.21
N LEU A 600 7.41 -15.26 9.50
CA LEU A 600 7.12 -16.52 8.83
C LEU A 600 6.88 -16.32 7.35
N ILE A 601 6.04 -15.34 6.99
CA ILE A 601 5.76 -15.08 5.58
C ILE A 601 7.01 -14.57 4.88
N ALA A 602 7.81 -13.75 5.57
CA ALA A 602 9.06 -13.27 4.96
C ALA A 602 10.02 -14.41 4.68
N THR A 603 10.16 -15.34 5.62
CA THR A 603 11.05 -16.48 5.42
C THR A 603 10.50 -17.43 4.36
N ALA A 604 9.17 -17.56 4.26
CA ALA A 604 8.59 -18.38 3.20
C ALA A 604 8.83 -17.76 1.82
N THR A 605 8.72 -16.43 1.72
CA THR A 605 9.03 -15.75 0.46
C THR A 605 10.50 -15.94 0.10
N TRP A 606 11.39 -15.80 1.09
CA TRP A 606 12.80 -16.08 0.87
C TRP A 606 13.00 -17.52 0.42
N PHE A 607 12.24 -18.45 0.99
CA PHE A 607 12.33 -19.86 0.64
C PHE A 607 11.98 -20.08 -0.83
N GLN A 608 10.86 -19.51 -1.27
CA GLN A 608 10.46 -19.67 -2.66
C GLN A 608 11.46 -19.01 -3.61
N TYR A 609 11.95 -17.82 -3.25
CA TYR A 609 12.92 -17.14 -4.10
C TYR A 609 14.23 -17.92 -4.19
N TYR A 610 14.69 -18.49 -3.07
CA TYR A 610 15.88 -19.32 -3.09
C TYR A 610 15.67 -20.56 -3.94
N THR A 611 14.48 -21.17 -3.85
CA THR A 611 14.19 -22.32 -4.69
C THR A 611 14.23 -21.95 -6.17
N GLU A 612 13.64 -20.80 -6.52
CA GLU A 612 13.66 -20.36 -7.92
C GLU A 612 15.08 -20.08 -8.39
N ASP A 613 15.90 -19.45 -7.54
CA ASP A 613 17.25 -19.07 -7.96
C ASP A 613 18.17 -20.28 -8.03
N GLN A 614 18.39 -20.95 -6.90
CA GLN A 614 19.35 -22.04 -6.82
C GLN A 614 18.83 -23.35 -7.39
N GLY A 615 17.52 -23.47 -7.61
CA GLY A 615 16.98 -24.73 -8.08
C GLY A 615 16.98 -25.84 -7.06
N GLN A 616 17.09 -25.50 -5.77
CA GLN A 616 17.14 -26.49 -4.72
C GLN A 616 16.58 -25.88 -3.44
N PHE A 617 16.25 -26.73 -2.49
CA PHE A 617 15.75 -26.26 -1.21
C PHE A 617 16.92 -25.76 -0.35
N PRO A 618 16.70 -24.69 0.42
CA PRO A 618 17.78 -24.20 1.30
C PRO A 618 18.06 -25.18 2.42
N LEU A 619 19.29 -25.13 2.92
CA LEU A 619 19.68 -25.99 4.03
C LEU A 619 19.10 -25.48 5.34
N GLN A 620 19.08 -26.37 6.34
CA GLN A 620 18.42 -26.05 7.60
C GLN A 620 19.08 -24.87 8.30
N TYR A 621 20.42 -24.82 8.31
CA TYR A 621 21.10 -23.74 9.00
C TYR A 621 20.81 -22.39 8.34
N ALA A 622 20.81 -22.35 7.01
CA ALA A 622 20.53 -21.09 6.32
C ALA A 622 19.09 -20.64 6.56
N ILE A 623 18.15 -21.59 6.55
CA ILE A 623 16.75 -21.24 6.80
C ILE A 623 16.57 -20.71 8.22
N ARG A 624 17.21 -21.36 9.19
CA ARG A 624 17.13 -20.88 10.57
C ARG A 624 17.75 -19.49 10.70
N SER A 625 18.88 -19.25 10.03
CA SER A 625 19.51 -17.94 10.06
C SER A 625 18.59 -16.88 9.45
N VAL A 626 17.97 -17.18 8.31
CA VAL A 626 17.09 -16.22 7.66
C VAL A 626 15.87 -15.94 8.53
N PHE A 627 15.31 -16.97 9.15
CA PHE A 627 14.16 -16.77 10.02
C PHE A 627 14.52 -15.94 11.24
N ALA A 628 15.68 -16.19 11.85
CA ALA A 628 16.11 -15.41 12.99
C ALA A 628 16.35 -13.95 12.59
N ASN A 629 16.94 -13.74 11.42
CA ASN A 629 17.16 -12.37 10.93
C ASN A 629 15.84 -11.64 10.74
N HIS A 630 14.87 -12.31 10.11
CA HIS A 630 13.57 -11.71 9.89
C HIS A 630 12.86 -11.42 11.20
N PHE A 631 12.95 -12.35 12.16
CA PHE A 631 12.30 -12.14 13.45
C PHE A 631 12.94 -10.99 14.21
N LEU A 632 14.26 -10.88 14.18
CA LEU A 632 14.93 -9.75 14.81
C LEU A 632 14.51 -8.43 14.16
N LEU A 633 14.44 -8.41 12.83
CA LEU A 633 13.98 -7.21 12.13
C LEU A 633 12.56 -6.84 12.52
N ALA A 634 11.68 -7.83 12.63
CA ALA A 634 10.29 -7.56 12.99
C ALA A 634 10.15 -7.14 14.44
N ILE A 635 11.02 -7.64 15.33
CA ILE A 635 10.97 -7.23 16.72
C ILE A 635 11.44 -5.79 16.88
N CYS A 636 12.50 -5.42 16.16
CA CYS A 636 13.08 -4.07 16.25
C CYS A 636 12.39 -3.17 15.24
N GLN A 637 11.21 -2.68 15.61
CA GLN A 637 10.44 -1.77 14.77
C GLN A 637 10.89 -0.34 15.09
N LYS A 638 12.04 0.01 14.55
CA LYS A 638 12.67 1.31 14.78
C LYS A 638 12.80 2.07 13.48
N MET A 639 12.60 3.39 13.55
CA MET A 639 12.61 4.21 12.34
C MET A 639 13.98 4.24 11.66
N LYS A 640 15.06 4.14 12.44
CA LYS A 640 16.39 4.26 11.85
C LYS A 640 16.74 3.04 11.01
N LEU A 641 16.37 1.85 11.47
CA LEU A 641 16.58 0.65 10.65
C LEU A 641 15.74 0.69 9.39
N CYS A 642 14.50 1.18 9.50
CA CYS A 642 13.65 1.34 8.33
C CYS A 642 14.27 2.30 7.33
N ALA A 643 14.82 3.42 7.82
CA ALA A 643 15.48 4.37 6.92
C ALA A 643 16.70 3.75 6.25
N ILE A 644 17.48 2.95 7.01
CA ILE A 644 18.65 2.30 6.44
C ILE A 644 18.25 1.34 5.33
N PHE A 645 17.20 0.55 5.56
CA PHE A 645 16.75 -0.40 4.54
C PHE A 645 16.13 0.32 3.34
N ASP A 646 15.48 1.46 3.57
CA ASP A 646 14.98 2.28 2.47
C ASP A 646 16.13 2.80 1.61
N ASN A 647 17.24 3.18 2.25
CA ASN A 647 18.43 3.54 1.48
C ASN A 647 19.00 2.34 0.74
N LEU A 648 19.00 1.18 1.37
CA LEU A 648 19.62 0.00 0.77
C LEU A 648 18.87 -0.47 -0.47
N ARG A 649 17.54 -0.39 -0.46
CA ARG A 649 16.78 -0.83 -1.62
C ARG A 649 17.04 0.02 -2.85
N TYR A 650 17.59 1.22 -2.68
CA TYR A 650 18.07 2.04 -3.79
C TYR A 650 19.55 1.88 -4.06
N LEU A 651 20.35 1.63 -3.02
CA LEU A 651 21.78 1.44 -3.18
C LEU A 651 22.09 0.19 -3.98
N ILE A 652 21.34 -0.89 -3.75
CA ILE A 652 21.62 -2.15 -4.45
C ILE A 652 21.47 -2.01 -5.96
N PRO A 653 20.41 -1.40 -6.50
CA PRO A 653 20.39 -1.14 -7.95
C PRO A 653 21.50 -0.23 -8.44
N ALA A 654 22.02 0.65 -7.59
CA ALA A 654 23.06 1.58 -8.03
C ALA A 654 24.37 0.86 -8.31
N VAL A 655 24.83 0.01 -7.38
CA VAL A 655 26.11 -0.65 -7.55
C VAL A 655 26.03 -1.89 -8.43
N THR A 656 24.83 -2.30 -8.82
CA THR A 656 24.66 -3.42 -9.74
C THR A 656 24.42 -2.97 -11.18
N SER A 657 24.45 -1.67 -11.44
CA SER A 657 24.21 -1.14 -12.77
C SER A 657 25.54 -0.96 -13.50
N LEU A 658 25.48 -0.35 -14.69
CA LEU A 658 26.67 0.06 -15.42
C LEU A 658 27.04 1.50 -15.09
N TYR A 659 26.05 2.39 -15.09
CA TYR A 659 26.20 3.78 -14.69
C TYR A 659 25.06 4.14 -13.76
N SER A 660 25.39 4.85 -12.68
CA SER A 660 24.37 5.21 -11.70
C SER A 660 24.91 6.34 -10.83
N GLY A 661 24.02 6.88 -10.00
CA GLY A 661 24.41 7.90 -9.05
C GLY A 661 24.77 7.32 -7.70
N PHE A 662 25.61 6.29 -7.70
CA PHE A 662 26.01 5.62 -6.46
C PHE A 662 26.84 6.49 -5.52
N PRO A 663 27.69 7.42 -5.99
CA PRO A 663 28.36 8.29 -5.00
C PRO A 663 27.40 9.10 -4.16
N SER A 664 26.36 9.67 -4.79
CA SER A 664 25.36 10.42 -4.04
C SER A 664 24.60 9.53 -3.08
N LEU A 665 24.29 8.30 -3.49
CA LEU A 665 23.56 7.39 -2.63
C LEU A 665 24.40 6.98 -1.42
N ILE A 666 25.69 6.72 -1.62
CA ILE A 666 26.57 6.41 -0.50
C ILE A 666 26.71 7.61 0.41
N GLU A 667 26.80 8.81 -0.16
CA GLU A 667 26.84 10.02 0.66
C GLU A 667 25.56 10.18 1.48
N LYS A 668 24.43 9.78 0.92
CA LYS A 668 23.16 9.84 1.64
C LYS A 668 23.10 8.79 2.74
N LEU A 669 23.69 7.62 2.51
CA LEU A 669 23.68 6.56 3.52
C LEU A 669 24.38 7.01 4.80
N PHE A 670 25.39 7.88 4.69
CA PHE A 670 26.15 8.34 5.83
C PHE A 670 25.53 9.56 6.50
N GLU A 671 24.45 10.09 5.96
CA GLU A 671 23.80 11.25 6.55
C GLU A 671 22.87 10.85 7.69
N ARG A 672 23.39 10.10 8.65
CA ARG A 672 22.58 9.64 9.77
C ARG A 672 23.49 9.31 10.94
N PRO A 673 23.00 9.44 12.17
CA PRO A 673 23.73 8.91 13.32
C PRO A 673 23.42 7.43 13.55
N PHE A 674 24.44 6.70 13.93
CA PHE A 674 24.32 5.27 14.25
C PHE A 674 24.31 5.14 15.77
N LYS A 675 23.12 5.01 16.35
CA LYS A 675 22.96 5.03 17.80
C LYS A 675 22.99 3.65 18.42
N SER A 676 22.43 2.65 17.76
CA SER A 676 22.32 1.32 18.31
C SER A 676 23.37 0.38 17.71
N SER A 677 23.56 -0.75 18.39
CA SER A 677 24.47 -1.77 17.91
C SER A 677 23.98 -2.38 16.60
N LEU A 678 22.65 -2.56 16.48
CA LEU A 678 22.09 -3.13 15.27
C LEU A 678 22.35 -2.25 14.06
N GLU A 679 22.30 -0.93 14.25
CA GLU A 679 22.59 -0.02 13.14
C GLU A 679 24.02 -0.20 12.65
N VAL A 680 24.98 -0.30 13.57
CA VAL A 680 26.37 -0.50 13.17
C VAL A 680 26.55 -1.84 12.48
N TYR A 681 25.89 -2.88 12.99
CA TYR A 681 25.97 -4.20 12.37
C TYR A 681 25.43 -4.17 10.94
N ILE A 682 24.29 -3.52 10.74
CA ILE A 682 23.70 -3.44 9.41
C ILE A 682 24.58 -2.60 8.49
N TYR A 683 25.18 -1.52 9.01
CA TYR A 683 26.12 -0.74 8.19
C TYR A 683 27.31 -1.58 7.76
N TYR A 684 27.85 -2.38 8.68
CA TYR A 684 28.97 -3.27 8.35
C TYR A 684 28.59 -4.21 7.21
N ASN A 685 27.44 -4.87 7.35
CA ASN A 685 26.99 -5.79 6.30
C ASN A 685 26.74 -5.08 4.98
N ILE A 686 26.15 -3.88 5.05
CA ILE A 686 25.85 -3.13 3.83
C ILE A 686 27.13 -2.73 3.11
N LYS A 687 28.12 -2.25 3.85
CA LYS A 687 29.39 -1.88 3.25
C LYS A 687 30.03 -3.10 2.57
N SER A 688 30.06 -4.23 3.27
CA SER A 688 30.64 -5.43 2.68
C SER A 688 29.92 -5.83 1.40
N LEU A 689 28.58 -5.89 1.45
CA LEU A 689 27.80 -6.33 0.30
C LEU A 689 27.96 -5.38 -0.88
N LEU A 690 27.90 -4.07 -0.63
CA LEU A 690 28.01 -3.11 -1.71
C LEU A 690 29.38 -3.17 -2.38
N VAL A 691 30.45 -3.28 -1.58
CA VAL A 691 31.77 -3.37 -2.18
C VAL A 691 31.91 -4.65 -2.99
N ALA A 692 31.41 -5.77 -2.45
CA ALA A 692 31.50 -7.03 -3.19
C ALA A 692 30.69 -6.98 -4.48
N LEU A 693 29.53 -6.31 -4.45
CA LEU A 693 28.70 -6.21 -5.64
C LEU A 693 29.37 -5.36 -6.70
N ALA A 694 29.90 -4.19 -6.31
CA ALA A 694 30.58 -3.33 -7.27
C ALA A 694 31.87 -3.95 -7.78
N GLN A 695 32.46 -4.88 -7.03
CA GLN A 695 33.64 -5.59 -7.51
C GLN A 695 33.32 -6.40 -8.76
N ASN A 696 32.17 -7.07 -8.78
CA ASN A 696 31.75 -7.86 -9.93
C ASN A 696 31.16 -6.97 -11.02
N VAL A 722 26.49 -13.56 -10.32
CA VAL A 722 27.02 -13.63 -8.97
C VAL A 722 26.47 -12.48 -8.12
N TYR A 723 25.59 -12.82 -7.18
CA TYR A 723 25.00 -11.84 -6.27
C TYR A 723 25.00 -12.43 -4.86
N PRO A 724 26.01 -12.14 -4.06
CA PRO A 724 26.04 -12.64 -2.68
C PRO A 724 24.86 -12.11 -1.88
N SER A 725 24.31 -12.97 -1.01
CA SER A 725 23.13 -12.60 -0.24
C SER A 725 23.49 -11.59 0.85
N PHE A 726 22.50 -10.81 1.25
CA PHE A 726 22.69 -9.80 2.29
C PHE A 726 22.52 -10.39 3.69
N MET A 727 21.58 -11.30 3.87
CA MET A 727 21.27 -11.87 5.17
C MET A 727 21.68 -13.34 5.29
N SER A 728 22.52 -13.82 4.37
CA SER A 728 22.99 -15.19 4.40
C SER A 728 24.40 -15.22 3.79
N ARG A 729 24.86 -16.42 3.45
CA ARG A 729 26.16 -16.59 2.82
C ARG A 729 26.06 -17.33 1.49
N ILE A 730 24.89 -17.30 0.87
CA ILE A 730 24.68 -17.93 -0.43
C ILE A 730 24.95 -16.89 -1.52
N VAL A 731 25.30 -17.37 -2.71
CA VAL A 731 25.58 -16.53 -3.85
C VAL A 731 24.45 -16.72 -4.85
N TYR A 732 23.56 -15.73 -4.93
CA TYR A 732 22.47 -15.78 -5.90
C TYR A 732 23.01 -15.68 -7.32
N LYS A 733 22.28 -16.28 -8.26
CA LYS A 733 22.60 -16.16 -9.67
C LYS A 733 21.85 -15.02 -10.34
N HIS A 734 20.77 -14.53 -9.73
CA HIS A 734 19.93 -13.50 -10.32
C HIS A 734 19.87 -12.29 -9.40
N TYR A 735 19.93 -11.10 -10.01
CA TYR A 735 19.81 -9.87 -9.24
C TYR A 735 18.41 -9.74 -8.63
N ARG A 736 17.44 -10.40 -9.24
CA ARG A 736 16.04 -10.36 -8.72
C ARG A 736 16.00 -10.98 -7.33
N SER A 737 16.71 -12.09 -7.15
CA SER A 737 16.71 -12.79 -5.86
C SER A 737 17.22 -11.83 -4.80
N LEU A 738 18.31 -11.13 -5.10
CA LEU A 738 18.93 -10.21 -4.12
C LEU A 738 18.00 -9.03 -3.85
N ILE A 739 17.56 -8.33 -4.90
CA ILE A 739 16.72 -7.12 -4.71
C ILE A 739 15.45 -7.50 -3.95
N SER A 740 14.83 -8.62 -4.31
CA SER A 740 13.57 -9.08 -3.65
C SER A 740 13.82 -9.28 -2.15
N GLU A 741 14.89 -9.99 -1.81
CA GLU A 741 15.19 -10.30 -0.42
C GLU A 741 15.34 -9.02 0.41
N VAL A 742 16.09 -8.04 -0.11
CA VAL A 742 16.24 -6.80 0.64
C VAL A 742 14.93 -6.02 0.67
N THR A 743 14.11 -6.13 -0.37
CA THR A 743 12.80 -5.48 -0.37
C THR A 743 11.88 -6.10 0.68
N THR A 744 11.96 -7.42 0.85
CA THR A 744 11.22 -8.08 1.92
C THR A 744 11.68 -7.59 3.29
N CYS A 745 13.00 -7.46 3.47
CA CYS A 745 13.52 -6.89 4.71
C CYS A 745 12.97 -5.49 4.94
N PHE A 746 12.86 -4.69 3.88
CA PHE A 746 12.27 -3.36 4.00
C PHE A 746 10.79 -3.41 4.38
N PHE A 747 10.05 -4.35 3.77
CA PHE A 747 8.63 -4.49 4.07
C PHE A 747 8.37 -5.12 5.43
N LEU A 748 9.40 -5.63 6.09
CA LEU A 748 9.24 -6.10 7.47
C LEU A 748 8.95 -4.97 8.45
N PHE A 749 9.10 -3.72 8.03
CA PHE A 749 8.87 -2.57 8.89
C PHE A 749 7.50 -1.97 8.59
N GLU A 750 6.75 -1.67 9.65
CA GLU A 750 5.44 -1.06 9.49
C GLU A 750 5.54 0.38 9.01
N LYS A 751 4.49 0.83 8.33
CA LYS A 751 4.42 2.20 7.85
C LYS A 751 4.25 3.18 8.99
N GLY A 752 4.75 4.39 8.80
CA GLY A 752 4.55 5.46 9.76
C GLY A 752 5.23 5.28 11.11
N LEU A 753 6.49 4.85 11.12
CA LEU A 753 7.27 4.78 12.35
C LEU A 753 7.96 6.11 12.66
N HIS A 754 7.78 7.13 11.83
CA HIS A 754 8.43 8.41 12.00
C HIS A 754 7.94 9.10 13.28
N GLY A 755 8.76 10.01 13.78
CA GLY A 755 8.33 10.90 14.83
C GLY A 755 7.25 11.84 14.33
N ASN A 756 6.10 11.85 15.01
CA ASN A 756 4.94 12.57 14.49
C ASN A 756 5.19 14.07 14.40
N MET A 757 5.72 14.66 15.48
CA MET A 757 5.87 16.11 15.54
C MET A 757 6.89 16.61 14.51
N ASN A 758 8.01 15.91 14.35
CA ASN A 758 9.02 16.31 13.40
C ASN A 758 8.51 16.19 11.97
N GLU A 759 7.80 15.10 11.67
CA GLU A 759 7.31 14.88 10.32
C GLU A 759 6.22 15.86 9.94
N GLU A 760 5.44 16.33 10.92
CA GLU A 760 4.43 17.35 10.63
C GLU A 760 5.05 18.60 10.02
N ALA A 761 6.28 18.93 10.40
CA ALA A 761 6.99 20.05 9.81
C ALA A 761 7.74 19.66 8.54
N LYS A 762 8.33 18.47 8.55
CA LYS A 762 9.08 18.00 7.39
C LYS A 762 8.19 17.84 6.16
N ILE A 763 6.88 17.69 6.33
CA ILE A 763 6.01 17.60 5.17
C ILE A 763 5.69 18.97 4.57
N HIS A 764 5.76 20.04 5.37
CA HIS A 764 5.60 21.40 4.86
C HIS A 764 6.87 21.98 4.28
N LEU A 765 8.03 21.48 4.74
CA LEU A 765 9.31 22.10 4.40
C LEU A 765 9.53 22.19 2.89
N GLU A 766 9.30 21.10 2.17
CA GLU A 766 9.63 21.06 0.75
C GLU A 766 8.77 22.01 -0.06
N THR A 767 7.46 22.05 0.23
CA THR A 767 6.58 22.97 -0.48
C THR A 767 7.00 24.40 -0.23
N VAL A 768 7.32 24.74 1.03
CA VAL A 768 7.75 26.11 1.32
C VAL A 768 9.02 26.45 0.55
N GLU A 769 9.98 25.53 0.56
CA GLU A 769 11.27 25.79 -0.08
C GLU A 769 11.12 25.99 -1.58
N TRP A 770 10.33 25.14 -2.25
CA TRP A 770 10.23 25.28 -3.70
C TRP A 770 9.36 26.45 -4.10
N ALA A 771 8.36 26.82 -3.29
CA ALA A 771 7.64 28.06 -3.56
C ALA A 771 8.57 29.26 -3.45
N LEU A 772 9.47 29.26 -2.46
CA LEU A 772 10.44 30.33 -2.35
C LEU A 772 11.37 30.35 -3.56
N LYS A 773 11.79 29.18 -4.05
CA LYS A 773 12.60 29.12 -5.26
C LYS A 773 11.87 29.73 -6.44
N PHE A 774 10.58 29.42 -6.58
CA PHE A 774 9.77 30.02 -7.64
C PHE A 774 9.74 31.54 -7.51
N ARG A 775 9.65 32.03 -6.28
CA ARG A 775 9.67 33.48 -6.06
C ARG A 775 10.99 34.09 -6.51
N GLU A 776 12.12 33.44 -6.17
CA GLU A 776 13.41 33.96 -6.63
C GLU A 776 13.51 33.96 -8.15
N LYS A 777 13.01 32.91 -8.80
CA LYS A 777 13.03 32.87 -10.25
C LYS A 777 12.19 33.98 -10.85
N GLU A 778 11.00 34.22 -10.28
CA GLU A 778 10.16 35.31 -10.75
C GLU A 778 10.85 36.66 -10.59
N GLU A 779 11.51 36.87 -9.45
CA GLU A 779 12.24 38.12 -9.24
C GLU A 779 13.37 38.29 -10.24
N LYS A 780 14.12 37.22 -10.49
CA LYS A 780 15.29 37.31 -11.37
C LYS A 780 14.89 37.56 -12.81
N TYR A 781 13.94 36.77 -13.34
CA TYR A 781 13.63 36.79 -14.75
C TYR A 781 12.35 37.55 -15.08
N GLY A 782 11.63 38.04 -14.08
CA GLY A 782 10.37 38.68 -14.37
C GLY A 782 9.21 37.71 -14.35
N GLU A 783 8.03 38.23 -13.99
CA GLU A 783 6.85 37.38 -13.89
C GLU A 783 6.42 36.86 -15.25
N SER A 784 6.45 37.71 -16.27
CA SER A 784 5.98 37.32 -17.60
C SER A 784 6.83 36.20 -18.19
N LEU A 785 8.16 36.31 -18.07
CA LEU A 785 9.02 35.27 -18.62
C LEU A 785 8.81 33.93 -17.92
N VAL A 786 8.67 33.95 -16.60
CA VAL A 786 8.48 32.72 -15.85
C VAL A 786 7.14 32.09 -16.18
N GLU A 787 6.06 32.89 -16.18
CA GLU A 787 4.73 32.34 -16.40
C GLU A 787 4.54 31.87 -17.84
N ASN A 788 4.90 32.71 -18.81
CA ASN A 788 4.66 32.41 -20.20
C ASN A 788 5.77 31.59 -20.85
N GLY A 789 6.90 31.41 -20.16
CA GLY A 789 8.02 30.70 -20.73
C GLY A 789 8.98 31.61 -21.47
N TYR A 790 10.15 31.06 -21.78
CA TYR A 790 11.17 31.78 -22.53
C TYR A 790 11.19 31.27 -23.97
N MET A 791 11.58 32.17 -24.88
CA MET A 791 11.72 31.78 -26.27
C MET A 791 13.08 31.12 -26.50
N MET A 792 13.19 30.40 -27.62
CA MET A 792 14.41 29.67 -27.89
C MET A 792 15.57 30.61 -28.21
N TRP A 793 15.29 31.73 -28.87
CA TRP A 793 16.33 32.71 -29.12
C TRP A 793 16.90 33.30 -27.83
N GLU A 794 16.12 33.30 -26.75
CA GLU A 794 16.64 33.70 -25.46
C GLU A 794 17.57 32.65 -24.88
N LEU A 795 17.22 31.37 -25.04
CA LEU A 795 18.08 30.29 -24.57
C LEU A 795 19.40 30.27 -25.32
N ARG A 796 19.37 30.57 -26.62
CA ARG A 796 20.61 30.67 -27.38
C ARG A 796 21.51 31.79 -26.87
N ALA A 797 20.95 32.80 -26.23
CA ALA A 797 21.73 33.90 -25.66
C ALA A 797 22.02 33.71 -24.17
N ASN A 798 21.18 32.95 -23.45
CA ASN A 798 21.37 32.71 -22.02
C ASN A 798 21.13 31.22 -21.77
N ALA A 799 22.21 30.45 -21.79
CA ALA A 799 22.11 29.00 -21.59
C ALA A 799 21.63 28.63 -20.18
N GLU A 800 21.66 29.58 -19.24
CA GLU A 800 21.18 29.31 -17.89
C GLU A 800 19.66 29.18 -17.83
N LEU A 801 18.94 29.53 -18.89
CA LEU A 801 17.49 29.48 -18.85
C LEU A 801 16.96 28.06 -18.72
N ALA A 802 17.71 27.07 -19.21
CA ALA A 802 17.30 25.67 -19.10
C ALA A 802 17.47 25.21 -17.66
N GLU A 803 16.40 25.26 -16.88
CA GLU A 803 16.39 24.74 -15.53
C GLU A 803 14.95 24.49 -15.12
N GLN A 804 14.78 23.88 -13.96
CA GLN A 804 13.44 23.58 -13.47
C GLN A 804 12.68 24.86 -13.15
N GLN A 805 11.36 24.79 -13.23
CA GLN A 805 10.40 25.89 -13.04
C GLN A 805 10.44 26.89 -14.20
N LEU A 806 11.29 26.70 -15.20
CA LEU A 806 11.30 27.49 -16.40
C LEU A 806 11.14 26.58 -17.61
N TYR A 807 10.35 27.03 -18.59
CA TYR A 807 10.07 26.22 -19.76
C TYR A 807 10.17 27.07 -21.02
N CYS A 808 10.40 26.41 -22.14
CA CYS A 808 10.51 27.06 -23.44
C CYS A 808 9.19 26.90 -24.19
N GLN A 809 8.60 28.04 -24.59
CA GLN A 809 7.33 27.99 -25.32
C GLN A 809 7.48 27.22 -26.63
N ASP A 810 8.59 27.42 -27.33
CA ASP A 810 8.84 26.69 -28.56
C ASP A 810 8.89 25.19 -28.31
N ALA A 811 9.51 24.77 -27.21
CA ALA A 811 9.55 23.36 -26.88
C ALA A 811 8.16 22.81 -26.60
N ILE A 812 7.33 23.55 -25.87
CA ILE A 812 5.97 23.10 -25.58
C ILE A 812 5.19 22.93 -26.88
N GLU A 813 5.27 23.92 -27.76
CA GLU A 813 4.51 23.85 -29.00
C GLU A 813 5.02 22.72 -29.90
N LEU A 814 6.33 22.53 -29.99
CA LEU A 814 6.86 21.45 -30.82
C LEU A 814 6.50 20.08 -30.26
N ALA A 815 6.52 19.93 -28.93
CA ALA A 815 6.08 18.69 -28.33
C ALA A 815 4.60 18.43 -28.60
N ALA A 816 3.78 19.49 -28.53
CA ALA A 816 2.36 19.34 -28.84
C ALA A 816 2.17 18.94 -30.31
N ILE A 817 3.00 19.48 -31.20
CA ILE A 817 2.93 19.08 -32.61
C ILE A 817 3.30 17.61 -32.76
N GLU A 818 4.35 17.17 -32.07
CA GLU A 818 4.76 15.77 -32.14
C GLU A 818 3.65 14.85 -31.64
N LEU A 819 2.93 15.27 -30.60
CA LEU A 819 1.82 14.46 -30.11
C LEU A 819 0.62 14.53 -31.06
N ASN A 820 0.39 15.69 -31.68
CA ASN A 820 -0.69 15.83 -32.64
C ASN A 820 -0.47 14.95 -33.85
N LYS A 821 0.79 14.69 -34.21
CA LYS A 821 1.06 13.79 -35.32
C LYS A 821 0.49 12.40 -35.10
N VAL A 822 0.25 12.03 -33.85
CA VAL A 822 -0.44 10.78 -33.53
C VAL A 822 -1.92 11.00 -33.27
N LEU A 823 -2.26 12.08 -32.57
CA LEU A 823 -3.64 12.36 -32.20
C LEU A 823 -4.53 12.66 -33.40
N ALA A 824 -3.96 13.08 -34.53
CA ALA A 824 -4.77 13.42 -35.69
C ALA A 824 -5.18 12.19 -36.50
N THR A 825 -4.51 11.06 -36.31
CA THR A 825 -4.90 9.83 -36.98
C THR A 825 -6.07 9.13 -36.30
N LYS A 826 -6.49 9.60 -35.14
CA LYS A 826 -7.62 9.05 -34.41
C LYS A 826 -8.47 10.18 -33.86
N SER A 827 -8.75 11.17 -34.72
CA SER A 827 -9.47 12.37 -34.28
C SER A 827 -10.86 12.03 -33.79
N SER A 828 -11.58 11.18 -34.52
CA SER A 828 -12.92 10.80 -34.09
C SER A 828 -12.90 10.06 -32.75
N VAL A 829 -11.93 9.16 -32.58
CA VAL A 829 -11.81 8.42 -31.32
C VAL A 829 -11.54 9.37 -30.16
N VAL A 830 -10.61 10.31 -30.36
CA VAL A 830 -10.27 11.26 -29.31
C VAL A 830 -11.46 12.14 -28.97
N ALA A 831 -12.16 12.63 -29.99
CA ALA A 831 -13.31 13.49 -29.76
C ALA A 831 -14.42 12.76 -29.02
N ASN A 832 -14.70 11.51 -29.41
CA ASN A 832 -15.74 10.74 -28.75
C ASN A 832 -15.36 10.43 -27.31
N SER A 833 -14.09 10.09 -27.08
CA SER A 833 -13.63 9.82 -25.72
C SER A 833 -13.76 11.05 -24.84
N ILE A 834 -13.45 12.23 -25.39
CA ILE A 834 -13.66 13.47 -24.65
C ILE A 834 -15.14 13.68 -24.36
N LEU A 835 -15.98 13.48 -25.37
CA LEU A 835 -17.42 13.69 -25.21
C LEU A 835 -18.07 12.61 -24.35
N SER A 836 -17.38 11.50 -24.12
CA SER A 836 -17.89 10.43 -23.26
C SER A 836 -17.60 10.65 -21.79
N LYS A 837 -17.34 11.90 -21.41
CA LYS A 837 -17.07 12.26 -20.03
C LYS A 837 -18.32 12.90 -19.41
N ASN A 838 -18.17 13.41 -18.19
CA ASN A 838 -19.29 13.96 -17.41
C ASN A 838 -19.45 15.45 -17.65
N TRP A 839 -19.61 15.86 -18.91
CA TRP A 839 -19.63 17.28 -19.23
C TRP A 839 -21.01 17.89 -18.99
N GLU A 840 -22.08 17.14 -19.25
CA GLU A 840 -23.43 17.61 -18.99
C GLU A 840 -24.10 16.87 -17.84
N GLU A 841 -23.48 15.84 -17.29
CA GLU A 841 -24.01 15.17 -16.12
C GLU A 841 -23.92 16.12 -14.91
N PRO A 842 -24.89 16.10 -14.01
CA PRO A 842 -24.80 16.93 -12.81
C PRO A 842 -23.57 16.59 -11.98
N TYR A 843 -23.00 17.62 -11.35
CA TYR A 843 -21.71 17.49 -10.69
C TYR A 843 -21.78 16.53 -9.50
N PHE A 844 -22.75 16.72 -8.63
CA PHE A 844 -22.80 16.00 -7.37
C PHE A 844 -23.48 14.65 -7.46
N SER A 845 -23.99 14.28 -8.63
CA SER A 845 -24.60 12.97 -8.84
C SER A 845 -23.57 11.90 -9.19
N GLN A 846 -22.29 12.15 -8.90
CA GLN A 846 -21.22 11.20 -9.19
C GLN A 846 -20.64 10.68 -7.88
N THR A 847 -20.27 9.40 -7.88
CA THR A 847 -19.78 8.76 -6.65
C THR A 847 -18.52 9.44 -6.14
N ARG A 848 -17.63 9.85 -7.05
CA ARG A 848 -16.41 10.54 -6.64
C ARG A 848 -16.70 11.90 -6.01
N ASN A 849 -17.88 12.46 -6.24
CA ASN A 849 -18.23 13.78 -5.71
C ASN A 849 -18.97 13.71 -4.38
N ILE A 850 -19.30 12.52 -3.90
CA ILE A 850 -20.00 12.39 -2.63
C ILE A 850 -19.31 11.35 -1.76
N SER A 851 -18.01 11.13 -2.01
CA SER A 851 -17.28 10.10 -1.30
C SER A 851 -16.96 10.54 0.13
N LEU A 852 -16.34 9.64 0.89
CA LEU A 852 -15.92 9.90 2.26
C LEU A 852 -14.46 10.33 2.36
N LYS A 853 -13.83 10.68 1.24
CA LYS A 853 -12.46 11.13 1.27
C LYS A 853 -12.40 12.58 1.77
N GLY A 854 -11.22 12.97 2.22
CA GLY A 854 -11.06 14.26 2.87
C GLY A 854 -11.27 15.42 1.91
N MET A 855 -11.66 16.56 2.48
CA MET A 855 -11.92 17.76 1.71
C MET A 855 -11.69 18.97 2.61
N SER A 856 -11.25 20.06 2.00
CA SER A 856 -11.09 21.32 2.72
C SER A 856 -12.40 22.08 2.72
N GLY A 857 -12.71 22.70 3.85
CA GLY A 857 -13.92 23.49 3.97
C GLY A 857 -13.66 24.95 3.70
N GLN A 858 -13.84 25.78 4.72
CA GLN A 858 -13.64 27.22 4.62
C GLN A 858 -12.65 27.67 5.67
N VAL A 859 -12.07 28.85 5.45
CA VAL A 859 -11.11 29.41 6.40
C VAL A 859 -11.87 29.80 7.66
N GLN A 860 -11.44 29.27 8.80
CA GLN A 860 -12.13 29.52 10.06
C GLN A 860 -11.70 30.88 10.63
N GLU A 861 -12.24 31.22 11.79
CA GLU A 861 -11.89 32.48 12.44
C GLU A 861 -10.43 32.48 12.86
N ASP A 862 -9.92 31.34 13.34
CA ASP A 862 -8.51 31.26 13.72
C ASP A 862 -7.60 31.43 12.50
N GLY A 863 -8.07 31.02 11.33
CA GLY A 863 -7.30 31.16 10.10
C GLY A 863 -6.93 29.84 9.43
N HIS A 864 -7.27 28.70 10.03
CA HIS A 864 -6.96 27.42 9.42
C HIS A 864 -8.05 27.02 8.43
N LEU A 865 -7.72 26.06 7.58
CA LEU A 865 -8.69 25.51 6.63
C LEU A 865 -9.41 24.33 7.28
N SER A 866 -10.73 24.32 7.19
CA SER A 866 -11.52 23.31 7.86
C SER A 866 -11.30 21.94 7.25
N SER A 867 -11.54 20.91 8.05
CA SER A 867 -11.49 19.53 7.62
C SER A 867 -12.90 18.98 7.50
N SER A 868 -13.22 18.37 6.36
CA SER A 868 -14.52 17.76 6.16
C SER A 868 -14.32 16.59 5.21
N VAL A 869 -15.43 16.00 4.76
CA VAL A 869 -15.40 14.99 3.71
C VAL A 869 -16.13 15.55 2.50
N THR A 870 -15.98 14.85 1.37
CA THR A 870 -16.58 15.31 0.13
C THR A 870 -18.10 15.35 0.22
N ILE A 871 -18.70 14.36 0.88
CA ILE A 871 -20.15 14.28 0.97
C ILE A 871 -20.70 15.43 1.81
N ILE A 872 -20.00 15.82 2.87
CA ILE A 872 -20.47 16.92 3.71
C ILE A 872 -20.49 18.23 2.93
N GLU A 873 -19.42 18.50 2.18
CA GLU A 873 -19.39 19.72 1.37
C GLU A 873 -20.44 19.66 0.26
N ALA A 874 -20.64 18.49 -0.34
CA ALA A 874 -21.69 18.32 -1.33
C ALA A 874 -23.05 18.67 -0.76
N ILE A 875 -23.36 18.14 0.42
CA ILE A 875 -24.66 18.38 1.04
C ILE A 875 -24.80 19.84 1.43
N ARG A 876 -23.71 20.46 1.90
CA ARG A 876 -23.76 21.89 2.24
C ARG A 876 -24.09 22.73 1.01
N TYR A 877 -23.38 22.47 -0.10
CA TYR A 877 -23.66 23.21 -1.33
C TYR A 877 -25.09 22.99 -1.80
N LEU A 878 -25.55 21.73 -1.78
CA LEU A 878 -26.89 21.43 -2.24
C LEU A 878 -27.95 22.12 -1.39
N SER A 879 -27.76 22.11 -0.06
CA SER A 879 -28.69 22.80 0.81
C SER A 879 -28.70 24.30 0.54
N ASN A 880 -27.53 24.89 0.32
CA ASN A 880 -27.47 26.33 0.05
C ASN A 880 -27.77 26.68 -1.41
N SER A 881 -27.98 25.70 -2.27
CA SER A 881 -28.25 25.95 -3.68
C SER A 881 -29.74 25.76 -3.98
N ARG A 882 -30.09 25.84 -5.26
CA ARG A 882 -31.46 25.62 -5.71
C ARG A 882 -31.59 24.51 -6.74
N HIS A 883 -30.52 24.13 -7.42
CA HIS A 883 -30.54 23.05 -8.39
C HIS A 883 -29.24 22.27 -8.28
N ASN A 884 -29.11 21.23 -9.11
CA ASN A 884 -27.88 20.46 -9.16
C ASN A 884 -27.08 20.92 -10.36
N PRO A 885 -25.96 21.63 -10.18
CA PRO A 885 -25.22 22.17 -11.33
C PRO A 885 -24.40 21.11 -12.03
N SER A 886 -23.89 21.48 -13.20
CA SER A 886 -22.98 20.64 -13.94
C SER A 886 -21.53 21.00 -13.62
N LEU A 887 -20.61 20.19 -14.12
CA LEU A 887 -19.19 20.44 -13.89
C LEU A 887 -18.78 21.79 -14.46
N LEU A 888 -19.16 22.06 -15.71
CA LEU A 888 -18.87 23.35 -16.31
C LEU A 888 -19.63 24.47 -15.62
N LYS A 889 -20.89 24.23 -15.26
CA LYS A 889 -21.67 25.24 -14.55
C LYS A 889 -21.09 25.51 -13.17
N LEU A 890 -20.67 24.45 -12.46
CA LEU A 890 -20.06 24.63 -11.15
C LEU A 890 -18.76 25.42 -11.27
N TYR A 891 -17.96 25.14 -12.30
CA TYR A 891 -16.77 25.94 -12.51
C TYR A 891 -17.11 27.39 -12.76
N GLU A 892 -18.16 27.64 -13.56
CA GLU A 892 -18.57 29.01 -13.84
C GLU A 892 -18.98 29.74 -12.55
N GLU A 893 -19.70 29.05 -11.66
CA GLU A 893 -20.20 29.69 -10.46
C GLU A 893 -19.07 30.01 -9.48
N THR A 894 -18.06 29.14 -9.40
CA THR A 894 -17.03 29.23 -8.37
C THR A 894 -15.67 29.62 -8.92
N ARG A 895 -15.63 30.21 -10.11
CA ARG A 895 -14.32 30.50 -10.75
C ARG A 895 -13.57 31.60 -9.98
N GLU A 896 -14.28 32.56 -9.39
CA GLU A 896 -13.60 33.71 -8.75
C GLU A 896 -12.92 33.30 -7.44
N GLN A 897 -13.46 32.29 -6.74
CA GLN A 897 -12.85 31.80 -5.49
C GLN A 897 -11.45 31.28 -5.81
N LYS A 898 -10.55 31.19 -4.84
CA LYS A 898 -9.15 30.77 -5.14
C LYS A 898 -8.90 29.33 -4.71
N ALA A 899 -7.95 28.67 -5.35
CA ALA A 899 -7.57 27.29 -4.97
C ALA A 899 -6.90 27.29 -3.59
N MET A 900 -7.35 26.42 -2.69
CA MET A 900 -6.80 26.28 -1.36
C MET A 900 -6.46 24.82 -1.11
N ALA A 901 -5.50 24.58 -0.22
CA ALA A 901 -5.09 23.22 0.09
C ALA A 901 -4.43 23.16 1.45
N ARG A 902 -4.43 21.96 2.02
CA ARG A 902 -3.63 21.58 3.17
C ARG A 902 -2.78 20.38 2.77
N ILE A 903 -1.78 20.07 3.58
CA ILE A 903 -0.98 18.86 3.42
C ILE A 903 -1.08 18.03 4.68
N VAL A 904 -1.37 16.73 4.53
CA VAL A 904 -1.39 15.82 5.67
C VAL A 904 -0.55 14.60 5.33
N ARG A 905 -0.15 13.89 6.39
CA ARG A 905 0.79 12.79 6.25
C ARG A 905 0.17 11.62 5.53
N LYS A 906 0.97 10.99 4.65
CA LYS A 906 0.56 9.75 4.00
C LYS A 906 0.82 8.51 4.84
N TYR A 907 1.65 8.63 5.87
CA TYR A 907 2.00 7.50 6.74
C TYR A 907 2.57 6.33 5.95
N GLN A 908 3.71 6.52 5.32
CA GLN A 908 4.39 5.49 4.55
C GLN A 908 5.66 5.08 5.27
N ARG A 909 6.36 4.08 4.72
CA ARG A 909 7.53 3.50 5.35
C ARG A 909 8.84 4.04 4.76
N THR A 910 8.78 5.11 3.98
CA THR A 910 10.00 5.69 3.44
C THR A 910 10.72 6.48 4.52
N GLU A 911 11.99 6.80 4.24
CA GLU A 911 12.81 7.53 5.21
C GLU A 911 12.23 8.90 5.49
N ALA A 912 11.78 9.60 4.46
CA ALA A 912 11.06 10.86 4.60
C ALA A 912 9.62 10.65 4.19
N ASP A 913 8.69 10.99 5.08
CA ASP A 913 7.26 10.81 4.81
C ASP A 913 6.79 11.91 3.88
N ARG A 914 6.37 11.53 2.68
CA ARG A 914 5.69 12.46 1.79
C ARG A 914 4.27 12.70 2.31
N GLY A 915 3.78 13.92 2.11
CA GLY A 915 2.42 14.26 2.47
C GLY A 915 1.61 14.49 1.21
N PHE A 916 0.30 14.28 1.32
CA PHE A 916 -0.59 14.54 0.21
C PHE A 916 -1.53 15.68 0.55
N PHE A 917 -1.99 16.36 -0.49
CA PHE A 917 -2.73 17.61 -0.36
C PHE A 917 -4.23 17.36 -0.43
N ILE A 918 -4.94 17.98 0.50
CA ILE A 918 -6.40 17.99 0.51
C ILE A 918 -6.86 19.40 0.14
N THR A 919 -7.56 19.52 -0.98
CA THR A 919 -7.98 20.80 -1.52
C THR A 919 -9.46 21.03 -1.22
N THR A 920 -9.93 22.22 -1.57
CA THR A 920 -11.32 22.58 -1.34
C THR A 920 -12.15 22.22 -2.56
N LEU A 921 -13.43 22.64 -2.57
CA LEU A 921 -14.35 22.19 -3.61
C LEU A 921 -14.09 22.84 -4.96
N PRO A 922 -13.97 24.17 -5.09
CA PRO A 922 -13.69 24.75 -6.41
C PRO A 922 -12.38 24.25 -7.00
N THR A 923 -11.37 24.02 -6.16
CA THR A 923 -10.13 23.42 -6.63
C THR A 923 -10.41 22.03 -7.21
N ARG A 924 -11.25 21.24 -6.54
CA ARG A 924 -11.59 19.93 -7.07
C ARG A 924 -12.35 20.04 -8.39
N CYS A 925 -13.19 21.06 -8.54
CA CYS A 925 -13.90 21.26 -9.79
C CYS A 925 -12.92 21.55 -10.93
N ARG A 926 -12.01 22.50 -10.70
CA ARG A 926 -11.00 22.86 -11.73
C ARG A 926 -10.17 21.62 -12.07
N LEU A 927 -9.67 20.91 -11.05
CA LEU A 927 -8.83 19.75 -11.28
C LEU A 927 -9.59 18.64 -11.99
N GLU A 928 -10.87 18.48 -11.68
CA GLU A 928 -11.68 17.48 -12.36
C GLU A 928 -11.85 17.81 -13.83
N ILE A 929 -12.07 19.09 -14.15
CA ILE A 929 -12.17 19.47 -15.56
C ILE A 929 -10.87 19.13 -16.29
N ILE A 930 -9.74 19.58 -15.73
CA ILE A 930 -8.44 19.38 -16.39
C ILE A 930 -8.15 17.90 -16.53
N GLU A 931 -8.35 17.14 -15.45
CA GLU A 931 -7.97 15.73 -15.43
C GLU A 931 -8.90 14.89 -16.28
N ASP A 932 -10.19 15.22 -16.35
CA ASP A 932 -11.09 14.52 -17.25
C ASP A 932 -10.66 14.74 -18.70
N TYR A 933 -10.41 16.01 -19.07
CA TYR A 933 -9.96 16.32 -20.41
C TYR A 933 -8.69 15.54 -20.76
N TYR A 934 -7.70 15.59 -19.86
CA TYR A 934 -6.41 15.00 -20.18
C TYR A 934 -6.40 13.48 -20.08
N ASP A 935 -7.22 12.89 -19.21
CA ASP A 935 -7.35 11.44 -19.19
C ASP A 935 -8.03 10.94 -20.47
N ALA A 936 -9.07 11.65 -20.93
CA ALA A 936 -9.70 11.28 -22.18
C ALA A 936 -8.71 11.37 -23.34
N ILE A 937 -7.88 12.42 -23.36
CA ILE A 937 -6.91 12.55 -24.45
C ILE A 937 -5.81 11.49 -24.32
N ALA A 938 -5.33 11.23 -23.11
CA ALA A 938 -4.21 10.35 -22.87
C ALA A 938 -4.55 8.87 -22.97
N LYS A 939 -5.83 8.50 -22.92
CA LYS A 939 -6.19 7.10 -23.13
C LYS A 939 -5.78 6.60 -24.50
N ASN A 940 -5.50 7.50 -25.44
CA ASN A 940 -5.17 7.15 -26.81
C ASN A 940 -3.67 7.14 -27.09
N ILE A 941 -2.85 7.26 -26.05
CA ILE A 941 -1.39 7.28 -26.19
C ILE A 941 -0.83 6.06 -25.48
N SER A 942 0.02 5.31 -26.18
CA SER A 942 0.58 4.08 -25.63
C SER A 942 1.82 4.32 -24.77
N GLU A 943 2.41 5.51 -24.82
CA GLU A 943 3.57 5.82 -23.99
C GLU A 943 3.20 6.43 -22.65
N GLU A 944 1.92 6.68 -22.41
CA GLU A 944 1.42 7.16 -21.13
C GLU A 944 0.83 5.98 -20.39
N TYR A 945 1.22 5.82 -19.11
CA TYR A 945 0.91 4.58 -18.40
C TYR A 945 -0.03 4.77 -17.22
N ILE A 946 -0.26 6.00 -16.75
CA ILE A 946 -1.29 6.18 -15.74
C ILE A 946 -2.67 5.91 -16.33
N SER A 947 -2.87 6.24 -17.61
CA SER A 947 -4.15 5.99 -18.26
C SER A 947 -4.48 4.52 -18.39
N TYR A 948 -3.49 3.63 -18.24
CA TYR A 948 -3.73 2.20 -18.34
C TYR A 948 -4.50 1.72 -17.12
N GLY A 949 -4.83 0.42 -17.12
CA GLY A 949 -5.50 -0.19 -16.00
C GLY A 949 -4.55 -0.44 -14.83
N GLY A 950 -5.10 -1.05 -13.79
CA GLY A 950 -4.32 -1.30 -12.60
C GLY A 950 -3.12 -2.21 -12.86
N GLU A 951 -3.33 -3.26 -13.64
CA GLU A 951 -2.26 -4.20 -13.98
C GLU A 951 -2.03 -4.31 -15.48
N LYS A 952 -2.77 -3.57 -16.30
CA LYS A 952 -2.51 -3.54 -17.74
C LYS A 952 -1.19 -2.83 -18.03
N LYS A 953 -0.69 -2.04 -17.08
CA LYS A 953 0.59 -1.37 -17.26
C LYS A 953 1.72 -2.38 -17.45
N ILE A 954 1.69 -3.48 -16.70
CA ILE A 954 2.74 -4.49 -16.82
C ILE A 954 2.70 -5.14 -18.19
N LEU A 955 1.49 -5.42 -18.70
CA LEU A 955 1.36 -5.98 -20.05
C LEU A 955 1.89 -5.01 -21.09
N ALA A 956 1.56 -3.72 -20.95
CA ALA A 956 2.01 -2.72 -21.92
C ALA A 956 3.53 -2.60 -21.91
N ILE A 957 4.14 -2.55 -20.73
CA ILE A 957 5.59 -2.43 -20.67
C ILE A 957 6.25 -3.71 -21.16
N GLN A 958 5.59 -4.86 -20.96
CA GLN A 958 6.08 -6.10 -21.55
C GLN A 958 6.10 -5.99 -23.07
N GLY A 959 5.03 -5.49 -23.67
CA GLY A 959 4.98 -5.34 -25.11
C GLY A 959 6.05 -4.39 -25.63
N ALA A 960 6.27 -3.29 -24.92
CA ALA A 960 7.34 -2.36 -25.29
C ALA A 960 8.70 -3.04 -25.22
N LEU A 961 8.93 -3.86 -24.19
CA LEU A 961 10.19 -4.59 -24.08
C LEU A 961 10.36 -5.59 -25.22
N GLU A 962 9.28 -6.27 -25.60
CA GLU A 962 9.38 -7.18 -26.74
C GLU A 962 9.71 -6.43 -28.01
N LYS A 963 9.12 -5.25 -28.21
CA LYS A 963 9.47 -4.44 -29.38
C LYS A 963 10.95 -4.06 -29.36
N ALA A 964 11.45 -3.65 -28.20
CA ALA A 964 12.86 -3.29 -28.09
C ALA A 964 13.78 -4.48 -28.38
N LEU A 965 13.44 -5.66 -27.85
CA LEU A 965 14.27 -6.83 -28.09
C LEU A 965 14.14 -7.34 -29.52
N ARG A 966 13.02 -7.08 -30.17
CA ARG A 966 12.86 -7.47 -31.57
C ARG A 966 13.66 -6.55 -32.49
N TRP A 967 13.71 -5.26 -32.18
CA TRP A 967 14.53 -4.35 -32.98
C TRP A 967 16.01 -4.75 -32.91
N ALA A 968 16.50 -5.04 -31.71
CA ALA A 968 17.91 -5.41 -31.55
C ALA A 968 18.24 -6.74 -32.20
N SER A 969 17.24 -7.53 -32.58
CA SER A 969 17.46 -8.79 -33.28
C SER A 969 17.62 -8.50 -34.76
N GLY A 970 18.86 -8.31 -35.19
CA GLY A 970 19.12 -7.97 -36.57
C GLY A 970 20.46 -7.25 -36.69
N GLU A 971 20.55 -6.42 -37.74
CA GLU A 971 21.78 -5.69 -38.02
C GLU A 971 21.42 -4.38 -38.71
N SER A 972 22.36 -3.44 -38.67
CA SER A 972 22.17 -2.12 -39.27
C SER A 972 23.25 -1.86 -40.32
N PHE A 973 22.93 -0.98 -41.27
CA PHE A 973 23.84 -0.67 -42.36
C PHE A 973 23.94 0.84 -42.53
N ILE A 974 25.16 1.36 -42.61
CA ILE A 974 25.36 2.82 -42.83
C ILE A 974 25.92 3.02 -44.24
N GLU A 975 25.17 3.72 -45.10
CA GLU A 975 25.65 3.99 -46.49
C GLU A 975 27.03 4.64 -46.42
N LEU A 976 27.85 4.46 -47.45
CA LEU A 976 29.24 5.00 -47.41
C LEU A 976 29.48 5.92 -48.61
N SER A 977 30.35 6.92 -48.45
CA SER A 977 30.65 7.89 -49.54
C SER A 977 30.46 7.22 -50.90
N ASN A 978 31.28 6.22 -51.22
CA ASN A 978 31.20 5.57 -52.55
C ASN A 978 30.07 4.54 -52.56
N HIS A 979 28.81 4.98 -52.43
CA HIS A 979 27.65 4.06 -52.48
C HIS A 979 28.01 2.70 -51.85
N LYS A 980 28.73 2.71 -50.73
CA LYS A 980 29.07 1.44 -50.03
C LYS A 980 28.29 1.39 -48.72
N PHE A 981 28.63 0.46 -47.81
CA PHE A 981 27.84 0.32 -46.57
C PHE A 981 28.70 -0.20 -45.42
N ILE A 982 28.79 0.58 -44.34
CA ILE A 982 29.53 0.11 -43.14
C ILE A 982 28.51 -0.57 -42.22
N ARG A 983 28.75 -1.85 -41.91
CA ARG A 983 27.81 -2.62 -41.07
C ARG A 983 27.87 -2.12 -39.62
N MET A 984 26.83 -2.39 -38.85
CA MET A 984 26.73 -1.93 -37.48
C MET A 984 25.88 -2.91 -36.67
N LYS A 985 26.27 -3.12 -35.42
CA LYS A 985 25.57 -4.01 -34.51
C LYS A 985 24.60 -3.19 -33.66
N ARG A 986 23.36 -3.68 -33.56
CA ARG A 986 22.35 -3.01 -32.75
C ARG A 986 22.48 -3.44 -31.29
N LYS A 987 22.46 -2.47 -30.38
CA LYS A 987 22.56 -2.72 -28.96
C LYS A 987 21.50 -1.90 -28.23
N LEU A 988 21.11 -2.37 -27.05
CA LEU A 988 20.08 -1.73 -26.26
C LEU A 988 20.67 -1.20 -24.95
N MET A 989 20.03 -0.16 -24.42
CA MET A 989 20.41 0.40 -23.13
C MET A 989 19.16 0.94 -22.46
N TYR A 990 18.84 0.42 -21.27
CA TYR A 990 17.68 0.83 -20.51
C TYR A 990 18.09 1.86 -19.46
N VAL A 991 17.35 2.95 -19.41
CA VAL A 991 17.46 3.96 -18.37
C VAL A 991 16.21 3.84 -17.50
N SER A 992 16.39 3.40 -16.27
CA SER A 992 15.32 3.40 -15.27
C SER A 992 15.43 4.71 -14.53
N ALA A 993 14.56 5.66 -14.87
CA ALA A 993 14.74 7.05 -14.51
C ALA A 993 13.68 7.50 -13.52
N ASP A 994 14.12 8.27 -12.53
CA ASP A 994 13.25 8.99 -11.62
C ASP A 994 13.35 10.47 -11.94
N ALA A 995 12.34 11.23 -11.50
CA ALA A 995 12.28 12.65 -11.76
C ALA A 995 12.44 13.41 -10.45
N THR A 996 13.41 14.34 -10.41
CA THR A 996 13.68 15.12 -9.22
C THR A 996 12.61 16.20 -9.07
N LYS A 997 11.91 16.17 -7.94
CA LYS A 997 10.90 17.18 -7.59
C LYS A 997 9.92 17.39 -8.75
N TRP A 998 9.24 16.31 -9.09
CA TRP A 998 8.46 16.26 -10.33
C TRP A 998 7.35 17.32 -10.32
N SER A 999 6.53 17.33 -9.29
CA SER A 999 5.55 18.40 -9.13
C SER A 999 6.12 19.66 -8.48
N PRO A 1000 6.91 19.58 -7.40
CA PRO A 1000 7.34 20.83 -6.74
C PRO A 1000 8.21 21.73 -7.60
N GLY A 1001 9.15 21.15 -8.35
CA GLY A 1001 10.03 21.95 -9.18
C GLY A 1001 9.47 22.18 -10.57
N ASP A 1002 8.18 22.47 -10.66
CA ASP A 1002 7.49 22.57 -11.93
C ASP A 1002 6.79 23.91 -12.05
N ASN A 1003 6.46 24.24 -13.29
CA ASN A 1003 5.60 25.38 -13.61
C ASN A 1003 4.36 24.85 -14.30
N SER A 1004 3.19 25.11 -13.73
CA SER A 1004 1.96 24.53 -14.28
C SER A 1004 1.49 25.26 -15.53
N ALA A 1005 1.85 26.54 -15.67
CA ALA A 1005 1.43 27.33 -16.83
C ALA A 1005 1.88 26.70 -18.14
N LYS A 1006 2.95 25.90 -18.12
CA LYS A 1006 3.41 25.24 -19.34
C LYS A 1006 2.33 24.36 -19.95
N PHE A 1007 1.38 23.90 -19.13
CA PHE A 1007 0.30 23.09 -19.66
C PHE A 1007 -0.64 23.90 -20.54
N ARG A 1008 -0.88 25.17 -20.19
CA ARG A 1008 -1.86 25.98 -20.91
C ARG A 1008 -1.60 25.96 -22.41
N ARG A 1009 -0.41 26.42 -22.83
CA ARG A 1009 -0.09 26.40 -24.25
C ARG A 1009 -0.15 24.98 -24.80
N PHE A 1010 0.34 24.00 -24.04
CA PHE A 1010 0.19 22.60 -24.43
C PHE A 1010 -1.26 22.29 -24.74
N THR A 1011 -2.17 22.65 -23.83
CA THR A 1011 -3.58 22.38 -24.04
C THR A 1011 -4.11 23.13 -25.26
N SER A 1012 -3.57 24.33 -25.51
CA SER A 1012 -4.05 25.09 -26.67
C SER A 1012 -3.55 24.50 -27.97
N MET A 1013 -2.56 23.62 -27.93
CA MET A 1013 -1.99 23.08 -29.15
C MET A 1013 -2.20 21.59 -29.32
N LEU A 1014 -2.85 20.93 -28.36
CA LEU A 1014 -3.13 19.51 -28.47
C LEU A 1014 -4.41 19.30 -29.28
N HIS A 1015 -4.34 18.37 -30.23
CA HIS A 1015 -5.42 18.19 -31.19
C HIS A 1015 -6.53 17.34 -30.60
N ASN A 1016 -7.72 17.93 -30.46
CA ASN A 1016 -8.94 17.20 -30.15
C ASN A 1016 -9.87 17.34 -31.35
N GLY A 1017 -10.68 16.31 -31.59
CA GLY A 1017 -11.51 16.27 -32.77
C GLY A 1017 -12.76 17.12 -32.69
N LEU A 1018 -12.89 17.89 -31.61
CA LEU A 1018 -14.07 18.73 -31.43
C LEU A 1018 -14.10 19.84 -32.48
N PRO A 1019 -15.30 20.29 -32.85
CA PRO A 1019 -15.42 21.31 -33.92
C PRO A 1019 -15.19 22.75 -33.47
N ASN A 1020 -14.69 22.98 -32.26
CA ASN A 1020 -14.45 24.32 -31.77
C ASN A 1020 -13.41 24.26 -30.66
N ASN A 1021 -13.18 25.40 -30.02
CA ASN A 1021 -12.19 25.51 -28.95
C ASN A 1021 -12.84 25.82 -27.60
N LYS A 1022 -14.16 25.70 -27.50
CA LYS A 1022 -14.86 26.12 -26.29
C LYS A 1022 -14.41 25.29 -25.07
N LEU A 1023 -14.45 23.97 -25.19
CA LEU A 1023 -14.00 23.12 -24.10
C LEU A 1023 -12.50 23.25 -23.88
N LYS A 1024 -11.73 23.38 -24.98
CA LYS A 1024 -10.30 23.62 -24.86
C LYS A 1024 -10.01 24.90 -24.11
N ASN A 1025 -10.73 25.97 -24.44
CA ASN A 1025 -10.57 27.23 -23.73
C ASN A 1025 -10.98 27.12 -22.27
N CYS A 1026 -12.02 26.33 -21.97
CA CYS A 1026 -12.40 26.12 -20.58
C CYS A 1026 -11.31 25.40 -19.80
N VAL A 1027 -10.67 24.41 -20.43
CA VAL A 1027 -9.56 23.70 -19.77
C VAL A 1027 -8.39 24.64 -19.54
N ILE A 1028 -8.08 25.49 -20.52
CA ILE A 1028 -7.00 26.46 -20.35
C ILE A 1028 -7.33 27.42 -19.21
N ASP A 1029 -8.59 27.83 -19.14
CA ASP A 1029 -9.01 28.75 -18.04
C ASP A 1029 -8.82 28.04 -16.70
N ALA A 1030 -9.24 26.77 -16.61
CA ALA A 1030 -9.10 26.03 -15.37
C ALA A 1030 -7.64 25.90 -14.98
N LEU A 1031 -6.75 25.68 -15.96
CA LEU A 1031 -5.32 25.63 -15.66
C LEU A 1031 -4.82 26.99 -15.15
N LYS A 1032 -5.33 28.08 -15.73
CA LYS A 1032 -4.97 29.41 -15.23
C LYS A 1032 -5.43 29.59 -13.79
N GLN A 1033 -6.56 28.98 -13.43
CA GLN A 1033 -7.13 29.17 -12.09
C GLN A 1033 -6.46 28.32 -11.02
N VAL A 1034 -5.57 27.39 -11.39
CA VAL A 1034 -4.80 26.62 -10.42
C VAL A 1034 -3.34 27.05 -10.38
N TYR A 1035 -2.97 28.11 -11.08
CA TYR A 1035 -1.59 28.59 -11.07
C TYR A 1035 -1.19 29.10 -9.69
N LYS A 1036 -2.08 29.82 -9.02
CA LYS A 1036 -1.84 30.36 -7.70
C LYS A 1036 -2.73 29.66 -6.69
N THR A 1037 -2.13 29.13 -5.63
CA THR A 1037 -2.87 28.39 -4.62
C THR A 1037 -2.50 28.91 -3.23
N ASP A 1038 -3.45 28.74 -2.30
CA ASP A 1038 -3.20 29.00 -0.89
C ASP A 1038 -2.73 27.71 -0.24
N PHE A 1039 -1.63 27.78 0.49
CA PHE A 1039 -1.09 26.66 1.23
C PHE A 1039 -1.17 26.97 2.71
N PHE A 1040 -2.03 26.25 3.41
CA PHE A 1040 -2.20 26.40 4.85
C PHE A 1040 -1.32 25.42 5.59
N MET A 1041 -0.81 25.84 6.74
CA MET A 1041 -0.14 24.92 7.64
C MET A 1041 -1.16 24.26 8.56
N SER A 1042 -0.87 23.01 8.94
CA SER A 1042 -1.75 22.29 9.84
C SER A 1042 -1.80 22.99 11.20
N ARG A 1043 -2.94 22.86 11.88
CA ARG A 1043 -3.07 23.43 13.22
C ARG A 1043 -2.08 22.78 14.19
N LYS A 1044 -1.75 21.51 13.98
CA LYS A 1044 -0.81 20.83 14.86
C LYS A 1044 0.58 21.47 14.78
N LEU A 1045 1.08 21.67 13.56
CA LEU A 1045 2.37 22.33 13.38
C LEU A 1045 2.32 23.77 13.85
N ARG A 1046 1.19 24.45 13.63
CA ARG A 1046 1.04 25.83 14.08
C ARG A 1046 1.17 25.93 15.60
N ASN A 1047 0.43 25.07 16.32
CA ASN A 1047 0.52 25.08 17.78
C ASN A 1047 1.90 24.68 18.26
N TYR A 1048 2.52 23.70 17.58
CA TYR A 1048 3.87 23.27 17.95
C TYR A 1048 4.85 24.43 17.87
N ILE A 1049 4.83 25.17 16.75
CA ILE A 1049 5.71 26.33 16.63
C ILE A 1049 5.33 27.41 17.64
N ASP A 1050 4.02 27.57 17.92
CA ASP A 1050 3.57 28.53 18.90
C ASP A 1050 4.03 28.22 20.32
N SER A 1051 4.34 26.95 20.61
CA SER A 1051 4.76 26.53 21.95
C SER A 1051 6.28 26.55 22.13
N MET A 1052 7.03 27.00 21.13
CA MET A 1052 8.49 26.87 21.14
C MET A 1052 9.22 28.09 21.67
N GLU A 1053 8.52 29.16 22.03
CA GLU A 1053 9.13 30.38 22.56
C GLU A 1053 10.09 30.92 21.49
N SER A 1054 11.38 31.00 21.74
CA SER A 1054 12.33 31.49 20.76
C SER A 1054 12.42 30.53 19.57
N LEU A 1055 12.81 31.07 18.42
CA LEU A 1055 12.86 30.31 17.17
C LEU A 1055 14.27 30.32 16.60
N ASP A 1056 14.72 29.16 16.14
CA ASP A 1056 15.99 29.06 15.44
C ASP A 1056 15.84 29.62 14.03
N PRO A 1057 16.94 30.00 13.37
CA PRO A 1057 16.81 30.70 12.08
C PRO A 1057 16.07 29.92 11.01
N HIS A 1058 16.24 28.60 10.94
CA HIS A 1058 15.56 27.84 9.89
C HIS A 1058 14.05 27.85 10.11
N ILE A 1059 13.61 27.79 11.37
CA ILE A 1059 12.19 27.86 11.67
C ILE A 1059 11.65 29.25 11.35
N LYS A 1060 12.45 30.29 11.59
CA LYS A 1060 12.04 31.64 11.19
C LYS A 1060 11.87 31.74 9.68
N GLN A 1061 12.81 31.18 8.93
CA GLN A 1061 12.71 31.23 7.48
C GLN A 1061 11.49 30.46 6.98
N PHE A 1062 11.20 29.32 7.60
CA PHE A 1062 9.99 28.57 7.24
C PHE A 1062 8.73 29.36 7.58
N LEU A 1063 8.70 30.03 8.74
CA LEU A 1063 7.53 30.76 9.19
C LEU A 1063 7.28 32.03 8.39
N ASP A 1064 8.34 32.62 7.80
CA ASP A 1064 8.15 33.83 7.00
C ASP A 1064 7.34 33.58 5.74
N PHE A 1065 7.23 32.33 5.29
CA PHE A 1065 6.45 32.03 4.09
C PHE A 1065 4.97 32.27 4.31
N PHE A 1066 4.51 32.28 5.56
CA PHE A 1066 3.11 32.48 5.87
C PHE A 1066 2.95 33.87 6.48
N PRO A 1067 2.49 34.86 5.72
CA PRO A 1067 2.43 36.24 6.25
C PRO A 1067 1.46 36.40 7.40
N ASP A 1068 0.24 35.91 7.24
CA ASP A 1068 -0.72 35.94 8.34
C ASP A 1068 -0.45 34.88 9.39
N GLY A 1069 0.57 34.05 9.19
CA GLY A 1069 0.91 32.99 10.11
C GLY A 1069 0.21 31.68 9.84
N HIS A 1070 -0.71 31.62 8.88
CA HIS A 1070 -1.48 30.41 8.61
C HIS A 1070 -1.40 29.92 7.18
N HIS A 1071 -1.34 30.81 6.20
CA HIS A 1071 -1.31 30.37 4.80
C HIS A 1071 -0.42 31.27 3.97
N GLY A 1072 0.30 30.66 3.04
CA GLY A 1072 1.08 31.41 2.07
C GLY A 1072 0.60 31.13 0.66
N GLU A 1073 1.25 31.78 -0.30
CA GLU A 1073 0.88 31.68 -1.70
C GLU A 1073 1.92 30.88 -2.46
N VAL A 1074 1.46 29.86 -3.20
CA VAL A 1074 2.32 29.01 -4.01
C VAL A 1074 1.94 29.18 -5.48
N LYS A 1075 2.94 29.48 -6.31
CA LYS A 1075 2.76 29.57 -7.75
C LYS A 1075 3.51 28.43 -8.44
N GLY A 1076 3.09 28.12 -9.66
CA GLY A 1076 3.80 27.18 -10.50
C GLY A 1076 3.66 25.74 -10.08
N ASN A 1077 3.94 25.46 -8.81
CA ASN A 1077 3.85 24.11 -8.27
C ASN A 1077 2.39 23.65 -8.27
N TRP A 1078 2.06 22.72 -9.15
CA TRP A 1078 0.79 22.01 -9.04
C TRP A 1078 0.96 20.92 -7.98
N LEU A 1079 0.05 20.89 -7.02
CA LEU A 1079 0.22 20.04 -5.85
C LEU A 1079 0.27 18.57 -6.26
N GLN A 1080 1.06 17.79 -5.53
CA GLN A 1080 1.32 16.41 -5.91
C GLN A 1080 0.02 15.60 -5.95
N GLY A 1081 -0.10 14.79 -7.00
CA GLY A 1081 -1.32 14.02 -7.19
C GLY A 1081 -2.54 14.84 -7.53
N ASN A 1082 -2.38 15.86 -8.37
CA ASN A 1082 -3.49 16.70 -8.78
C ASN A 1082 -3.58 16.79 -10.30
N LEU A 1083 -2.44 16.69 -10.98
CA LEU A 1083 -2.37 16.77 -12.44
C LEU A 1083 -1.43 15.68 -12.96
N ASN A 1084 -1.59 14.46 -12.45
CA ASN A 1084 -0.69 13.37 -12.82
C ASN A 1084 -0.82 13.03 -14.31
N LYS A 1085 -2.05 12.95 -14.81
CA LYS A 1085 -2.26 12.60 -16.21
C LYS A 1085 -1.70 13.67 -17.14
N CYS A 1086 -1.97 14.93 -16.83
CA CYS A 1086 -1.49 16.02 -17.65
C CYS A 1086 0.03 16.04 -17.73
N SER A 1087 0.69 15.94 -16.57
CA SER A 1087 2.15 16.01 -16.54
C SER A 1087 2.78 14.78 -17.18
N SER A 1088 2.18 13.61 -16.99
CA SER A 1088 2.70 12.40 -17.64
C SER A 1088 2.59 12.48 -19.15
N LEU A 1089 1.46 12.98 -19.66
CA LEU A 1089 1.32 13.16 -21.11
C LEU A 1089 2.29 14.21 -21.62
N PHE A 1090 2.53 15.26 -20.82
CA PHE A 1090 3.51 16.28 -21.20
C PHE A 1090 4.91 15.68 -21.31
N GLY A 1091 5.29 14.83 -20.36
CA GLY A 1091 6.57 14.15 -20.45
C GLY A 1091 6.67 13.24 -21.66
N VAL A 1092 5.58 12.54 -21.97
CA VAL A 1092 5.53 11.74 -23.20
C VAL A 1092 5.79 12.62 -24.42
N ALA A 1093 5.15 13.78 -24.45
CA ALA A 1093 5.31 14.70 -25.59
C ALA A 1093 6.76 15.18 -25.71
N MET A 1094 7.40 15.49 -24.58
CA MET A 1094 8.80 15.90 -24.62
C MET A 1094 9.72 14.77 -25.08
N SER A 1095 9.44 13.54 -24.65
CA SER A 1095 10.22 12.40 -25.14
C SER A 1095 10.06 12.23 -26.65
N LEU A 1096 8.85 12.42 -27.16
CA LEU A 1096 8.64 12.35 -28.60
C LEU A 1096 9.35 13.48 -29.33
N LEU A 1097 9.39 14.67 -28.71
CA LEU A 1097 10.14 15.78 -29.29
C LEU A 1097 11.62 15.46 -29.39
N PHE A 1098 12.18 14.84 -28.34
CA PHE A 1098 13.56 14.40 -28.41
C PHE A 1098 13.75 13.39 -29.52
N LYS A 1099 12.83 12.45 -29.65
CA LYS A 1099 12.91 11.45 -30.72
C LYS A 1099 12.96 12.11 -32.09
N GLN A 1100 12.09 13.11 -32.32
CA GLN A 1100 12.06 13.80 -33.60
C GLN A 1100 13.36 14.56 -33.85
N VAL A 1101 13.85 15.27 -32.83
CA VAL A 1101 15.08 16.05 -32.99
C VAL A 1101 16.25 15.14 -33.29
N TRP A 1102 16.37 14.02 -32.58
CA TRP A 1102 17.49 13.11 -32.81
C TRP A 1102 17.38 12.46 -34.18
N THR A 1103 16.17 12.13 -34.62
CA THR A 1103 16.00 11.57 -35.95
C THR A 1103 16.43 12.56 -37.03
N ASN A 1104 16.07 13.84 -36.85
CA ASN A 1104 16.51 14.86 -37.80
C ASN A 1104 18.02 15.07 -37.74
N LEU A 1105 18.63 14.88 -36.57
CA LEU A 1105 20.05 15.13 -36.42
C LEU A 1105 20.90 14.13 -37.22
N PHE A 1106 20.55 12.86 -37.15
CA PHE A 1106 21.33 11.79 -37.78
C PHE A 1106 20.41 10.94 -38.66
N PRO A 1107 20.05 11.44 -39.84
CA PRO A 1107 19.21 10.63 -40.74
C PRO A 1107 19.87 9.35 -41.20
N GLU A 1108 21.20 9.28 -41.18
CA GLU A 1108 21.91 8.06 -41.56
C GLU A 1108 21.87 6.99 -40.49
N LEU A 1109 21.59 7.36 -39.24
CA LEU A 1109 21.60 6.43 -38.12
C LEU A 1109 20.16 5.98 -37.84
N ASP A 1110 19.94 4.67 -37.90
CA ASP A 1110 18.61 4.09 -37.68
C ASP A 1110 18.44 3.64 -36.23
N CYS A 1111 18.52 4.61 -35.32
CA CYS A 1111 18.42 4.32 -33.90
C CYS A 1111 16.97 3.99 -33.52
N PHE A 1112 16.79 3.51 -32.30
CA PHE A 1112 15.50 3.04 -31.82
C PHE A 1112 15.20 3.67 -30.47
N PHE A 1113 13.93 3.98 -30.21
CA PHE A 1113 13.58 4.64 -28.96
C PHE A 1113 12.23 4.12 -28.46
N GLU A 1114 12.20 3.72 -27.19
CA GLU A 1114 10.96 3.37 -26.51
C GLU A 1114 10.87 4.18 -25.22
N PHE A 1115 9.72 4.81 -24.98
CA PHE A 1115 9.56 5.66 -23.82
C PHE A 1115 8.32 5.26 -23.04
N ALA A 1116 8.46 5.12 -21.73
CA ALA A 1116 7.35 4.85 -20.84
C ALA A 1116 7.36 5.88 -19.72
N HIS A 1117 6.23 6.57 -19.52
CA HIS A 1117 6.09 7.59 -18.50
C HIS A 1117 4.95 7.23 -17.56
N HIS A 1118 5.20 7.34 -16.27
CA HIS A 1118 4.19 7.16 -15.23
C HIS A 1118 4.34 8.27 -14.20
N SER A 1119 4.37 9.51 -14.69
CA SER A 1119 4.69 10.72 -13.92
C SER A 1119 6.18 10.76 -13.59
N ASP A 1120 6.53 10.71 -12.31
CA ASP A 1120 7.93 10.82 -11.93
C ASP A 1120 8.73 9.55 -12.25
N ASP A 1121 8.07 8.47 -12.63
CA ASP A 1121 8.73 7.24 -13.03
C ASP A 1121 8.85 7.18 -14.55
N ALA A 1122 9.99 6.70 -15.04
CA ALA A 1122 10.15 6.60 -16.48
C ALA A 1122 11.06 5.43 -16.82
N LEU A 1123 10.80 4.84 -17.97
CA LEU A 1123 11.66 3.80 -18.54
C LEU A 1123 11.99 4.19 -19.97
N PHE A 1124 13.25 4.51 -20.22
CA PHE A 1124 13.73 4.84 -21.55
C PHE A 1124 14.52 3.68 -22.11
N ILE A 1125 14.33 3.37 -23.37
CA ILE A 1125 15.03 2.30 -24.05
C ILE A 1125 15.68 2.89 -25.28
N TYR A 1126 17.00 3.03 -25.25
CA TYR A 1126 17.78 3.56 -26.37
C TYR A 1126 18.41 2.39 -27.12
N GLY A 1127 18.07 2.26 -28.40
CA GLY A 1127 18.73 1.33 -29.27
C GLY A 1127 19.74 2.06 -30.14
N TYR A 1128 21.01 1.76 -29.94
CA TYR A 1128 22.12 2.44 -30.57
C TYR A 1128 22.93 1.44 -31.40
N LEU A 1129 23.95 1.95 -32.08
CA LEU A 1129 24.76 1.16 -33.00
C LEU A 1129 26.21 1.15 -32.56
N GLU A 1130 26.88 0.03 -32.80
CA GLU A 1130 28.29 -0.12 -32.50
C GLU A 1130 29.01 -0.70 -33.69
N PRO A 1131 30.28 -0.38 -33.88
CA PRO A 1131 31.06 -1.00 -34.96
C PRO A 1131 31.12 -2.51 -34.77
N VAL A 1132 31.06 -3.23 -35.90
CA VAL A 1132 31.02 -4.69 -35.85
C VAL A 1132 32.41 -5.25 -35.61
N ASP A 1133 33.34 -4.98 -36.53
CA ASP A 1133 34.71 -5.46 -36.43
C ASP A 1133 35.64 -4.27 -36.18
N ASP A 1134 36.30 -4.27 -35.03
CA ASP A 1134 37.21 -3.19 -34.62
C ASP A 1134 36.42 -1.90 -34.65
N GLY A 1135 36.94 -0.81 -35.23
CA GLY A 1135 36.18 0.40 -35.40
C GLY A 1135 36.49 1.09 -36.72
N THR A 1136 37.27 0.41 -37.55
CA THR A 1136 37.65 0.97 -38.84
C THR A 1136 36.43 1.09 -39.75
N ASP A 1137 36.50 2.04 -40.68
CA ASP A 1137 35.43 2.45 -41.60
C ASP A 1137 34.27 3.12 -40.88
N TRP A 1138 34.30 3.21 -39.55
CA TRP A 1138 33.31 3.98 -38.79
C TRP A 1138 33.89 5.26 -38.22
N PHE A 1139 35.07 5.19 -37.60
CA PHE A 1139 35.75 6.41 -37.16
C PHE A 1139 36.10 7.28 -38.35
N LEU A 1140 36.52 6.67 -39.45
CA LEU A 1140 36.78 7.42 -40.67
C LEU A 1140 35.51 8.08 -41.20
N PHE A 1141 34.38 7.36 -41.15
CA PHE A 1141 33.11 7.94 -41.57
C PHE A 1141 32.71 9.12 -40.71
N VAL A 1142 32.88 9.00 -39.39
CA VAL A 1142 32.54 10.10 -38.50
C VAL A 1142 33.45 11.30 -38.75
N SER A 1143 34.74 11.04 -38.98
CA SER A 1143 35.66 12.13 -39.29
C SER A 1143 35.28 12.83 -40.59
N GLN A 1144 34.85 12.04 -41.59
CA GLN A 1144 34.39 12.63 -42.84
C GLN A 1144 33.15 13.48 -42.63
N GLN A 1145 32.23 13.02 -41.78
CA GLN A 1145 31.05 13.82 -41.46
C GLN A 1145 31.44 15.12 -40.78
N ILE A 1146 32.40 15.07 -39.85
CA ILE A 1146 32.86 16.29 -39.18
C ILE A 1146 33.49 17.25 -40.18
N GLN A 1147 34.31 16.72 -41.09
CA GLN A 1147 34.98 17.55 -42.09
C GLN A 1147 33.99 18.18 -43.08
N ALA A 1148 32.79 17.63 -43.19
CA ALA A 1148 31.76 18.18 -44.06
C ALA A 1148 30.91 19.24 -43.39
N GLY A 1149 31.21 19.58 -42.13
CA GLY A 1149 30.45 20.57 -41.40
C GLY A 1149 29.47 20.01 -40.40
N HIS A 1150 29.27 18.68 -40.37
CA HIS A 1150 28.36 18.03 -39.42
C HIS A 1150 29.10 17.83 -38.10
N LEU A 1151 29.38 18.95 -37.44
CA LEU A 1151 30.19 18.93 -36.22
C LEU A 1151 29.51 18.21 -35.07
N HIS A 1152 28.19 18.10 -35.09
CA HIS A 1152 27.48 17.42 -34.00
C HIS A 1152 27.74 15.92 -33.96
N TRP A 1153 28.37 15.36 -35.00
CA TRP A 1153 28.73 13.94 -34.99
C TRP A 1153 29.82 13.63 -33.98
N PHE A 1154 30.48 14.64 -33.41
CA PHE A 1154 31.45 14.43 -32.35
C PHE A 1154 30.86 13.62 -31.22
N SER A 1155 29.55 13.78 -30.97
CA SER A 1155 28.92 13.07 -29.87
C SER A 1155 28.71 11.59 -30.17
N VAL A 1156 28.60 11.22 -31.45
CA VAL A 1156 28.32 9.83 -31.81
C VAL A 1156 29.59 9.09 -32.24
N ASN A 1157 30.76 9.59 -31.83
CA ASN A 1157 32.00 8.89 -32.14
C ASN A 1157 32.06 7.54 -31.45
N THR A 1158 31.85 7.52 -30.13
CA THR A 1158 31.77 6.30 -29.36
C THR A 1158 30.72 6.47 -28.26
N GLU A 1159 30.06 5.36 -27.91
CA GLU A 1159 29.03 5.34 -26.88
C GLU A 1159 27.97 6.41 -27.15
N MET A 1160 27.30 6.26 -28.29
CA MET A 1160 26.33 7.28 -28.71
C MET A 1160 25.08 7.29 -27.85
N TRP A 1161 24.82 6.23 -27.09
CA TRP A 1161 23.69 6.25 -26.15
C TRP A 1161 23.89 7.28 -25.05
N LYS A 1162 25.15 7.56 -24.69
CA LYS A 1162 25.43 8.63 -23.75
C LYS A 1162 24.96 9.97 -24.29
N SER A 1163 25.24 10.24 -25.57
CA SER A 1163 24.76 11.46 -26.21
C SER A 1163 23.25 11.46 -26.35
N MET A 1164 22.66 10.29 -26.63
CA MET A 1164 21.21 10.16 -26.67
C MET A 1164 20.60 10.61 -25.35
N PHE A 1165 21.11 10.08 -24.24
CA PHE A 1165 20.59 10.46 -22.94
C PHE A 1165 20.86 11.92 -22.64
N ASN A 1166 22.03 12.43 -23.02
CA ASN A 1166 22.34 13.83 -22.77
C ASN A 1166 21.33 14.75 -23.47
N LEU A 1167 21.06 14.49 -24.74
CA LEU A 1167 20.11 15.31 -25.47
C LEU A 1167 18.70 15.13 -24.95
N HIS A 1168 18.32 13.89 -24.62
CA HIS A 1168 16.99 13.65 -24.06
C HIS A 1168 16.80 14.38 -22.74
N GLU A 1169 17.82 14.36 -21.88
CA GLU A 1169 17.77 15.06 -20.60
C GLU A 1169 17.68 16.56 -20.80
N HIS A 1170 18.45 17.11 -21.74
CA HIS A 1170 18.39 18.54 -22.01
C HIS A 1170 17.01 18.95 -22.53
N ILE A 1171 16.45 18.16 -23.45
CA ILE A 1171 15.14 18.50 -24.00
C ILE A 1171 14.04 18.34 -22.96
N LEU A 1172 14.17 17.35 -22.07
CA LEU A 1172 13.22 17.21 -20.97
C LEU A 1172 13.31 18.40 -20.01
N LEU A 1173 14.53 18.87 -19.74
CA LEU A 1173 14.70 20.06 -18.91
C LEU A 1173 14.13 21.30 -19.58
N LEU A 1174 14.09 21.32 -20.91
CA LEU A 1174 13.42 22.41 -21.61
C LEU A 1174 11.95 22.49 -21.22
N GLY A 1175 11.36 21.39 -20.80
CA GLY A 1175 9.99 21.36 -20.31
C GLY A 1175 9.88 21.34 -18.80
N SER A 1176 10.96 21.73 -18.12
CA SER A 1176 11.01 21.77 -16.65
C SER A 1176 10.88 20.38 -16.05
N ILE A 1177 11.61 19.41 -16.62
CA ILE A 1177 11.65 18.06 -16.10
C ILE A 1177 13.11 17.67 -15.90
N LYS A 1178 13.47 17.33 -14.67
CA LYS A 1178 14.84 16.95 -14.33
C LYS A 1178 14.90 15.45 -14.08
N ILE A 1179 15.75 14.75 -14.82
CA ILE A 1179 16.04 13.36 -14.54
C ILE A 1179 16.94 13.28 -13.32
N SER A 1180 16.59 12.41 -12.37
CA SER A 1180 17.33 12.32 -11.13
C SER A 1180 18.75 11.81 -11.38
N PRO A 1181 19.78 12.46 -10.84
CA PRO A 1181 21.14 11.93 -11.00
C PRO A 1181 21.45 10.79 -10.04
N LYS A 1182 20.71 10.63 -8.96
CA LYS A 1182 20.95 9.59 -7.97
C LYS A 1182 20.08 8.36 -8.16
N LYS A 1183 18.79 8.55 -8.35
CA LYS A 1183 17.83 7.46 -8.40
C LYS A 1183 17.68 6.83 -9.78
N THR A 1184 18.40 7.33 -10.77
CA THR A 1184 18.31 6.82 -12.13
C THR A 1184 19.45 5.85 -12.38
N THR A 1185 19.13 4.67 -12.91
CA THR A 1185 20.13 3.67 -13.25
C THR A 1185 20.18 3.46 -14.75
N VAL A 1186 21.36 3.14 -15.25
CA VAL A 1186 21.59 2.83 -16.66
C VAL A 1186 22.15 1.42 -16.74
N SER A 1187 21.53 0.58 -17.57
CA SER A 1187 21.96 -0.80 -17.64
C SER A 1187 21.68 -1.39 -19.01
N PRO A 1188 22.57 -2.23 -19.54
CA PRO A 1188 22.26 -2.92 -20.80
C PRO A 1188 21.29 -4.08 -20.65
N THR A 1189 21.09 -4.62 -19.45
CA THR A 1189 20.29 -5.82 -19.25
C THR A 1189 19.10 -5.60 -18.33
N ASN A 1190 19.30 -4.97 -17.17
CA ASN A 1190 18.27 -4.90 -16.14
C ASN A 1190 17.57 -3.55 -16.18
N ALA A 1191 16.26 -3.58 -15.95
CA ALA A 1191 15.44 -2.38 -15.91
C ALA A 1191 14.50 -2.44 -14.72
N GLU A 1192 14.11 -1.26 -14.24
CA GLU A 1192 13.13 -1.13 -13.17
C GLU A 1192 12.06 -0.14 -13.60
N PHE A 1193 10.80 -0.53 -13.42
CA PHE A 1193 9.69 0.37 -13.73
C PHE A 1193 8.46 -0.09 -12.96
N LEU A 1194 7.76 0.86 -12.35
CA LEU A 1194 6.50 0.61 -11.66
C LEU A 1194 6.67 -0.44 -10.57
N SER A 1195 7.68 -0.25 -9.73
CA SER A 1195 8.01 -1.17 -8.64
C SER A 1195 8.27 -2.59 -9.14
N THR A 1196 8.53 -2.74 -10.43
CA THR A 1196 8.72 -4.05 -11.04
C THR A 1196 10.10 -4.13 -11.65
N PHE A 1197 10.67 -5.34 -11.64
CA PHE A 1197 12.02 -5.59 -12.11
C PHE A 1197 11.96 -6.44 -13.37
N PHE A 1198 12.68 -6.02 -14.40
CA PHE A 1198 12.75 -6.73 -15.67
C PHE A 1198 14.21 -7.05 -15.99
N GLU A 1199 14.46 -8.26 -16.45
CA GLU A 1199 15.76 -8.68 -16.94
C GLU A 1199 15.53 -9.19 -18.36
N GLY A 1200 15.76 -8.32 -19.34
CA GLY A 1200 15.38 -8.63 -20.70
C GLY A 1200 13.92 -8.34 -20.94
N CYS A 1201 13.11 -9.40 -21.00
CA CYS A 1201 11.66 -9.27 -21.06
C CYS A 1201 10.97 -9.94 -19.88
N ALA A 1202 11.72 -10.52 -18.95
CA ALA A 1202 11.12 -11.17 -17.79
C ALA A 1202 10.49 -10.14 -16.85
N VAL A 1203 9.56 -10.61 -16.04
CA VAL A 1203 8.82 -9.77 -15.10
C VAL A 1203 8.98 -10.36 -13.71
N SER A 1204 9.27 -9.51 -12.73
CA SER A 1204 9.34 -9.91 -11.33
C SER A 1204 8.63 -8.87 -10.49
N ILE A 1205 7.48 -9.23 -9.94
CA ILE A 1205 6.68 -8.34 -9.09
C ILE A 1205 6.87 -8.78 -7.65
N PRO A 1206 7.11 -7.86 -6.71
CA PRO A 1206 7.20 -8.25 -5.30
C PRO A 1206 5.83 -8.59 -4.73
N PHE A 1207 5.55 -9.87 -4.56
CA PHE A 1207 4.27 -10.32 -4.02
C PHE A 1207 4.26 -10.36 -2.50
N VAL A 1208 5.40 -10.18 -1.85
CA VAL A 1208 5.46 -10.21 -0.40
C VAL A 1208 4.78 -9.00 0.22
N LYS A 1209 4.65 -7.90 -0.52
CA LYS A 1209 4.05 -6.69 0.05
C LYS A 1209 2.57 -6.91 0.40
N ILE A 1210 1.79 -7.41 -0.57
CA ILE A 1210 0.38 -7.68 -0.29
C ILE A 1210 0.22 -8.89 0.62
N LEU A 1211 1.16 -9.84 0.57
CA LEU A 1211 1.13 -10.95 1.51
C LEU A 1211 1.26 -10.47 2.95
N LEU A 1212 2.18 -9.54 3.20
CA LEU A 1212 2.33 -8.99 4.54
C LEU A 1212 1.18 -8.06 4.90
N GLY A 1213 0.61 -7.36 3.92
CA GLY A 1213 -0.56 -6.54 4.18
C GLY A 1213 -1.80 -7.34 4.50
N SER A 1214 -1.86 -8.59 4.06
CA SER A 1214 -2.99 -9.45 4.42
C SER A 1214 -3.08 -9.65 5.93
N LEU A 1215 -1.94 -9.67 6.63
CA LEU A 1215 -1.94 -9.74 8.08
C LEU A 1215 -2.51 -8.49 8.74
N SER A 1216 -2.49 -7.35 8.04
CA SER A 1216 -3.06 -6.11 8.54
C SER A 1216 -4.42 -5.84 7.92
N ASP A 1217 -4.99 -6.81 7.21
CA ASP A 1217 -6.27 -6.63 6.52
C ASP A 1217 -7.40 -6.66 7.54
N LEU A 1218 -8.11 -5.55 7.68
CA LEU A 1218 -9.20 -5.43 8.64
C LEU A 1218 -10.16 -4.37 8.13
N PRO A 1219 -11.07 -4.73 7.24
CA PRO A 1219 -12.10 -3.77 6.80
C PRO A 1219 -13.01 -3.30 7.93
N GLY A 1220 -13.13 -4.08 9.00
CA GLY A 1220 -14.01 -3.70 10.10
C GLY A 1220 -15.48 -3.71 9.76
N LEU A 1221 -15.94 -4.75 9.06
CA LEU A 1221 -17.35 -4.87 8.70
C LEU A 1221 -17.97 -6.19 9.13
N GLY A 1222 -17.20 -7.12 9.70
CA GLY A 1222 -17.73 -8.40 10.12
C GLY A 1222 -16.76 -9.53 9.88
N TYR A 1223 -17.04 -10.69 10.48
CA TYR A 1223 -16.14 -11.83 10.35
C TYR A 1223 -16.09 -12.33 8.91
N PHE A 1224 -17.26 -12.48 8.28
CA PHE A 1224 -17.32 -12.97 6.91
C PHE A 1224 -16.61 -12.02 5.95
N ASP A 1225 -16.86 -10.71 6.09
CA ASP A 1225 -16.26 -9.73 5.20
C ASP A 1225 -14.74 -9.69 5.35
N ASP A 1226 -14.25 -9.72 6.59
CA ASP A 1226 -12.81 -9.65 6.81
C ASP A 1226 -12.12 -10.92 6.32
N LEU A 1227 -12.75 -12.08 6.55
CA LEU A 1227 -12.19 -13.32 6.02
C LEU A 1227 -12.14 -13.29 4.50
N ALA A 1228 -13.21 -12.80 3.87
CA ALA A 1228 -13.25 -12.69 2.42
C ALA A 1228 -12.14 -11.76 1.91
N ALA A 1229 -11.94 -10.63 2.59
CA ALA A 1229 -10.90 -9.70 2.17
C ALA A 1229 -9.51 -10.31 2.28
N ALA A 1230 -9.23 -10.99 3.41
CA ALA A 1230 -7.91 -11.59 3.58
C ALA A 1230 -7.66 -12.67 2.55
N GLN A 1231 -8.65 -13.53 2.31
CA GLN A 1231 -8.49 -14.56 1.29
C GLN A 1231 -8.33 -13.96 -0.09
N SER A 1232 -9.05 -12.86 -0.38
CA SER A 1232 -8.92 -12.19 -1.66
C SER A 1232 -7.51 -11.64 -1.86
N ARG A 1233 -6.93 -11.06 -0.81
CA ARG A 1233 -5.56 -10.56 -0.94
C ARG A 1233 -4.55 -11.70 -1.08
N CYS A 1234 -4.79 -12.84 -0.44
CA CYS A 1234 -3.94 -13.99 -0.68
C CYS A 1234 -4.06 -14.49 -2.12
N VAL A 1235 -5.26 -14.47 -2.68
CA VAL A 1235 -5.45 -14.85 -4.07
C VAL A 1235 -4.75 -13.86 -5.00
N LYS A 1236 -4.82 -12.57 -4.66
CA LYS A 1236 -4.11 -11.56 -5.44
C LYS A 1236 -2.61 -11.80 -5.42
N ALA A 1237 -2.08 -12.18 -4.25
CA ALA A 1237 -0.67 -12.56 -4.18
C ALA A 1237 -0.37 -13.76 -5.08
N LEU A 1238 -1.26 -14.76 -5.08
CA LEU A 1238 -1.07 -15.90 -5.96
C LEU A 1238 -1.02 -15.47 -7.42
N ASP A 1239 -1.90 -14.54 -7.80
CA ASP A 1239 -1.89 -14.03 -9.17
C ASP A 1239 -0.63 -13.23 -9.46
N LEU A 1240 -0.03 -12.62 -8.44
CA LEU A 1240 1.12 -11.75 -8.63
C LEU A 1240 2.46 -12.47 -8.60
N GLY A 1241 2.46 -13.80 -8.47
CA GLY A 1241 3.69 -14.58 -8.52
C GLY A 1241 3.96 -15.45 -7.32
N ALA A 1242 3.12 -15.43 -6.28
CA ALA A 1242 3.32 -16.30 -5.14
C ALA A 1242 3.08 -17.76 -5.52
N SER A 1243 3.83 -18.66 -4.89
CA SER A 1243 3.62 -20.07 -5.15
C SER A 1243 2.39 -20.57 -4.41
N PRO A 1244 1.75 -21.64 -4.90
CA PRO A 1244 0.57 -22.17 -4.20
C PRO A 1244 0.85 -22.56 -2.75
N GLN A 1245 2.04 -23.08 -2.45
CA GLN A 1245 2.35 -23.49 -1.09
C GLN A 1245 2.53 -22.28 -0.17
N VAL A 1246 3.27 -21.27 -0.63
CA VAL A 1246 3.44 -20.05 0.15
C VAL A 1246 2.12 -19.33 0.32
N ALA A 1247 1.31 -19.29 -0.74
CA ALA A 1247 -0.01 -18.68 -0.66
C ALA A 1247 -0.90 -19.42 0.33
N GLN A 1248 -0.82 -20.76 0.35
CA GLN A 1248 -1.60 -21.54 1.30
C GLN A 1248 -1.15 -21.26 2.74
N LEU A 1249 0.16 -21.15 2.96
CA LEU A 1249 0.66 -20.82 4.30
C LEU A 1249 0.15 -19.46 4.75
N ALA A 1250 0.20 -18.47 3.85
CA ALA A 1250 -0.32 -17.15 4.19
C ALA A 1250 -1.83 -17.18 4.41
N VAL A 1251 -2.55 -18.02 3.67
CA VAL A 1251 -3.98 -18.17 3.87
C VAL A 1251 -4.27 -18.71 5.26
N ALA A 1252 -3.51 -19.73 5.67
CA ALA A 1252 -3.69 -20.30 7.00
C ALA A 1252 -3.42 -19.26 8.07
N LEU A 1253 -2.33 -18.51 7.92
CA LEU A 1253 -1.98 -17.50 8.92
C LEU A 1253 -3.05 -16.41 8.99
N CYS A 1254 -3.53 -15.95 7.83
CA CYS A 1254 -4.51 -14.86 7.83
C CYS A 1254 -5.86 -15.32 8.37
N THR A 1255 -6.27 -16.54 8.02
CA THR A 1255 -7.52 -17.08 8.55
C THR A 1255 -7.43 -17.25 10.06
N SER A 1256 -6.30 -17.74 10.57
CA SER A 1256 -6.13 -17.85 12.01
C SER A 1256 -6.17 -16.48 12.68
N LYS A 1257 -5.52 -15.49 12.08
CA LYS A 1257 -5.52 -14.14 12.64
C LYS A 1257 -6.92 -13.58 12.71
N VAL A 1258 -7.71 -13.74 11.64
CA VAL A 1258 -9.08 -13.24 11.64
C VAL A 1258 -9.93 -14.02 12.65
N GLU A 1259 -9.68 -15.32 12.78
CA GLU A 1259 -10.46 -16.13 13.71
C GLU A 1259 -10.23 -15.67 15.15
N ARG A 1260 -8.98 -15.44 15.53
CA ARG A 1260 -8.71 -14.91 16.86
C ARG A 1260 -9.18 -13.47 16.99
N LEU A 1261 -9.19 -12.71 15.88
CA LEU A 1261 -9.69 -11.35 15.91
C LEU A 1261 -11.17 -11.31 16.26
N TYR A 1262 -11.95 -12.22 15.70
CA TYR A 1262 -13.40 -12.22 15.91
C TYR A 1262 -13.86 -13.27 16.92
N GLY A 1263 -12.94 -13.97 17.57
CA GLY A 1263 -13.31 -14.85 18.65
C GLY A 1263 -14.01 -16.13 18.25
N THR A 1264 -13.98 -16.50 16.97
CA THR A 1264 -14.72 -17.66 16.49
C THR A 1264 -13.91 -18.93 16.49
N ALA A 1265 -12.63 -18.89 16.87
CA ALA A 1265 -11.83 -20.09 16.92
C ALA A 1265 -12.23 -20.95 18.12
N PRO A 1266 -11.97 -22.26 18.08
CA PRO A 1266 -12.39 -23.13 19.19
C PRO A 1266 -11.76 -22.69 20.50
N GLY A 1267 -12.55 -22.76 21.56
CA GLY A 1267 -12.14 -22.32 22.88
C GLY A 1267 -12.36 -20.86 23.17
N MET A 1268 -12.88 -20.09 22.22
CA MET A 1268 -13.16 -18.67 22.42
C MET A 1268 -14.66 -18.44 22.49
N VAL A 1269 -15.04 -17.25 22.95
CA VAL A 1269 -16.41 -17.03 23.42
C VAL A 1269 -17.39 -17.04 22.25
N ASN A 1270 -16.95 -16.60 21.08
CA ASN A 1270 -17.81 -16.56 19.90
C ASN A 1270 -17.70 -17.82 19.05
N HIS A 1271 -17.16 -18.90 19.59
CA HIS A 1271 -17.09 -20.15 18.85
C HIS A 1271 -18.49 -20.68 18.60
N PRO A 1272 -18.85 -20.99 17.35
CA PRO A 1272 -20.22 -21.42 17.07
C PRO A 1272 -20.63 -22.70 17.79
N ALA A 1273 -19.70 -23.63 18.01
CA ALA A 1273 -20.06 -24.92 18.59
C ALA A 1273 -20.62 -24.80 20.00
N ALA A 1274 -20.31 -23.71 20.70
CA ALA A 1274 -20.82 -23.54 22.06
C ALA A 1274 -22.31 -23.24 22.09
N TYR A 1275 -22.88 -22.72 21.01
CA TYR A 1275 -24.28 -22.33 20.99
C TYR A 1275 -25.10 -22.98 19.89
N LEU A 1276 -24.46 -23.59 18.90
CA LEU A 1276 -25.16 -24.17 17.75
C LEU A 1276 -25.06 -25.69 17.78
N GLN A 1277 -26.14 -26.36 17.41
CA GLN A 1277 -26.16 -27.81 17.39
C GLN A 1277 -25.57 -28.34 16.09
N VAL A 1278 -24.38 -27.88 15.74
CA VAL A 1278 -23.66 -28.30 14.54
C VAL A 1278 -22.16 -28.23 14.83
N LYS A 1279 -21.37 -28.74 13.89
CA LYS A 1279 -19.92 -28.70 14.03
C LYS A 1279 -19.38 -27.32 13.67
N HIS A 1280 -18.10 -27.10 13.97
CA HIS A 1280 -17.46 -25.85 13.59
C HIS A 1280 -17.31 -25.73 12.07
N THR A 1281 -17.02 -26.84 11.40
CA THR A 1281 -16.84 -26.85 9.96
C THR A 1281 -18.14 -26.98 9.18
N ASP A 1282 -19.24 -27.34 9.84
CA ASP A 1282 -20.53 -27.46 9.19
C ASP A 1282 -21.42 -26.24 9.39
N THR A 1283 -20.91 -25.19 10.03
CA THR A 1283 -21.54 -23.91 10.31
C THR A 1283 -21.31 -22.95 9.14
N PRO A 1284 -22.32 -22.18 8.74
CA PRO A 1284 -22.11 -21.17 7.70
C PRO A 1284 -21.07 -20.14 8.14
N ILE A 1285 -20.30 -19.67 7.17
CA ILE A 1285 -19.23 -18.71 7.46
C ILE A 1285 -19.74 -17.45 8.13
N PRO A 1286 -20.84 -16.83 7.68
CA PRO A 1286 -21.33 -15.62 8.39
C PRO A 1286 -21.71 -15.87 9.83
N LEU A 1287 -21.94 -17.13 10.23
CA LEU A 1287 -22.24 -17.47 11.61
C LEU A 1287 -21.04 -18.08 12.33
N GLY A 1288 -19.83 -17.69 11.95
CA GLY A 1288 -18.64 -18.18 12.60
C GLY A 1288 -18.12 -19.51 12.10
N GLY A 1289 -18.45 -19.90 10.88
CA GLY A 1289 -17.99 -21.16 10.36
C GLY A 1289 -16.49 -21.19 10.12
N ASN A 1290 -15.96 -22.41 10.03
CA ASN A 1290 -14.52 -22.59 9.86
C ASN A 1290 -14.06 -22.02 8.52
N GLY A 1291 -13.03 -21.17 8.57
CA GLY A 1291 -12.50 -20.52 7.39
C GLY A 1291 -11.43 -21.28 6.65
N ALA A 1292 -11.05 -22.46 7.11
CA ALA A 1292 -10.04 -23.26 6.44
C ALA A 1292 -10.50 -23.63 5.04
N MET A 1293 -9.80 -23.13 4.02
CA MET A 1293 -10.15 -23.41 2.63
C MET A 1293 -8.89 -23.32 1.79
N SER A 1294 -8.78 -24.20 0.80
CA SER A 1294 -7.59 -24.25 -0.03
C SER A 1294 -7.49 -23.03 -0.93
N ILE A 1295 -6.25 -22.67 -1.28
CA ILE A 1295 -6.01 -21.45 -2.04
C ILE A 1295 -6.47 -21.60 -3.49
N MET A 1296 -6.32 -22.81 -4.07
CA MET A 1296 -6.68 -22.99 -5.47
C MET A 1296 -8.17 -22.79 -5.71
N GLU A 1297 -9.01 -23.32 -4.83
CA GLU A 1297 -10.45 -23.14 -4.98
C GLU A 1297 -10.84 -21.67 -4.82
N LEU A 1298 -10.22 -20.97 -3.88
CA LEU A 1298 -10.47 -19.54 -3.75
C LEU A 1298 -10.06 -18.78 -5.00
N ALA A 1299 -8.92 -19.15 -5.58
CA ALA A 1299 -8.47 -18.50 -6.80
C ALA A 1299 -9.42 -18.74 -7.96
N THR A 1300 -9.92 -19.97 -8.10
CA THR A 1300 -10.75 -20.32 -9.24
C THR A 1300 -12.25 -20.16 -8.93
N ALA A 1301 -12.74 -20.88 -7.93
CA ALA A 1301 -14.17 -20.92 -7.67
C ALA A 1301 -14.69 -19.58 -7.14
N GLY A 1302 -13.98 -19.00 -6.18
CA GLY A 1302 -14.37 -17.72 -5.63
C GLY A 1302 -14.22 -17.71 -4.12
N ILE A 1303 -14.71 -16.62 -3.52
CA ILE A 1303 -14.56 -16.42 -2.09
C ILE A 1303 -15.71 -17.05 -1.30
N GLY A 1304 -16.91 -17.06 -1.87
CA GLY A 1304 -18.07 -17.59 -1.17
C GLY A 1304 -18.34 -19.06 -1.45
N MET A 1305 -17.32 -19.77 -1.93
CA MET A 1305 -17.51 -21.18 -2.30
C MET A 1305 -17.89 -22.03 -1.10
N SER A 1306 -17.38 -21.70 0.09
CA SER A 1306 -17.60 -22.55 1.26
C SER A 1306 -19.09 -22.63 1.62
N ASP A 1307 -19.78 -21.48 1.61
CA ASP A 1307 -21.19 -21.47 1.95
C ASP A 1307 -22.01 -22.27 0.95
N LYS A 1308 -21.70 -22.13 -0.34
CA LYS A 1308 -22.43 -22.88 -1.35
C LYS A 1308 -22.17 -24.38 -1.23
N ASN A 1309 -20.92 -24.76 -0.93
CA ASN A 1309 -20.62 -26.18 -0.72
C ASN A 1309 -21.38 -26.73 0.48
N LEU A 1310 -21.44 -25.96 1.57
CA LEU A 1310 -22.19 -26.40 2.74
C LEU A 1310 -23.67 -26.52 2.42
N LEU A 1311 -24.21 -25.57 1.65
CA LEU A 1311 -25.61 -25.64 1.24
C LEU A 1311 -25.86 -26.88 0.39
N LYS A 1312 -24.96 -27.20 -0.52
CA LYS A 1312 -25.12 -28.40 -1.34
C LYS A 1312 -25.09 -29.66 -0.48
N ARG A 1313 -24.16 -29.71 0.49
CA ARG A 1313 -24.07 -30.89 1.36
C ARG A 1313 -25.36 -31.06 2.17
N ALA A 1314 -25.86 -29.96 2.75
CA ALA A 1314 -27.08 -30.04 3.55
C ALA A 1314 -28.27 -30.44 2.69
N LEU A 1315 -28.38 -29.86 1.49
CA LEU A 1315 -29.47 -30.21 0.59
C LEU A 1315 -29.42 -31.68 0.20
N LEU A 1316 -28.23 -32.17 -0.15
CA LEU A 1316 -28.10 -33.57 -0.53
C LEU A 1316 -28.46 -34.49 0.64
N GLY A 1317 -27.99 -34.16 1.84
CA GLY A 1317 -28.32 -35.00 2.99
C GLY A 1317 -29.81 -35.04 3.27
N TYR A 1318 -30.45 -33.86 3.26
CA TYR A 1318 -31.89 -33.82 3.54
C TYR A 1318 -32.69 -34.53 2.46
N SER A 1319 -32.32 -34.35 1.20
CA SER A 1319 -33.04 -35.01 0.11
C SER A 1319 -32.73 -36.50 0.01
N HIS A 1320 -31.65 -36.96 0.64
CA HIS A 1320 -31.28 -38.36 0.58
C HIS A 1320 -31.88 -39.16 1.74
N LYS A 1321 -31.61 -38.74 2.98
CA LYS A 1321 -32.06 -39.51 4.14
C LYS A 1321 -32.84 -38.69 5.16
N ARG A 1322 -32.98 -37.37 4.97
CA ARG A 1322 -33.75 -36.51 5.85
C ARG A 1322 -33.23 -36.55 7.28
N GLN A 1323 -32.00 -36.07 7.46
CA GLN A 1323 -31.44 -35.99 8.80
C GLN A 1323 -32.00 -34.77 9.52
N LYS A 1324 -31.86 -34.78 10.85
CA LYS A 1324 -32.15 -33.58 11.62
C LYS A 1324 -31.05 -32.54 11.49
N SER A 1325 -29.80 -32.99 11.37
CA SER A 1325 -28.68 -32.06 11.22
C SER A 1325 -28.76 -31.28 9.91
N MET A 1326 -29.10 -31.96 8.81
CA MET A 1326 -29.21 -31.26 7.53
C MET A 1326 -30.36 -30.27 7.55
N LEU A 1327 -31.48 -30.65 8.16
CA LEU A 1327 -32.58 -29.69 8.31
C LEU A 1327 -32.16 -28.51 9.19
N TYR A 1328 -31.33 -28.76 10.19
CA TYR A 1328 -30.79 -27.69 11.02
C TYR A 1328 -29.92 -26.74 10.21
N ILE A 1329 -29.08 -27.29 9.33
CA ILE A 1329 -28.22 -26.45 8.50
C ILE A 1329 -29.07 -25.64 7.51
N LEU A 1330 -30.09 -26.27 6.94
CA LEU A 1330 -31.01 -25.54 6.06
C LEU A 1330 -31.73 -24.43 6.82
N GLY A 1331 -32.11 -24.69 8.07
CA GLY A 1331 -32.71 -23.66 8.88
C GLY A 1331 -31.75 -22.53 9.19
N LEU A 1332 -30.46 -22.85 9.37
CA LEU A 1332 -29.45 -21.81 9.54
C LEU A 1332 -29.34 -20.95 8.29
N PHE A 1333 -29.37 -21.57 7.11
CA PHE A 1333 -29.34 -20.81 5.87
C PHE A 1333 -30.59 -19.94 5.73
N LYS A 1334 -31.75 -20.46 6.12
CA LYS A 1334 -32.97 -19.66 6.12
C LYS A 1334 -32.87 -18.48 7.08
N PHE A 1335 -32.29 -18.71 8.27
CA PHE A 1335 -32.12 -17.63 9.23
C PHE A 1335 -31.20 -16.55 8.67
N LEU A 1336 -30.13 -16.96 7.99
CA LEU A 1336 -29.26 -15.99 7.33
C LEU A 1336 -30.01 -15.22 6.25
N MET A 1337 -30.84 -15.91 5.47
CA MET A 1337 -31.62 -15.23 4.43
C MET A 1337 -32.61 -14.24 5.02
N LYS A 1338 -33.14 -14.52 6.21
CA LYS A 1338 -34.02 -13.57 6.86
C LYS A 1338 -33.29 -12.28 7.23
N LEU A 1339 -32.05 -12.41 7.72
CA LEU A 1339 -31.29 -11.23 8.12
C LEU A 1339 -31.00 -10.33 6.93
N SER A 1340 -30.70 -10.92 5.78
CA SER A 1340 -30.51 -10.13 4.57
C SER A 1340 -31.78 -9.39 4.18
N ASP A 1341 -32.93 -10.04 4.33
CA ASP A 1341 -34.20 -9.41 4.01
C ASP A 1341 -34.53 -8.28 4.97
N GLU A 1342 -34.13 -8.41 6.24
CA GLU A 1342 -34.44 -7.37 7.22
C GLU A 1342 -33.73 -6.06 6.89
N THR A 1343 -32.59 -6.12 6.23
CA THR A 1343 -31.82 -4.93 5.89
C THR A 1343 -32.46 -4.22 4.70
N PHE A 1344 -31.78 -3.20 4.18
CA PHE A 1344 -32.26 -2.43 3.04
C PHE A 1344 -31.28 -2.55 1.88
N GLN A 1345 -31.81 -2.34 0.67
CA GLN A 1345 -30.98 -2.47 -0.52
C GLN A 1345 -29.89 -1.40 -0.56
N HIS A 1346 -30.21 -0.18 -0.14
CA HIS A 1346 -29.21 0.90 -0.14
C HIS A 1346 -28.15 0.71 0.94
N GLU A 1347 -28.34 -0.22 1.86
CA GLU A 1347 -27.34 -0.59 2.86
C GLU A 1347 -26.82 -1.97 2.50
N ARG A 1348 -25.84 -2.02 1.59
CA ARG A 1348 -25.29 -3.29 1.13
C ARG A 1348 -23.88 -3.02 0.61
N LEU A 1349 -22.88 -3.36 1.41
CA LEU A 1349 -21.49 -3.15 1.02
C LEU A 1349 -20.64 -4.38 1.33
N GLY A 1350 -19.35 -4.31 1.07
CA GLY A 1350 -18.48 -5.45 1.31
C GLY A 1350 -18.72 -6.56 0.30
N GLN A 1351 -18.23 -7.75 0.65
CA GLN A 1351 -18.43 -8.91 -0.19
C GLN A 1351 -19.90 -9.33 -0.19
N PHE A 1352 -20.32 -9.99 -1.25
CA PHE A 1352 -21.71 -10.37 -1.44
C PHE A 1352 -21.90 -11.88 -1.23
N SER A 1353 -22.94 -12.23 -0.48
CA SER A 1353 -23.36 -13.61 -0.32
C SER A 1353 -24.85 -13.69 -0.61
N PHE A 1354 -25.24 -14.60 -1.50
CA PHE A 1354 -26.66 -14.73 -1.86
C PHE A 1354 -27.47 -15.21 -0.66
N ILE A 1355 -26.93 -16.13 0.13
CA ILE A 1355 -27.61 -16.58 1.34
C ILE A 1355 -27.79 -15.42 2.31
N GLY A 1356 -26.80 -14.55 2.38
CA GLY A 1356 -26.83 -13.42 3.28
C GLY A 1356 -25.80 -13.57 4.39
N LYS A 1357 -25.80 -12.57 5.27
CA LYS A 1357 -24.81 -12.53 6.35
C LYS A 1357 -25.31 -11.59 7.44
N VAL A 1358 -24.68 -11.71 8.60
CA VAL A 1358 -24.99 -10.81 9.71
C VAL A 1358 -24.51 -9.40 9.37
N GLN A 1359 -25.25 -8.40 9.84
CA GLN A 1359 -24.90 -7.00 9.63
C GLN A 1359 -24.27 -6.46 10.90
N TRP A 1360 -23.05 -5.93 10.78
CA TRP A 1360 -22.28 -5.46 11.92
C TRP A 1360 -22.13 -3.95 11.88
N LYS A 1361 -22.42 -3.30 13.00
CA LYS A 1361 -22.04 -1.91 13.23
C LYS A 1361 -21.09 -1.92 14.42
N ILE A 1362 -19.88 -1.38 14.20
CA ILE A 1362 -18.78 -1.58 15.12
C ILE A 1362 -18.34 -0.28 15.78
N PHE A 1363 -18.28 0.82 15.02
CA PHE A 1363 -17.85 2.10 15.54
C PHE A 1363 -19.01 3.09 15.44
N THR A 1364 -19.36 3.72 16.56
CA THR A 1364 -20.44 4.69 16.61
C THR A 1364 -19.87 6.05 17.00
N PRO A 1365 -19.96 7.06 16.14
CA PRO A 1365 -19.46 8.38 16.51
C PRO A 1365 -20.27 9.01 17.63
N LYS A 1366 -19.60 9.87 18.41
CA LYS A 1366 -20.25 10.59 19.49
C LYS A 1366 -20.84 11.92 19.04
N SER A 1367 -20.56 12.36 17.81
CA SER A 1367 -21.05 13.63 17.31
C SER A 1367 -22.16 13.51 16.29
N GLU A 1368 -22.40 12.32 15.75
CA GLU A 1368 -23.47 12.03 14.79
C GLU A 1368 -23.31 12.78 13.47
N PHE A 1369 -22.18 13.45 13.27
CA PHE A 1369 -21.85 14.13 12.02
C PHE A 1369 -22.78 15.32 11.76
N GLU A 1370 -22.56 16.03 10.67
CA GLU A 1370 -23.36 17.19 10.31
C GLU A 1370 -24.37 16.80 9.23
N PHE A 1371 -25.47 17.55 9.19
CA PHE A 1371 -26.55 17.40 8.21
C PHE A 1371 -27.27 16.07 8.33
N ALA A 1372 -26.97 15.27 9.34
CA ALA A 1372 -27.61 13.97 9.54
C ALA A 1372 -28.91 14.06 10.31
N ASP A 1373 -29.31 15.26 10.74
CA ASP A 1373 -30.51 15.44 11.55
C ASP A 1373 -31.56 16.32 10.91
N MET A 1374 -31.34 16.79 9.67
CA MET A 1374 -32.35 17.61 9.02
C MET A 1374 -33.55 16.76 8.57
N TYR A 1375 -33.33 15.48 8.33
CA TYR A 1375 -34.40 14.55 7.96
C TYR A 1375 -34.49 13.46 9.02
N THR A 1376 -35.70 13.24 9.54
CA THR A 1376 -35.92 12.23 10.55
C THR A 1376 -35.79 10.83 9.95
N SER A 1377 -35.57 9.85 10.83
CA SER A 1377 -35.40 8.47 10.37
C SER A 1377 -36.65 7.94 9.70
N LYS A 1378 -37.83 8.25 10.25
CA LYS A 1378 -39.07 7.79 9.64
C LYS A 1378 -39.21 8.30 8.22
N PHE A 1379 -38.86 9.56 7.99
CA PHE A 1379 -38.87 10.12 6.63
C PHE A 1379 -37.95 9.33 5.73
N LEU A 1380 -36.74 9.00 6.21
CA LEU A 1380 -35.77 8.31 5.37
C LEU A 1380 -36.24 6.91 5.00
N GLU A 1381 -36.76 6.16 5.97
CA GLU A 1381 -37.26 4.82 5.67
C GLU A 1381 -38.51 4.84 4.80
N LEU A 1382 -39.44 5.77 5.03
CA LEU A 1382 -40.60 5.87 4.15
C LEU A 1382 -40.19 6.23 2.73
N TRP A 1383 -39.23 7.16 2.59
CA TRP A 1383 -38.75 7.54 1.28
C TRP A 1383 -38.07 6.37 0.57
N SER A 1384 -37.27 5.60 1.29
CA SER A 1384 -36.65 4.41 0.71
C SER A 1384 -37.71 3.40 0.29
N SER A 1385 -38.78 3.28 1.08
CA SER A 1385 -39.85 2.35 0.73
C SER A 1385 -40.57 2.79 -0.55
N GLN A 1386 -40.84 4.09 -0.68
CA GLN A 1386 -41.60 4.59 -1.81
C GLN A 1386 -40.73 5.04 -2.99
N HIS A 1387 -39.40 4.96 -2.86
CA HIS A 1387 -38.49 5.26 -3.95
C HIS A 1387 -37.49 4.10 -4.08
N VAL A 1388 -37.87 3.08 -4.84
CA VAL A 1388 -37.03 1.91 -5.00
C VAL A 1388 -36.02 2.08 -6.15
N THR A 1389 -36.24 3.05 -7.04
CA THR A 1389 -35.28 3.31 -8.11
C THR A 1389 -33.95 3.79 -7.57
N TYR A 1390 -33.94 4.42 -6.41
CA TYR A 1390 -32.74 5.08 -5.90
C TYR A 1390 -31.88 4.17 -5.05
N ASP A 1391 -32.25 2.90 -4.91
CA ASP A 1391 -31.36 1.92 -4.30
C ASP A 1391 -30.36 1.36 -5.30
N TYR A 1392 -30.42 1.79 -6.56
CA TYR A 1392 -29.51 1.35 -7.61
C TYR A 1392 -28.90 2.49 -8.40
N ILE A 1393 -29.52 3.68 -8.42
CA ILE A 1393 -28.98 4.85 -9.09
C ILE A 1393 -29.02 6.02 -8.13
N ILE A 1394 -28.23 7.04 -8.44
CA ILE A 1394 -28.20 8.26 -7.65
C ILE A 1394 -29.21 9.25 -8.26
N PRO A 1395 -30.06 9.88 -7.45
CA PRO A 1395 -30.98 10.89 -8.00
C PRO A 1395 -30.20 12.03 -8.65
N LYS A 1396 -30.76 12.54 -9.75
CA LYS A 1396 -30.13 13.62 -10.50
C LYS A 1396 -30.74 14.99 -10.22
N GLY A 1397 -31.77 15.04 -9.38
CA GLY A 1397 -32.37 16.30 -8.98
C GLY A 1397 -31.93 16.65 -7.57
N ARG A 1398 -31.77 17.94 -7.29
CA ARG A 1398 -31.24 18.36 -6.00
C ARG A 1398 -32.17 17.95 -4.86
N ASP A 1399 -33.49 18.08 -5.07
CA ASP A 1399 -34.44 17.81 -3.99
C ASP A 1399 -34.33 16.37 -3.50
N ASN A 1400 -34.29 15.42 -4.44
CA ASN A 1400 -34.17 14.01 -4.08
C ASN A 1400 -32.74 13.61 -3.76
N LEU A 1401 -31.74 14.26 -4.38
CA LEU A 1401 -30.36 13.92 -4.09
C LEU A 1401 -29.95 14.36 -2.68
N LEU A 1402 -30.51 15.46 -2.19
CA LEU A 1402 -30.26 15.86 -0.81
C LEU A 1402 -30.77 14.80 0.17
N ILE A 1403 -31.95 14.24 -0.10
CA ILE A 1403 -32.48 13.18 0.74
C ILE A 1403 -31.64 11.92 0.62
N TYR A 1404 -31.22 11.58 -0.60
CA TYR A 1404 -30.37 10.42 -0.81
C TYR A 1404 -29.03 10.57 -0.11
N LEU A 1405 -28.55 11.79 0.04
CA LEU A 1405 -27.26 12.01 0.68
C LEU A 1405 -27.37 12.09 2.20
N VAL A 1406 -28.44 12.71 2.71
CA VAL A 1406 -28.67 12.70 4.16
C VAL A 1406 -28.92 11.27 4.63
N ARG A 1407 -29.59 10.47 3.80
CA ARG A 1407 -29.75 9.06 4.10
C ARG A 1407 -28.42 8.33 4.11
N LYS A 1408 -27.43 8.85 3.39
CA LYS A 1408 -26.14 8.17 3.30
C LYS A 1408 -25.35 8.29 4.60
N LEU A 1409 -25.56 9.38 5.35
CA LEU A 1409 -24.84 9.57 6.60
C LEU A 1409 -25.35 8.66 7.72
N ASN A 1410 -26.44 7.94 7.52
CA ASN A 1410 -26.99 7.02 8.51
C ASN A 1410 -26.79 5.56 8.14
N ASP A 1411 -26.06 5.28 7.07
CA ASP A 1411 -25.72 3.90 6.76
C ASP A 1411 -24.80 3.34 7.84
N PRO A 1412 -25.03 2.11 8.31
CA PRO A 1412 -24.12 1.53 9.32
C PRO A 1412 -22.67 1.47 8.86
N SER A 1413 -22.44 1.17 7.58
CA SER A 1413 -21.08 1.10 7.06
C SER A 1413 -20.48 2.47 6.78
N ILE A 1414 -21.27 3.54 6.86
CA ILE A 1414 -20.76 4.89 6.62
C ILE A 1414 -20.23 5.50 7.92
N VAL A 1415 -21.01 5.41 8.99
CA VAL A 1415 -20.55 5.95 10.27
C VAL A 1415 -19.36 5.15 10.79
N THR A 1416 -19.29 3.87 10.47
CA THR A 1416 -18.13 3.06 10.85
C THR A 1416 -16.88 3.51 10.10
N ALA A 1417 -16.99 3.67 8.77
CA ALA A 1417 -15.84 4.04 7.96
C ALA A 1417 -15.45 5.50 8.13
N MET A 1418 -16.35 6.34 8.63
CA MET A 1418 -16.06 7.76 8.80
C MET A 1418 -15.49 8.08 10.18
N THR A 1419 -15.26 7.07 11.02
CA THR A 1419 -14.64 7.27 12.32
C THR A 1419 -13.52 6.28 12.63
N MET A 1420 -13.37 5.21 11.85
CA MET A 1420 -12.36 4.20 12.09
C MET A 1420 -11.06 4.56 11.38
N GLN A 1421 -9.95 4.38 12.08
CA GLN A 1421 -8.62 4.55 11.52
C GLN A 1421 -7.96 3.19 11.30
N SER A 1422 -6.82 3.21 10.62
CA SER A 1422 -6.12 1.98 10.25
C SER A 1422 -5.75 1.10 11.45
N PRO A 1423 -5.15 1.60 12.53
CA PRO A 1423 -4.76 0.71 13.63
C PRO A 1423 -5.83 0.49 14.68
N LEU A 1424 -6.97 1.17 14.58
CA LEU A 1424 -8.03 1.10 15.59
C LEU A 1424 -8.61 -0.30 15.68
N GLN A 1425 -8.10 -1.23 14.86
CA GLN A 1425 -8.37 -2.65 15.07
C GLN A 1425 -7.95 -3.12 16.45
N LEU A 1426 -7.16 -2.31 17.17
CA LEU A 1426 -6.95 -2.55 18.59
C LEU A 1426 -8.27 -2.75 19.32
N ARG A 1427 -9.22 -1.85 19.09
CA ARG A 1427 -10.53 -1.96 19.75
C ARG A 1427 -11.21 -3.27 19.41
N PHE A 1428 -10.83 -3.90 18.29
CA PHE A 1428 -11.44 -5.15 17.89
C PHE A 1428 -11.08 -6.31 18.81
N ARG A 1429 -10.07 -6.17 19.66
CA ARG A 1429 -9.75 -7.23 20.59
C ARG A 1429 -10.63 -7.20 21.83
N MET A 1430 -11.45 -6.17 22.01
CA MET A 1430 -12.31 -6.04 23.18
C MET A 1430 -13.78 -6.15 22.82
N GLN A 1431 -14.25 -5.42 21.80
CA GLN A 1431 -15.67 -5.35 21.50
C GLN A 1431 -16.10 -6.40 20.49
N ALA A 1432 -15.16 -7.23 20.04
CA ALA A 1432 -15.49 -8.29 19.10
C ALA A 1432 -15.25 -9.66 19.72
N LYS A 1433 -14.05 -9.87 20.25
CA LYS A 1433 -13.72 -11.13 20.89
C LYS A 1433 -14.51 -11.31 22.18
N GLN A 1434 -14.31 -10.39 23.13
CA GLN A 1434 -15.09 -10.42 24.37
C GLN A 1434 -16.57 -10.16 24.10
N HIS A 1435 -16.88 -9.56 22.94
CA HIS A 1435 -18.22 -9.39 22.36
C HIS A 1435 -18.96 -8.22 22.97
N MET A 1436 -19.63 -7.44 22.12
CA MET A 1436 -20.42 -6.28 22.53
C MET A 1436 -21.61 -6.15 21.59
N LYS A 1437 -22.37 -5.07 21.76
CA LYS A 1437 -23.57 -4.81 20.94
C LYS A 1437 -23.12 -4.37 19.55
N VAL A 1438 -22.82 -5.36 18.71
CA VAL A 1438 -22.25 -5.13 17.39
C VAL A 1438 -23.19 -5.60 16.28
N CYS A 1439 -23.63 -6.85 16.34
CA CYS A 1439 -24.41 -7.43 15.27
C CYS A 1439 -25.84 -6.90 15.27
N ARG A 1440 -26.53 -7.13 14.16
CA ARG A 1440 -27.90 -6.65 13.95
C ARG A 1440 -28.87 -7.83 13.98
N LEU A 1441 -29.93 -7.70 14.76
CA LEU A 1441 -30.93 -8.75 14.86
C LEU A 1441 -32.26 -8.14 15.29
N ASP A 1442 -33.30 -8.36 14.49
CA ASP A 1442 -34.66 -7.93 14.82
C ASP A 1442 -34.75 -6.43 15.08
N GLY A 1443 -34.09 -5.65 14.22
CA GLY A 1443 -34.13 -4.20 14.36
C GLY A 1443 -33.51 -3.70 15.64
N GLU A 1444 -32.48 -4.37 16.13
CA GLU A 1444 -31.78 -3.94 17.34
C GLU A 1444 -30.33 -4.41 17.25
N TRP A 1445 -29.45 -3.74 17.99
CA TRP A 1445 -28.05 -4.07 18.02
C TRP A 1445 -27.78 -4.98 19.22
N VAL A 1446 -27.28 -6.18 18.95
CA VAL A 1446 -27.01 -7.17 19.98
C VAL A 1446 -25.60 -7.71 19.76
N THR A 1447 -25.22 -8.68 20.60
CA THR A 1447 -23.95 -9.35 20.46
C THR A 1447 -24.03 -10.46 19.41
N PHE A 1448 -22.86 -10.98 19.04
CA PHE A 1448 -22.83 -12.16 18.19
C PHE A 1448 -23.39 -13.38 18.90
N ARG A 1449 -23.34 -13.40 20.23
CA ARG A 1449 -23.92 -14.51 20.99
C ARG A 1449 -25.44 -14.54 20.86
N GLU A 1450 -26.07 -13.37 20.89
CA GLU A 1450 -27.52 -13.31 20.68
C GLU A 1450 -27.88 -13.79 19.28
N VAL A 1451 -27.07 -13.41 18.28
CA VAL A 1451 -27.30 -13.87 16.92
C VAL A 1451 -27.18 -15.39 16.84
N LEU A 1452 -26.16 -15.95 17.50
CA LEU A 1452 -25.99 -17.40 17.51
C LEU A 1452 -27.17 -18.10 18.18
N ALA A 1453 -27.64 -17.56 19.30
CA ALA A 1453 -28.77 -18.15 20.00
C ALA A 1453 -30.03 -18.10 19.15
N ALA A 1454 -30.29 -16.96 18.51
CA ALA A 1454 -31.46 -16.84 17.64
C ALA A 1454 -31.36 -17.80 16.45
N ALA A 1455 -30.17 -17.93 15.87
CA ALA A 1455 -29.98 -18.86 14.76
C ALA A 1455 -30.26 -20.28 15.20
N ASN A 1456 -29.76 -20.67 16.38
CA ASN A 1456 -30.01 -22.01 16.88
C ASN A 1456 -31.49 -22.25 17.12
N SER A 1457 -32.17 -21.29 17.75
CA SER A 1457 -33.59 -21.44 18.04
C SER A 1457 -34.41 -21.54 16.76
N PHE A 1458 -34.08 -20.73 15.75
CA PHE A 1458 -34.83 -20.80 14.50
C PHE A 1458 -34.52 -22.07 13.73
N ALA A 1459 -33.28 -22.56 13.82
CA ALA A 1459 -32.90 -23.75 13.06
C ALA A 1459 -33.52 -25.00 13.65
N GLU A 1460 -33.57 -25.11 14.98
CA GLU A 1460 -34.14 -26.32 15.58
C GLU A 1460 -35.63 -26.44 15.26
N ASN A 1461 -36.37 -25.34 15.33
CA ASN A 1461 -37.79 -25.32 14.97
C ASN A 1461 -37.96 -24.78 13.56
N TYR A 1462 -37.54 -25.60 12.59
CA TYR A 1462 -37.60 -25.25 11.19
C TYR A 1462 -38.19 -26.39 10.38
N SER A 1463 -39.11 -26.06 9.47
CA SER A 1463 -39.77 -27.02 8.61
C SER A 1463 -39.55 -26.64 7.16
N ALA A 1464 -39.22 -27.64 6.34
CA ALA A 1464 -38.92 -27.39 4.94
C ALA A 1464 -40.21 -27.31 4.13
N THR A 1465 -40.47 -26.15 3.54
CA THR A 1465 -41.65 -25.93 2.71
C THR A 1465 -41.29 -26.09 1.24
N SER A 1466 -42.30 -26.00 0.38
CA SER A 1466 -42.07 -26.16 -1.06
C SER A 1466 -41.27 -25.00 -1.62
N GLN A 1467 -41.60 -23.77 -1.21
CA GLN A 1467 -40.88 -22.61 -1.72
C GLN A 1467 -39.41 -22.65 -1.34
N ASP A 1468 -39.12 -22.98 -0.08
CA ASP A 1468 -37.74 -23.09 0.36
C ASP A 1468 -37.03 -24.23 -0.36
N MET A 1469 -37.74 -25.35 -0.57
CA MET A 1469 -37.18 -26.47 -1.32
C MET A 1469 -36.74 -26.02 -2.71
N ASP A 1470 -37.63 -25.33 -3.42
CA ASP A 1470 -37.31 -24.87 -4.78
C ASP A 1470 -36.19 -23.85 -4.77
N LEU A 1471 -36.19 -22.93 -3.80
CA LEU A 1471 -35.15 -21.90 -3.74
C LEU A 1471 -33.78 -22.52 -3.52
N PHE A 1472 -33.69 -23.47 -2.57
CA PHE A 1472 -32.41 -24.13 -2.31
C PHE A 1472 -32.00 -25.00 -3.50
N GLN A 1473 -32.96 -25.65 -4.15
CA GLN A 1473 -32.62 -26.44 -5.33
C GLN A 1473 -32.05 -25.56 -6.44
N THR A 1474 -32.65 -24.39 -6.68
CA THR A 1474 -32.13 -23.48 -7.68
C THR A 1474 -30.75 -22.97 -7.30
N LEU A 1475 -30.54 -22.66 -6.01
CA LEU A 1475 -29.23 -22.20 -5.58
C LEU A 1475 -28.16 -23.26 -5.79
N THR A 1476 -28.49 -24.52 -5.50
CA THR A 1476 -27.51 -25.59 -5.68
C THR A 1476 -27.31 -25.96 -7.15
N SER A 1477 -28.31 -25.74 -7.99
CA SER A 1477 -28.23 -26.12 -9.40
C SER A 1477 -27.86 -24.97 -10.32
N CYS A 1478 -27.63 -23.77 -9.77
CA CYS A 1478 -27.28 -22.62 -10.60
C CYS A 1478 -25.91 -22.04 -10.31
N THR A 1479 -25.48 -21.99 -9.05
CA THR A 1479 -24.15 -21.51 -8.75
C THR A 1479 -23.07 -22.57 -8.94
N PHE A 1480 -23.46 -23.83 -9.04
CA PHE A 1480 -22.53 -24.92 -9.30
C PHE A 1480 -22.42 -25.28 -10.77
N SER A 1481 -23.17 -24.60 -11.64
CA SER A 1481 -23.03 -24.83 -13.08
C SER A 1481 -21.71 -24.30 -13.60
N LYS A 1482 -21.04 -23.42 -12.86
CA LYS A 1482 -19.74 -22.89 -13.23
C LYS A 1482 -18.70 -23.04 -12.13
N GLU A 1483 -19.09 -22.88 -10.87
CA GLU A 1483 -18.13 -22.94 -9.77
C GLU A 1483 -17.76 -24.37 -9.43
N TYR A 1484 -18.72 -25.30 -9.48
CA TYR A 1484 -18.40 -26.70 -9.22
C TYR A 1484 -17.54 -27.28 -10.33
N ALA A 1485 -17.71 -26.79 -11.57
CA ALA A 1485 -16.83 -27.20 -12.65
C ALA A 1485 -15.38 -26.93 -12.31
N TRP A 1486 -15.11 -25.81 -11.64
CA TRP A 1486 -13.76 -25.53 -11.15
C TRP A 1486 -13.36 -26.56 -10.10
N LYS A 1487 -14.24 -26.83 -9.14
CA LYS A 1487 -13.98 -27.87 -8.15
C LYS A 1487 -13.86 -29.24 -8.80
N ASP A 1488 -14.75 -29.52 -9.76
CA ASP A 1488 -14.68 -30.78 -10.48
C ASP A 1488 -13.38 -30.89 -11.28
N PHE A 1489 -12.98 -29.78 -11.92
CA PHE A 1489 -11.73 -29.78 -12.68
C PHE A 1489 -10.54 -30.04 -11.77
N LEU A 1490 -10.52 -29.41 -10.60
CA LEU A 1490 -9.39 -29.58 -9.69
C LEU A 1490 -9.36 -30.98 -9.09
N ASN A 1491 -10.52 -31.53 -8.71
CA ASN A 1491 -10.54 -32.84 -8.07
C ASN A 1491 -10.29 -33.96 -9.06
N GLY A 1492 -10.92 -33.88 -10.24
CA GLY A 1492 -10.80 -34.97 -11.20
C GLY A 1492 -9.40 -35.12 -11.76
N ILE A 1493 -8.70 -34.01 -11.99
CA ILE A 1493 -7.37 -34.07 -12.58
C ILE A 1493 -6.41 -34.78 -11.64
N HIS A 1494 -5.45 -35.49 -12.22
CA HIS A 1494 -4.45 -36.25 -11.49
C HIS A 1494 -3.06 -35.75 -11.87
N CYS A 1495 -2.20 -35.62 -10.86
CA CYS A 1495 -0.84 -35.13 -11.04
C CYS A 1495 0.16 -36.23 -10.70
N ASP A 1496 1.11 -36.47 -11.60
CA ASP A 1496 2.18 -37.42 -11.37
C ASP A 1496 3.52 -36.71 -11.44
N VAL A 1497 4.39 -37.03 -10.49
CA VAL A 1497 5.68 -36.36 -10.34
C VAL A 1497 6.69 -37.04 -11.25
N ILE A 1498 7.09 -36.37 -12.31
CA ILE A 1498 8.15 -36.90 -13.18
C ILE A 1498 9.48 -36.81 -12.45
N PRO A 1499 10.36 -37.81 -12.57
CA PRO A 1499 11.69 -37.70 -11.94
C PRO A 1499 12.53 -36.57 -12.49
N THR A 1500 12.19 -36.03 -13.66
CA THR A 1500 12.97 -34.94 -14.24
C THR A 1500 12.96 -33.72 -13.33
N LYS A 1501 14.14 -33.13 -13.15
CA LYS A 1501 14.27 -31.95 -12.29
C LYS A 1501 13.58 -30.75 -12.92
N GLN A 1502 13.04 -29.88 -12.06
CA GLN A 1502 12.37 -28.68 -12.53
C GLN A 1502 13.37 -27.72 -13.18
N VAL A 1503 12.95 -27.12 -14.30
CA VAL A 1503 13.76 -26.17 -15.03
C VAL A 1503 13.12 -24.79 -14.89
N GLN A 1504 13.93 -23.81 -14.48
CA GLN A 1504 13.43 -22.45 -14.32
C GLN A 1504 13.44 -21.71 -15.66
N ARG A 1505 12.52 -20.76 -15.79
CA ARG A 1505 12.36 -20.02 -17.04
C ARG A 1505 11.90 -18.61 -16.72
N ALA A 1506 12.10 -17.71 -17.69
CA ALA A 1506 11.69 -16.33 -17.53
C ALA A 1506 10.17 -16.23 -17.41
N LYS A 1507 9.71 -15.42 -16.47
CA LYS A 1507 8.30 -15.27 -16.19
C LYS A 1507 7.68 -14.20 -17.10
N VAL A 1508 6.42 -14.41 -17.46
CA VAL A 1508 5.69 -13.53 -18.34
C VAL A 1508 4.30 -13.29 -17.73
N ALA A 1509 3.75 -12.11 -18.00
CA ALA A 1509 2.41 -11.76 -17.52
C ALA A 1509 1.38 -12.12 -18.57
N ARG A 1510 0.39 -12.91 -18.17
CA ARG A 1510 -0.73 -13.30 -19.01
C ARG A 1510 -2.03 -12.77 -18.43
N THR A 1511 -3.08 -12.78 -19.24
CA THR A 1511 -4.39 -12.34 -18.79
C THR A 1511 -5.30 -13.53 -18.54
N PHE A 1512 -6.35 -13.29 -17.77
CA PHE A 1512 -7.29 -14.34 -17.38
C PHE A 1512 -8.37 -14.50 -18.46
N THR A 1513 -7.93 -14.97 -19.62
CA THR A 1513 -8.82 -15.19 -20.75
C THR A 1513 -8.94 -16.67 -21.08
N SER A 1524 -25.83 0.44 -18.47
CA SER A 1524 -25.38 -0.18 -17.22
C SER A 1524 -26.52 -0.97 -16.57
N ILE A 1525 -26.15 -2.04 -15.87
CA ILE A 1525 -27.17 -2.87 -15.21
C ILE A 1525 -27.91 -2.09 -14.13
N PRO A 1526 -27.25 -1.32 -13.25
CA PRO A 1526 -27.99 -0.46 -12.32
C PRO A 1526 -29.09 0.34 -13.01
N ALA A 1527 -28.80 0.86 -14.20
CA ALA A 1527 -29.83 1.57 -14.97
C ALA A 1527 -30.96 0.63 -15.36
N VAL A 1528 -30.65 -0.65 -15.60
CA VAL A 1528 -31.70 -1.60 -15.97
C VAL A 1528 -32.66 -1.81 -14.81
N ILE A 1529 -32.13 -2.08 -13.61
CA ILE A 1529 -33.03 -2.25 -12.47
C ILE A 1529 -33.76 -0.95 -12.16
N GLY A 1530 -33.07 0.20 -12.28
CA GLY A 1530 -33.73 1.47 -12.06
C GLY A 1530 -34.90 1.69 -13.00
N TYR A 1531 -34.70 1.39 -14.28
CA TYR A 1531 -35.78 1.52 -15.25
C TYR A 1531 -36.93 0.57 -14.92
N LYS A 1532 -36.60 -0.65 -14.47
CA LYS A 1532 -37.65 -1.59 -14.09
C LYS A 1532 -38.48 -1.05 -12.92
N PHE A 1533 -37.83 -0.46 -11.92
CA PHE A 1533 -38.51 -0.01 -10.72
C PHE A 1533 -39.03 1.41 -10.81
N ALA A 1534 -38.74 2.14 -11.88
CA ALA A 1534 -39.14 3.53 -11.98
C ALA A 1534 -40.66 3.64 -12.09
N VAL A 1535 -41.25 4.52 -11.28
CA VAL A 1535 -42.69 4.74 -11.28
C VAL A 1535 -42.99 6.22 -11.48
N THR A 1536 -42.39 7.07 -10.66
CA THR A 1536 -42.64 8.49 -10.71
C THR A 1536 -41.93 9.12 -11.91
N VAL A 1537 -42.25 10.38 -12.18
CA VAL A 1537 -41.64 11.07 -13.32
C VAL A 1537 -40.17 11.37 -13.05
N GLU A 1538 -39.84 11.74 -11.81
CA GLU A 1538 -38.44 12.06 -11.50
C GLU A 1538 -37.56 10.82 -11.55
N GLU A 1539 -38.08 9.69 -11.09
CA GLU A 1539 -37.30 8.45 -11.14
C GLU A 1539 -37.04 8.02 -12.58
N MET A 1540 -38.05 8.12 -13.45
CA MET A 1540 -37.87 7.80 -14.85
C MET A 1540 -36.88 8.76 -15.52
N SER A 1541 -36.98 10.05 -15.19
CA SER A 1541 -36.03 11.01 -15.76
C SER A 1541 -34.60 10.71 -15.31
N ASP A 1542 -34.42 10.37 -14.03
CA ASP A 1542 -33.09 10.07 -13.52
C ASP A 1542 -32.52 8.81 -14.15
N VAL A 1543 -33.34 7.77 -14.32
CA VAL A 1543 -32.81 6.56 -14.94
C VAL A 1543 -32.56 6.78 -16.43
N LEU A 1544 -33.33 7.63 -17.09
CA LEU A 1544 -33.04 7.98 -18.47
C LEU A 1544 -31.72 8.73 -18.58
N ASP A 1545 -31.47 9.65 -17.65
CA ASP A 1545 -30.20 10.36 -17.63
C ASP A 1545 -29.03 9.42 -17.36
N THR A 1546 -29.19 8.49 -16.42
CA THR A 1546 -28.11 7.56 -16.10
C THR A 1546 -27.83 6.62 -17.26
N ALA A 1547 -28.88 6.15 -17.93
CA ALA A 1547 -28.71 5.17 -19.00
C ALA A 1547 -28.04 5.80 -20.21
N LYS A 1548 -27.04 5.12 -20.76
CA LYS A 1548 -26.38 5.61 -21.95
C LYS A 1548 -27.28 5.52 -23.19
N PHE A 1549 -28.16 4.52 -23.24
CA PHE A 1549 -29.06 4.32 -24.37
C PHE A 1549 -30.48 4.22 -23.84
N PRO A 1550 -31.15 5.36 -23.63
CA PRO A 1550 -32.51 5.33 -23.08
C PRO A 1550 -33.51 4.61 -23.96
N ASP A 1551 -33.35 4.65 -25.29
CA ASP A 1551 -34.33 4.04 -26.17
C ASP A 1551 -34.33 2.53 -26.07
N SER A 1552 -33.16 1.92 -25.95
CA SER A 1552 -33.04 0.46 -25.93
C SER A 1552 -33.28 -0.14 -24.55
N LEU A 1553 -33.48 0.68 -23.52
CA LEU A 1553 -33.54 0.19 -22.15
C LEU A 1553 -34.54 -0.94 -22.00
N SER A 1554 -35.76 -0.75 -22.53
CA SER A 1554 -36.78 -1.78 -22.44
C SER A 1554 -36.26 -3.11 -22.98
N VAL A 1555 -35.68 -3.08 -24.18
CA VAL A 1555 -35.13 -4.30 -24.76
C VAL A 1555 -34.07 -4.89 -23.83
N ASP A 1556 -33.22 -4.03 -23.27
CA ASP A 1556 -32.22 -4.51 -22.32
C ASP A 1556 -32.89 -5.19 -21.13
N LEU A 1557 -33.97 -4.62 -20.62
CA LEU A 1557 -34.71 -5.27 -19.55
C LEU A 1557 -35.21 -6.63 -20.00
N LYS A 1558 -35.73 -6.71 -21.24
CA LYS A 1558 -36.16 -8.00 -21.76
C LYS A 1558 -34.99 -8.97 -21.87
N THR A 1559 -33.78 -8.47 -22.11
CA THR A 1559 -32.62 -9.34 -22.10
C THR A 1559 -32.18 -9.69 -20.69
N MET A 1560 -32.48 -8.83 -19.71
CA MET A 1560 -32.04 -9.09 -18.35
C MET A 1560 -32.89 -10.19 -17.71
N LYS A 1561 -34.20 -10.19 -17.97
CA LYS A 1561 -35.05 -11.22 -17.41
C LYS A 1561 -34.71 -12.59 -17.96
N ASP A 1562 -34.46 -12.68 -19.27
CA ASP A 1562 -34.17 -13.98 -19.87
C ASP A 1562 -32.79 -14.50 -19.50
N GLY A 1563 -31.79 -13.60 -19.48
CA GLY A 1563 -30.44 -14.03 -19.17
C GLY A 1563 -30.30 -14.58 -17.76
N VAL A 1564 -30.92 -13.91 -16.79
CA VAL A 1564 -30.89 -14.39 -15.41
C VAL A 1564 -31.70 -15.66 -15.28
N TYR A 1565 -32.82 -15.75 -16.00
CA TYR A 1565 -33.66 -16.95 -15.95
C TYR A 1565 -32.93 -18.18 -16.48
N ARG A 1566 -31.90 -18.00 -17.30
CA ARG A 1566 -31.14 -19.12 -17.85
C ARG A 1566 -29.86 -19.38 -17.05
N GLU A 1567 -29.00 -18.36 -16.91
CA GLU A 1567 -27.74 -18.55 -16.20
C GLU A 1567 -27.97 -18.74 -14.71
N LEU A 1568 -28.78 -17.88 -14.09
CA LEU A 1568 -29.05 -17.96 -12.67
C LEU A 1568 -30.33 -18.71 -12.33
N GLY A 1569 -31.11 -19.12 -13.33
CA GLY A 1569 -32.29 -19.91 -13.09
C GLY A 1569 -33.36 -19.23 -12.25
N LEU A 1570 -33.36 -17.91 -12.21
CA LEU A 1570 -34.32 -17.16 -11.40
C LEU A 1570 -34.93 -16.04 -12.23
N ASP A 1571 -36.19 -15.74 -11.94
CA ASP A 1571 -36.93 -14.71 -12.67
C ASP A 1571 -36.83 -13.39 -11.93
N ILE A 1572 -36.34 -12.35 -12.64
CA ILE A 1572 -36.19 -11.03 -12.02
C ILE A 1572 -37.52 -10.28 -11.92
N SER A 1573 -38.59 -10.82 -12.50
CA SER A 1573 -39.90 -10.18 -12.36
C SER A 1573 -40.34 -10.15 -10.90
N LEU A 1574 -40.07 -11.22 -10.16
CA LEU A 1574 -40.36 -11.24 -8.74
C LEU A 1574 -39.49 -10.21 -8.02
N PRO A 1575 -40.07 -9.44 -7.09
CA PRO A 1575 -39.30 -8.36 -6.45
C PRO A 1575 -38.15 -8.86 -5.57
N ASP A 1576 -38.45 -9.79 -4.65
CA ASP A 1576 -37.44 -10.23 -3.69
C ASP A 1576 -36.28 -10.95 -4.39
N VAL A 1577 -36.60 -11.78 -5.38
CA VAL A 1577 -35.56 -12.55 -6.06
C VAL A 1577 -34.56 -11.61 -6.74
N MET A 1578 -35.08 -10.64 -7.49
CA MET A 1578 -34.17 -9.72 -8.19
C MET A 1578 -33.49 -8.76 -7.22
N LYS A 1579 -34.14 -8.44 -6.10
CA LYS A 1579 -33.48 -7.63 -5.08
C LYS A 1579 -32.26 -8.35 -4.52
N ARG A 1580 -32.39 -9.65 -4.27
CA ARG A 1580 -31.23 -10.44 -3.86
C ARG A 1580 -30.20 -10.53 -4.97
N ILE A 1581 -30.65 -10.71 -6.22
CA ILE A 1581 -29.73 -10.97 -7.33
C ILE A 1581 -28.92 -9.73 -7.68
N ALA A 1582 -29.53 -8.55 -7.62
CA ALA A 1582 -28.94 -7.34 -8.17
C ALA A 1582 -27.52 -7.05 -7.72
N PRO A 1583 -27.14 -7.20 -6.45
CA PRO A 1583 -25.74 -6.92 -6.08
C PRO A 1583 -24.72 -7.75 -6.84
N MET A 1584 -25.05 -9.00 -7.20
CA MET A 1584 -24.11 -9.82 -7.96
C MET A 1584 -24.12 -9.50 -9.45
N LEU A 1585 -25.16 -8.83 -9.95
CA LEU A 1585 -25.26 -8.55 -11.38
C LEU A 1585 -24.28 -7.47 -11.83
N TYR A 1586 -23.70 -6.72 -10.89
CA TYR A 1586 -22.75 -5.68 -11.25
C TYR A 1586 -21.43 -6.24 -11.75
N LYS A 1587 -21.15 -7.51 -11.49
CA LYS A 1587 -19.90 -8.14 -11.92
C LYS A 1587 -19.87 -8.29 -13.45
N ARG A 1592 -8.11 -9.89 -14.57
CA ARG A 1592 -7.06 -10.51 -13.77
C ARG A 1592 -5.81 -10.79 -14.61
N VAL A 1593 -4.66 -10.41 -14.08
CA VAL A 1593 -3.37 -10.61 -14.71
C VAL A 1593 -2.53 -11.50 -13.81
N VAL A 1594 -1.94 -12.54 -14.38
CA VAL A 1594 -1.19 -13.54 -13.62
C VAL A 1594 0.23 -13.60 -14.14
N ILE A 1595 1.19 -13.68 -13.21
CA ILE A 1595 2.60 -13.84 -13.55
C ILE A 1595 2.88 -15.33 -13.61
N VAL A 1596 3.01 -15.87 -14.81
CA VAL A 1596 3.19 -17.30 -15.02
C VAL A 1596 4.49 -17.52 -15.76
N GLN A 1597 4.79 -18.77 -16.13
CA GLN A 1597 5.96 -19.04 -16.94
C GLN A 1597 5.65 -18.78 -18.41
N GLY A 1598 6.67 -18.90 -19.25
CA GLY A 1598 6.52 -18.51 -20.65
C GLY A 1598 5.56 -19.39 -21.42
N ASN A 1599 5.64 -20.71 -21.23
CA ASN A 1599 4.86 -21.62 -22.04
C ASN A 1599 3.35 -21.52 -21.77
N VAL A 1600 2.96 -20.94 -20.64
CA VAL A 1600 1.55 -20.88 -20.28
C VAL A 1600 0.83 -19.91 -21.21
N GLU A 1601 -0.26 -20.38 -21.81
CA GLU A 1601 -1.06 -19.55 -22.69
C GLU A 1601 -2.07 -18.74 -21.88
N GLY A 1602 -2.79 -17.85 -22.55
CA GLY A 1602 -3.71 -16.94 -21.89
C GLY A 1602 -5.07 -17.51 -21.54
N THR A 1603 -5.35 -18.76 -21.90
CA THR A 1603 -6.65 -19.34 -21.57
C THR A 1603 -6.77 -19.58 -20.07
N ALA A 1604 -7.95 -19.27 -19.52
CA ALA A 1604 -8.18 -19.44 -18.10
C ALA A 1604 -8.08 -20.90 -17.66
N GLU A 1605 -8.22 -21.84 -18.59
CA GLU A 1605 -8.03 -23.25 -18.28
C GLU A 1605 -6.57 -23.66 -18.26
N ALA A 1606 -5.66 -22.78 -18.68
CA ALA A 1606 -4.24 -23.06 -18.67
C ALA A 1606 -3.51 -22.48 -17.47
N ILE A 1607 -4.02 -21.39 -16.89
CA ILE A 1607 -3.38 -20.81 -15.71
C ILE A 1607 -3.58 -21.71 -14.49
N CYS A 1608 -4.77 -22.31 -14.36
CA CYS A 1608 -4.98 -23.30 -13.30
C CYS A 1608 -4.08 -24.51 -13.50
N ARG A 1609 -3.90 -24.93 -14.76
CA ARG A 1609 -2.94 -26.00 -15.05
C ARG A 1609 -1.55 -25.60 -14.61
N TYR A 1610 -1.16 -24.35 -14.86
CA TYR A 1610 0.16 -23.86 -14.46
C TYR A 1610 0.31 -23.89 -12.94
N TRP A 1611 -0.74 -23.48 -12.21
CA TRP A 1611 -0.70 -23.54 -10.76
C TRP A 1611 -0.53 -24.98 -10.28
N LEU A 1612 -1.23 -25.92 -10.93
CA LEU A 1612 -1.06 -27.33 -10.58
C LEU A 1612 0.36 -27.81 -10.86
N LYS A 1613 0.94 -27.36 -11.97
CA LYS A 1613 2.34 -27.70 -12.25
C LYS A 1613 3.27 -27.14 -11.19
N SER A 1614 3.00 -25.92 -10.73
CA SER A 1614 3.82 -25.26 -9.72
C SER A 1614 3.42 -25.65 -8.30
N MET A 1615 2.52 -26.62 -8.15
CA MET A 1615 2.22 -27.14 -6.81
C MET A 1615 3.47 -27.66 -6.12
N SER A 1616 4.45 -28.14 -6.88
CA SER A 1616 5.74 -28.56 -6.34
C SER A 1616 6.80 -27.54 -6.74
N LEU A 1617 7.60 -27.12 -5.76
CA LEU A 1617 8.58 -26.07 -6.00
C LEU A 1617 9.81 -26.55 -6.76
N VAL A 1618 10.20 -27.81 -6.60
CA VAL A 1618 11.42 -28.33 -7.21
C VAL A 1618 11.17 -29.50 -8.15
N LYS A 1619 9.95 -30.05 -8.21
CA LYS A 1619 9.68 -31.24 -9.00
C LYS A 1619 8.72 -30.92 -10.13
N THR A 1620 8.85 -31.68 -11.22
CA THR A 1620 8.00 -31.50 -12.39
C THR A 1620 6.74 -32.35 -12.25
N ILE A 1621 5.59 -31.74 -12.57
CA ILE A 1621 4.30 -32.39 -12.47
C ILE A 1621 3.70 -32.53 -13.86
N ARG A 1622 3.17 -33.71 -14.16
CA ARG A 1622 2.45 -33.96 -15.41
C ARG A 1622 1.01 -34.35 -15.08
N VAL A 1623 0.07 -33.76 -15.81
CA VAL A 1623 -1.34 -34.02 -15.59
C VAL A 1623 -1.90 -34.90 -16.71
MG MG C . 12.03 4.74 -11.55
#